data_4O92
# 
_entry.id   4O92 
# 
_audit_conform.dict_name       mmcif_pdbx.dic 
_audit_conform.dict_version    5.397 
_audit_conform.dict_location   http://mmcif.pdb.org/dictionaries/ascii/mmcif_pdbx.dic 
# 
loop_
_database_2.database_id 
_database_2.database_code 
_database_2.pdbx_database_accession 
_database_2.pdbx_DOI 
PDB   4O92         pdb_00004o92 10.2210/pdb4o92/pdb 
RCSB  RCSB084195   ?            ?                   
WWPDB D_1000084195 ?            ?                   
# 
loop_
_pdbx_audit_revision_history.ordinal 
_pdbx_audit_revision_history.data_content_type 
_pdbx_audit_revision_history.major_revision 
_pdbx_audit_revision_history.minor_revision 
_pdbx_audit_revision_history.revision_date 
1 'Structure model' 1 0 2014-01-15 
2 'Structure model' 1 1 2024-10-16 
# 
_pdbx_audit_revision_details.ordinal             1 
_pdbx_audit_revision_details.revision_ordinal    1 
_pdbx_audit_revision_details.data_content_type   'Structure model' 
_pdbx_audit_revision_details.provider            repository 
_pdbx_audit_revision_details.type                'Initial release' 
_pdbx_audit_revision_details.description         ? 
_pdbx_audit_revision_details.details             ? 
# 
loop_
_pdbx_audit_revision_group.ordinal 
_pdbx_audit_revision_group.revision_ordinal 
_pdbx_audit_revision_group.data_content_type 
_pdbx_audit_revision_group.group 
1 2 'Structure model' 'Data collection'      
2 2 'Structure model' 'Database references'  
3 2 'Structure model' 'Derived calculations' 
4 2 'Structure model' 'Structure summary'    
# 
loop_
_pdbx_audit_revision_category.ordinal 
_pdbx_audit_revision_category.revision_ordinal 
_pdbx_audit_revision_category.data_content_type 
_pdbx_audit_revision_category.category 
1 2 'Structure model' chem_comp_atom            
2 2 'Structure model' chem_comp_bond            
3 2 'Structure model' database_2                
4 2 'Structure model' pdbx_entry_details        
5 2 'Structure model' pdbx_modification_feature 
6 2 'Structure model' struct_conn               
7 2 'Structure model' struct_ref_seq_dif        
8 2 'Structure model' struct_site               
# 
loop_
_pdbx_audit_revision_item.ordinal 
_pdbx_audit_revision_item.revision_ordinal 
_pdbx_audit_revision_item.data_content_type 
_pdbx_audit_revision_item.item 
1 2 'Structure model' '_database_2.pdbx_DOI'                
2 2 'Structure model' '_database_2.pdbx_database_accession' 
3 2 'Structure model' '_struct_conn.pdbx_leaving_atom_flag' 
4 2 'Structure model' '_struct_ref_seq_dif.details'         
5 2 'Structure model' '_struct_site.pdbx_auth_asym_id'      
6 2 'Structure model' '_struct_site.pdbx_auth_comp_id'      
7 2 'Structure model' '_struct_site.pdbx_auth_seq_id'       
# 
_pdbx_database_status.status_code                     REL 
_pdbx_database_status.entry_id                        4O92 
_pdbx_database_status.recvd_initial_deposition_date   2013-12-31 
_pdbx_database_status.deposit_site                    RCSB 
_pdbx_database_status.process_site                    RCSB 
_pdbx_database_status.status_code_sf                  REL 
_pdbx_database_status.status_code_mr                  ? 
_pdbx_database_status.SG_entry                        Y 
_pdbx_database_status.status_code_cs                  ? 
_pdbx_database_status.methods_development_category    ? 
_pdbx_database_status.pdb_format_compatible           Y 
_pdbx_database_status.status_code_nmr_data            ? 
# 
_pdbx_database_related.db_name        TargetTrack 
_pdbx_database_related.db_id          EFI-501747 
_pdbx_database_related.details        . 
_pdbx_database_related.content_type   unspecified 
# 
loop_
_audit_author.name 
_audit_author.pdbx_ordinal 
'Kim, J.'                          1  
'Toro, R.'                         2  
'Bhosle, R.'                       3  
'Al Obaidi, N.F.'                  4  
'Morisco, L.L.'                    5  
'Wasserman, S.R.'                  6  
'Sojitra, S.'                      7  
'Washington, E.'                   8  
'Glenn, A.S.'                      9  
'Chowdhury, S.'                    10 
'Evans, B.'                        11 
'Stead, M.'                        12 
'Hillerich, B.'                    13 
'Love, J.'                         14 
'Seidel, R.D.'                     15 
'Imker, H.J.'                      16 
'Attonito, J.D.'                   17 
'Gerlt, J.A.'                      18 
'Almo, S.C.'                       19 
'Enzyme Function Initiative (EFI)' 20 
# 
_citation.id                        primary 
_citation.title                     
'Crystal structure of a Glutathione S-transferase from Pichia kudriavzevii (Issatchenkia orientalis), target EFI-501747' 
_citation.journal_abbrev            'TO BE PUBLISHED' 
_citation.journal_volume            ? 
_citation.page_first                ? 
_citation.page_last                 ? 
_citation.year                      ? 
_citation.journal_id_ASTM           ? 
_citation.country                   ? 
_citation.journal_id_ISSN           ? 
_citation.journal_id_CSD            0353 
_citation.book_publisher            ? 
_citation.pdbx_database_id_PubMed   ? 
_citation.pdbx_database_id_DOI      ? 
# 
loop_
_citation_author.citation_id 
_citation_author.name 
_citation_author.ordinal 
_citation_author.identifier_ORCID 
primary 'Kim, J.'                          1  ? 
primary 'Toro, R.'                         2  ? 
primary 'Bhosle, R.'                       3  ? 
primary 'Al Obaidi, N.F.'                  4  ? 
primary 'Morisco, L.L.'                    5  ? 
primary 'Wasserman, S.R.'                  6  ? 
primary 'Sojitra, S.'                      7  ? 
primary 'Washington, E.'                   8  ? 
primary 'Glenn, A.S.'                      9  ? 
primary 'Chowdhury, S.'                    10 ? 
primary 'Evans, B.'                        11 ? 
primary 'Stead, M.'                        12 ? 
primary 'Hillerich, B.'                    13 ? 
primary 'Love, J.'                         14 ? 
primary 'Seidel, R.D.'                     15 ? 
primary 'Imker, H.J.'                      16 ? 
primary 'Attonito, J.D.'                   17 ? 
primary 'Gerlt, J.A.'                      18 ? 
primary 'Almo, S.C.'                       19 ? 
primary 'Enzyme Function Initiative (EFI)' 20 ? 
# 
loop_
_entity.id 
_entity.type 
_entity.src_method 
_entity.pdbx_description 
_entity.formula_weight 
_entity.pdbx_number_of_molecules 
_entity.pdbx_ec 
_entity.pdbx_mutation 
_entity.pdbx_fragment 
_entity.details 
1 polymer     man 'Glutathione S-transferase' 23470.398 1  ? ? ? ? 
2 non-polymer syn 'SULFATE ION'               96.063    1  ? ? ? ? 
3 water       nat water                       18.015    20 ? ? ? ? 
# 
_entity_poly.entity_id                      1 
_entity_poly.type                           'polypeptide(L)' 
_entity_poly.nstd_linkage                   no 
_entity_poly.nstd_monomer                   yes 
_entity_poly.pdbx_seq_one_letter_code       
;(MSE)TFGTLYILPPSPRSAWLPKLAKYLGLEINVKS(MSE)LEVEDFKSKFPLGKAPAFEGSDGFRLTETLAIIKYFID
SSSKPEFAGSSLKEKALNEKWLSFANSDLCGA(MSE)VGVWFCKDESKKPELVSKLNSLLQYIDNELNNSKFLVGDSVLV
ADILLYVTLQHIVEIGVDISSFSHLKKYSEEVAKHELLAEAENLYFQGHHHHHHHHHH
;
_entity_poly.pdbx_seq_one_letter_code_can   
;MTFGTLYILPPSPRSAWLPKLAKYLGLEINVKSMLEVEDFKSKFPLGKAPAFEGSDGFRLTETLAIIKYFIDSSSKPEFA
GSSLKEKALNEKWLSFANSDLCGAMVGVWFCKDESKKPELVSKLNSLLQYIDNELNNSKFLVGDSVLVADILLYVTLQHI
VEIGVDISSFSHLKKYSEEVAKHELLAEAENLYFQGHHHHHHHHHH
;
_entity_poly.pdbx_strand_id                 A 
_entity_poly.pdbx_target_identifier         EFI-501747 
# 
loop_
_pdbx_entity_nonpoly.entity_id 
_pdbx_entity_nonpoly.name 
_pdbx_entity_nonpoly.comp_id 
2 'SULFATE ION' SO4 
3 water         HOH 
# 
loop_
_entity_poly_seq.entity_id 
_entity_poly_seq.num 
_entity_poly_seq.mon_id 
_entity_poly_seq.hetero 
1 1   MSE n 
1 2   THR n 
1 3   PHE n 
1 4   GLY n 
1 5   THR n 
1 6   LEU n 
1 7   TYR n 
1 8   ILE n 
1 9   LEU n 
1 10  PRO n 
1 11  PRO n 
1 12  SER n 
1 13  PRO n 
1 14  ARG n 
1 15  SER n 
1 16  ALA n 
1 17  TRP n 
1 18  LEU n 
1 19  PRO n 
1 20  LYS n 
1 21  LEU n 
1 22  ALA n 
1 23  LYS n 
1 24  TYR n 
1 25  LEU n 
1 26  GLY n 
1 27  LEU n 
1 28  GLU n 
1 29  ILE n 
1 30  ASN n 
1 31  VAL n 
1 32  LYS n 
1 33  SER n 
1 34  MSE n 
1 35  LEU n 
1 36  GLU n 
1 37  VAL n 
1 38  GLU n 
1 39  ASP n 
1 40  PHE n 
1 41  LYS n 
1 42  SER n 
1 43  LYS n 
1 44  PHE n 
1 45  PRO n 
1 46  LEU n 
1 47  GLY n 
1 48  LYS n 
1 49  ALA n 
1 50  PRO n 
1 51  ALA n 
1 52  PHE n 
1 53  GLU n 
1 54  GLY n 
1 55  SER n 
1 56  ASP n 
1 57  GLY n 
1 58  PHE n 
1 59  ARG n 
1 60  LEU n 
1 61  THR n 
1 62  GLU n 
1 63  THR n 
1 64  LEU n 
1 65  ALA n 
1 66  ILE n 
1 67  ILE n 
1 68  LYS n 
1 69  TYR n 
1 70  PHE n 
1 71  ILE n 
1 72  ASP n 
1 73  SER n 
1 74  SER n 
1 75  SER n 
1 76  LYS n 
1 77  PRO n 
1 78  GLU n 
1 79  PHE n 
1 80  ALA n 
1 81  GLY n 
1 82  SER n 
1 83  SER n 
1 84  LEU n 
1 85  LYS n 
1 86  GLU n 
1 87  LYS n 
1 88  ALA n 
1 89  LEU n 
1 90  ASN n 
1 91  GLU n 
1 92  LYS n 
1 93  TRP n 
1 94  LEU n 
1 95  SER n 
1 96  PHE n 
1 97  ALA n 
1 98  ASN n 
1 99  SER n 
1 100 ASP n 
1 101 LEU n 
1 102 CYS n 
1 103 GLY n 
1 104 ALA n 
1 105 MSE n 
1 106 VAL n 
1 107 GLY n 
1 108 VAL n 
1 109 TRP n 
1 110 PHE n 
1 111 CYS n 
1 112 LYS n 
1 113 ASP n 
1 114 GLU n 
1 115 SER n 
1 116 LYS n 
1 117 LYS n 
1 118 PRO n 
1 119 GLU n 
1 120 LEU n 
1 121 VAL n 
1 122 SER n 
1 123 LYS n 
1 124 LEU n 
1 125 ASN n 
1 126 SER n 
1 127 LEU n 
1 128 LEU n 
1 129 GLN n 
1 130 TYR n 
1 131 ILE n 
1 132 ASP n 
1 133 ASN n 
1 134 GLU n 
1 135 LEU n 
1 136 ASN n 
1 137 ASN n 
1 138 SER n 
1 139 LYS n 
1 140 PHE n 
1 141 LEU n 
1 142 VAL n 
1 143 GLY n 
1 144 ASP n 
1 145 SER n 
1 146 VAL n 
1 147 LEU n 
1 148 VAL n 
1 149 ALA n 
1 150 ASP n 
1 151 ILE n 
1 152 LEU n 
1 153 LEU n 
1 154 TYR n 
1 155 VAL n 
1 156 THR n 
1 157 LEU n 
1 158 GLN n 
1 159 HIS n 
1 160 ILE n 
1 161 VAL n 
1 162 GLU n 
1 163 ILE n 
1 164 GLY n 
1 165 VAL n 
1 166 ASP n 
1 167 ILE n 
1 168 SER n 
1 169 SER n 
1 170 PHE n 
1 171 SER n 
1 172 HIS n 
1 173 LEU n 
1 174 LYS n 
1 175 LYS n 
1 176 TYR n 
1 177 SER n 
1 178 GLU n 
1 179 GLU n 
1 180 VAL n 
1 181 ALA n 
1 182 LYS n 
1 183 HIS n 
1 184 GLU n 
1 185 LEU n 
1 186 LEU n 
1 187 ALA n 
1 188 GLU n 
1 189 ALA n 
1 190 GLU n 
1 191 ASN n 
1 192 LEU n 
1 193 TYR n 
1 194 PHE n 
1 195 GLN n 
1 196 GLY n 
1 197 HIS n 
1 198 HIS n 
1 199 HIS n 
1 200 HIS n 
1 201 HIS n 
1 202 HIS n 
1 203 HIS n 
1 204 HIS n 
1 205 HIS n 
1 206 HIS n 
# 
_entity_src_gen.entity_id                          1 
_entity_src_gen.pdbx_src_id                        1 
_entity_src_gen.pdbx_alt_source_flag               sample 
_entity_src_gen.pdbx_seq_type                      ? 
_entity_src_gen.pdbx_beg_seq_num                   ? 
_entity_src_gen.pdbx_end_seq_num                   ? 
_entity_src_gen.gene_src_common_name               Yeast 
_entity_src_gen.gene_src_genus                     ? 
_entity_src_gen.pdbx_gene_src_gene                 'GSTY-1, Q9Y727' 
_entity_src_gen.gene_src_species                   ? 
_entity_src_gen.gene_src_strain                    'Issatchenkia orientalis' 
_entity_src_gen.gene_src_tissue                    ? 
_entity_src_gen.gene_src_tissue_fraction           ? 
_entity_src_gen.gene_src_details                   ? 
_entity_src_gen.pdbx_gene_src_fragment             ? 
_entity_src_gen.pdbx_gene_src_scientific_name      'Pichia kudriavzevii' 
_entity_src_gen.pdbx_gene_src_ncbi_taxonomy_id     4909 
_entity_src_gen.pdbx_gene_src_variant              ? 
_entity_src_gen.pdbx_gene_src_cell_line            ? 
_entity_src_gen.pdbx_gene_src_atcc                 ? 
_entity_src_gen.pdbx_gene_src_organ                ? 
_entity_src_gen.pdbx_gene_src_organelle            ? 
_entity_src_gen.pdbx_gene_src_cell                 ? 
_entity_src_gen.pdbx_gene_src_cellular_location    ? 
_entity_src_gen.host_org_common_name               ? 
_entity_src_gen.pdbx_host_org_scientific_name      'Escherichia coli' 
_entity_src_gen.pdbx_host_org_ncbi_taxonomy_id     562 
_entity_src_gen.host_org_genus                     ? 
_entity_src_gen.pdbx_host_org_gene                 ? 
_entity_src_gen.pdbx_host_org_organ                ? 
_entity_src_gen.host_org_species                   ? 
_entity_src_gen.pdbx_host_org_tissue               ? 
_entity_src_gen.pdbx_host_org_tissue_fraction      ? 
_entity_src_gen.pdbx_host_org_strain               B834 
_entity_src_gen.pdbx_host_org_variant              ? 
_entity_src_gen.pdbx_host_org_cell_line            ? 
_entity_src_gen.pdbx_host_org_atcc                 ? 
_entity_src_gen.pdbx_host_org_culture_collection   ? 
_entity_src_gen.pdbx_host_org_cell                 ? 
_entity_src_gen.pdbx_host_org_organelle            ? 
_entity_src_gen.pdbx_host_org_cellular_location    ? 
_entity_src_gen.pdbx_host_org_vector_type          ? 
_entity_src_gen.pdbx_host_org_vector               ? 
_entity_src_gen.host_org_details                   ? 
_entity_src_gen.expression_system_id               ? 
_entity_src_gen.plasmid_name                       ? 
_entity_src_gen.plasmid_details                    ? 
_entity_src_gen.pdbx_description                   ? 
# 
loop_
_chem_comp.id 
_chem_comp.type 
_chem_comp.mon_nstd_flag 
_chem_comp.name 
_chem_comp.pdbx_synonyms 
_chem_comp.formula 
_chem_comp.formula_weight 
ALA 'L-peptide linking' y ALANINE          ? 'C3 H7 N O2'     89.093  
ARG 'L-peptide linking' y ARGININE         ? 'C6 H15 N4 O2 1' 175.209 
ASN 'L-peptide linking' y ASPARAGINE       ? 'C4 H8 N2 O3'    132.118 
ASP 'L-peptide linking' y 'ASPARTIC ACID'  ? 'C4 H7 N O4'     133.103 
CYS 'L-peptide linking' y CYSTEINE         ? 'C3 H7 N O2 S'   121.158 
GLN 'L-peptide linking' y GLUTAMINE        ? 'C5 H10 N2 O3'   146.144 
GLU 'L-peptide linking' y 'GLUTAMIC ACID'  ? 'C5 H9 N O4'     147.129 
GLY 'peptide linking'   y GLYCINE          ? 'C2 H5 N O2'     75.067  
HIS 'L-peptide linking' y HISTIDINE        ? 'C6 H10 N3 O2 1' 156.162 
HOH non-polymer         . WATER            ? 'H2 O'           18.015  
ILE 'L-peptide linking' y ISOLEUCINE       ? 'C6 H13 N O2'    131.173 
LEU 'L-peptide linking' y LEUCINE          ? 'C6 H13 N O2'    131.173 
LYS 'L-peptide linking' y LYSINE           ? 'C6 H15 N2 O2 1' 147.195 
MSE 'L-peptide linking' n SELENOMETHIONINE ? 'C5 H11 N O2 Se' 196.106 
PHE 'L-peptide linking' y PHENYLALANINE    ? 'C9 H11 N O2'    165.189 
PRO 'L-peptide linking' y PROLINE          ? 'C5 H9 N O2'     115.130 
SER 'L-peptide linking' y SERINE           ? 'C3 H7 N O3'     105.093 
SO4 non-polymer         . 'SULFATE ION'    ? 'O4 S -2'        96.063  
THR 'L-peptide linking' y THREONINE        ? 'C4 H9 N O3'     119.119 
TRP 'L-peptide linking' y TRYPTOPHAN       ? 'C11 H12 N2 O2'  204.225 
TYR 'L-peptide linking' y TYROSINE         ? 'C9 H11 N O3'    181.189 
VAL 'L-peptide linking' y VALINE           ? 'C5 H11 N O2'    117.146 
# 
loop_
_pdbx_poly_seq_scheme.asym_id 
_pdbx_poly_seq_scheme.entity_id 
_pdbx_poly_seq_scheme.seq_id 
_pdbx_poly_seq_scheme.mon_id 
_pdbx_poly_seq_scheme.ndb_seq_num 
_pdbx_poly_seq_scheme.pdb_seq_num 
_pdbx_poly_seq_scheme.auth_seq_num 
_pdbx_poly_seq_scheme.pdb_mon_id 
_pdbx_poly_seq_scheme.auth_mon_id 
_pdbx_poly_seq_scheme.pdb_strand_id 
_pdbx_poly_seq_scheme.pdb_ins_code 
_pdbx_poly_seq_scheme.hetero 
A 1 1   MSE 1   1   1   MSE MSE A . n 
A 1 2   THR 2   2   2   THR THR A . n 
A 1 3   PHE 3   3   3   PHE PHE A . n 
A 1 4   GLY 4   4   4   GLY GLY A . n 
A 1 5   THR 5   5   5   THR THR A . n 
A 1 6   LEU 6   6   6   LEU LEU A . n 
A 1 7   TYR 7   7   7   TYR TYR A . n 
A 1 8   ILE 8   8   8   ILE ILE A . n 
A 1 9   LEU 9   9   9   LEU LEU A . n 
A 1 10  PRO 10  10  10  PRO PRO A . n 
A 1 11  PRO 11  11  11  PRO PRO A . n 
A 1 12  SER 12  12  12  SER SER A . n 
A 1 13  PRO 13  13  13  PRO PRO A . n 
A 1 14  ARG 14  14  14  ARG ARG A . n 
A 1 15  SER 15  15  15  SER SER A . n 
A 1 16  ALA 16  16  16  ALA ALA A . n 
A 1 17  TRP 17  17  17  TRP TRP A . n 
A 1 18  LEU 18  18  18  LEU LEU A . n 
A 1 19  PRO 19  19  19  PRO PRO A . n 
A 1 20  LYS 20  20  20  LYS LYS A . n 
A 1 21  LEU 21  21  21  LEU LEU A . n 
A 1 22  ALA 22  22  22  ALA ALA A . n 
A 1 23  LYS 23  23  23  LYS LYS A . n 
A 1 24  TYR 24  24  24  TYR TYR A . n 
A 1 25  LEU 25  25  25  LEU LEU A . n 
A 1 26  GLY 26  26  26  GLY GLY A . n 
A 1 27  LEU 27  27  27  LEU LEU A . n 
A 1 28  GLU 28  28  28  GLU GLU A . n 
A 1 29  ILE 29  29  29  ILE ILE A . n 
A 1 30  ASN 30  30  30  ASN ASN A . n 
A 1 31  VAL 31  31  31  VAL VAL A . n 
A 1 32  LYS 32  32  32  LYS LYS A . n 
A 1 33  SER 33  33  33  SER SER A . n 
A 1 34  MSE 34  34  34  MSE MSE A . n 
A 1 35  LEU 35  35  35  LEU LEU A . n 
A 1 36  GLU 36  36  36  GLU GLU A . n 
A 1 37  VAL 37  37  37  VAL VAL A . n 
A 1 38  GLU 38  38  38  GLU GLU A . n 
A 1 39  ASP 39  39  39  ASP ASP A . n 
A 1 40  PHE 40  40  40  PHE PHE A . n 
A 1 41  LYS 41  41  41  LYS LYS A . n 
A 1 42  SER 42  42  42  SER SER A . n 
A 1 43  LYS 43  43  43  LYS LYS A . n 
A 1 44  PHE 44  44  44  PHE PHE A . n 
A 1 45  PRO 45  45  45  PRO PRO A . n 
A 1 46  LEU 46  46  46  LEU LEU A . n 
A 1 47  GLY 47  47  47  GLY GLY A . n 
A 1 48  LYS 48  48  48  LYS LYS A . n 
A 1 49  ALA 49  49  49  ALA ALA A . n 
A 1 50  PRO 50  50  50  PRO PRO A . n 
A 1 51  ALA 51  51  51  ALA ALA A . n 
A 1 52  PHE 52  52  52  PHE PHE A . n 
A 1 53  GLU 53  53  53  GLU GLU A . n 
A 1 54  GLY 54  54  54  GLY GLY A . n 
A 1 55  SER 55  55  55  SER SER A . n 
A 1 56  ASP 56  56  56  ASP ASP A . n 
A 1 57  GLY 57  57  57  GLY GLY A . n 
A 1 58  PHE 58  58  58  PHE PHE A . n 
A 1 59  ARG 59  59  59  ARG ARG A . n 
A 1 60  LEU 60  60  60  LEU LEU A . n 
A 1 61  THR 61  61  61  THR THR A . n 
A 1 62  GLU 62  62  62  GLU GLU A . n 
A 1 63  THR 63  63  63  THR THR A . n 
A 1 64  LEU 64  64  64  LEU LEU A . n 
A 1 65  ALA 65  65  65  ALA ALA A . n 
A 1 66  ILE 66  66  66  ILE ILE A . n 
A 1 67  ILE 67  67  67  ILE ILE A . n 
A 1 68  LYS 68  68  68  LYS LYS A . n 
A 1 69  TYR 69  69  69  TYR TYR A . n 
A 1 70  PHE 70  70  70  PHE PHE A . n 
A 1 71  ILE 71  71  71  ILE ILE A . n 
A 1 72  ASP 72  72  72  ASP ASP A . n 
A 1 73  SER 73  73  73  SER SER A . n 
A 1 74  SER 74  74  74  SER SER A . n 
A 1 75  SER 75  75  75  SER SER A . n 
A 1 76  LYS 76  76  76  LYS LYS A . n 
A 1 77  PRO 77  77  77  PRO PRO A . n 
A 1 78  GLU 78  78  78  GLU GLU A . n 
A 1 79  PHE 79  79  79  PHE PHE A . n 
A 1 80  ALA 80  80  80  ALA ALA A . n 
A 1 81  GLY 81  81  81  GLY GLY A . n 
A 1 82  SER 82  82  82  SER SER A . n 
A 1 83  SER 83  83  83  SER SER A . n 
A 1 84  LEU 84  84  84  LEU LEU A . n 
A 1 85  LYS 85  85  85  LYS LYS A . n 
A 1 86  GLU 86  86  86  GLU GLU A . n 
A 1 87  LYS 87  87  87  LYS LYS A . n 
A 1 88  ALA 88  88  88  ALA ALA A . n 
A 1 89  LEU 89  89  89  LEU LEU A . n 
A 1 90  ASN 90  90  90  ASN ASN A . n 
A 1 91  GLU 91  91  91  GLU GLU A . n 
A 1 92  LYS 92  92  92  LYS LYS A . n 
A 1 93  TRP 93  93  93  TRP TRP A . n 
A 1 94  LEU 94  94  94  LEU LEU A . n 
A 1 95  SER 95  95  95  SER SER A . n 
A 1 96  PHE 96  96  96  PHE PHE A . n 
A 1 97  ALA 97  97  97  ALA ALA A . n 
A 1 98  ASN 98  98  98  ASN ASN A . n 
A 1 99  SER 99  99  99  SER SER A . n 
A 1 100 ASP 100 100 100 ASP ASP A . n 
A 1 101 LEU 101 101 101 LEU LEU A . n 
A 1 102 CYS 102 102 102 CYS CYS A . n 
A 1 103 GLY 103 103 103 GLY GLY A . n 
A 1 104 ALA 104 104 104 ALA ALA A . n 
A 1 105 MSE 105 105 105 MSE MSE A . n 
A 1 106 VAL 106 106 106 VAL VAL A . n 
A 1 107 GLY 107 107 107 GLY GLY A . n 
A 1 108 VAL 108 108 108 VAL VAL A . n 
A 1 109 TRP 109 109 109 TRP TRP A . n 
A 1 110 PHE 110 110 110 PHE PHE A . n 
A 1 111 CYS 111 111 111 CYS CYS A . n 
A 1 112 LYS 112 112 112 LYS LYS A . n 
A 1 113 ASP 113 113 113 ASP ASP A . n 
A 1 114 GLU 114 114 114 GLU GLU A . n 
A 1 115 SER 115 115 115 SER SER A . n 
A 1 116 LYS 116 116 116 LYS LYS A . n 
A 1 117 LYS 117 117 117 LYS LYS A . n 
A 1 118 PRO 118 118 118 PRO PRO A . n 
A 1 119 GLU 119 119 119 GLU GLU A . n 
A 1 120 LEU 120 120 120 LEU LEU A . n 
A 1 121 VAL 121 121 121 VAL VAL A . n 
A 1 122 SER 122 122 122 SER SER A . n 
A 1 123 LYS 123 123 123 LYS LYS A . n 
A 1 124 LEU 124 124 124 LEU LEU A . n 
A 1 125 ASN 125 125 125 ASN ASN A . n 
A 1 126 SER 126 126 126 SER SER A . n 
A 1 127 LEU 127 127 127 LEU LEU A . n 
A 1 128 LEU 128 128 128 LEU LEU A . n 
A 1 129 GLN 129 129 129 GLN GLN A . n 
A 1 130 TYR 130 130 130 TYR TYR A . n 
A 1 131 ILE 131 131 131 ILE ILE A . n 
A 1 132 ASP 132 132 132 ASP ASP A . n 
A 1 133 ASN 133 133 133 ASN ASN A . n 
A 1 134 GLU 134 134 134 GLU GLU A . n 
A 1 135 LEU 135 135 135 LEU LEU A . n 
A 1 136 ASN 136 136 136 ASN ASN A . n 
A 1 137 ASN 137 137 137 ASN ASN A . n 
A 1 138 SER 138 138 138 SER SER A . n 
A 1 139 LYS 139 139 139 LYS LYS A . n 
A 1 140 PHE 140 140 140 PHE PHE A . n 
A 1 141 LEU 141 141 141 LEU LEU A . n 
A 1 142 VAL 142 142 142 VAL VAL A . n 
A 1 143 GLY 143 143 143 GLY GLY A . n 
A 1 144 ASP 144 144 144 ASP ASP A . n 
A 1 145 SER 145 145 145 SER SER A . n 
A 1 146 VAL 146 146 146 VAL VAL A . n 
A 1 147 LEU 147 147 147 LEU LEU A . n 
A 1 148 VAL 148 148 148 VAL VAL A . n 
A 1 149 ALA 149 149 149 ALA ALA A . n 
A 1 150 ASP 150 150 150 ASP ASP A . n 
A 1 151 ILE 151 151 151 ILE ILE A . n 
A 1 152 LEU 152 152 152 LEU LEU A . n 
A 1 153 LEU 153 153 153 LEU LEU A . n 
A 1 154 TYR 154 154 154 TYR TYR A . n 
A 1 155 VAL 155 155 155 VAL VAL A . n 
A 1 156 THR 156 156 156 THR THR A . n 
A 1 157 LEU 157 157 157 LEU LEU A . n 
A 1 158 GLN 158 158 158 GLN GLN A . n 
A 1 159 HIS 159 159 159 HIS HIS A . n 
A 1 160 ILE 160 160 160 ILE ILE A . n 
A 1 161 VAL 161 161 161 VAL VAL A . n 
A 1 162 GLU 162 162 162 GLU GLU A . n 
A 1 163 ILE 163 163 163 ILE ILE A . n 
A 1 164 GLY 164 164 164 GLY GLY A . n 
A 1 165 VAL 165 165 165 VAL VAL A . n 
A 1 166 ASP 166 166 166 ASP ASP A . n 
A 1 167 ILE 167 167 167 ILE ILE A . n 
A 1 168 SER 168 168 168 SER SER A . n 
A 1 169 SER 169 169 169 SER SER A . n 
A 1 170 PHE 170 170 170 PHE PHE A . n 
A 1 171 SER 171 171 171 SER SER A . n 
A 1 172 HIS 172 172 172 HIS HIS A . n 
A 1 173 LEU 173 173 173 LEU LEU A . n 
A 1 174 LYS 174 174 174 LYS LYS A . n 
A 1 175 LYS 175 175 175 LYS LYS A . n 
A 1 176 TYR 176 176 176 TYR TYR A . n 
A 1 177 SER 177 177 177 SER SER A . n 
A 1 178 GLU 178 178 178 GLU GLU A . n 
A 1 179 GLU 179 179 179 GLU GLU A . n 
A 1 180 VAL 180 180 180 VAL VAL A . n 
A 1 181 ALA 181 181 181 ALA ALA A . n 
A 1 182 LYS 182 182 182 LYS LYS A . n 
A 1 183 HIS 183 183 183 HIS HIS A . n 
A 1 184 GLU 184 184 184 GLU GLU A . n 
A 1 185 LEU 185 185 185 LEU LEU A . n 
A 1 186 LEU 186 186 186 LEU LEU A . n 
A 1 187 ALA 187 187 187 ALA ALA A . n 
A 1 188 GLU 188 188 188 GLU GLU A . n 
A 1 189 ALA 189 189 189 ALA ALA A . n 
A 1 190 GLU 190 190 190 GLU GLU A . n 
A 1 191 ASN 191 191 191 ASN ASN A . n 
A 1 192 LEU 192 192 192 LEU LEU A . n 
A 1 193 TYR 193 193 193 TYR TYR A . n 
A 1 194 PHE 194 194 194 PHE PHE A . n 
A 1 195 GLN 195 195 195 GLN GLN A . n 
A 1 196 GLY 196 196 196 GLY GLY A . n 
A 1 197 HIS 197 197 ?   ?   ?   A . n 
A 1 198 HIS 198 198 ?   ?   ?   A . n 
A 1 199 HIS 199 199 ?   ?   ?   A . n 
A 1 200 HIS 200 200 ?   ?   ?   A . n 
A 1 201 HIS 201 201 ?   ?   ?   A . n 
A 1 202 HIS 202 202 ?   ?   ?   A . n 
A 1 203 HIS 203 203 ?   ?   ?   A . n 
A 1 204 HIS 204 204 ?   ?   ?   A . n 
A 1 205 HIS 205 205 ?   ?   ?   A . n 
A 1 206 HIS 206 206 ?   ?   ?   A . n 
# 
loop_
_pdbx_nonpoly_scheme.asym_id 
_pdbx_nonpoly_scheme.entity_id 
_pdbx_nonpoly_scheme.mon_id 
_pdbx_nonpoly_scheme.ndb_seq_num 
_pdbx_nonpoly_scheme.pdb_seq_num 
_pdbx_nonpoly_scheme.auth_seq_num 
_pdbx_nonpoly_scheme.pdb_mon_id 
_pdbx_nonpoly_scheme.auth_mon_id 
_pdbx_nonpoly_scheme.pdb_strand_id 
_pdbx_nonpoly_scheme.pdb_ins_code 
B 2 SO4 1  301 1  SO4 SO4 A . 
C 3 HOH 1  401 1  HOH HOH A . 
C 3 HOH 2  402 2  HOH HOH A . 
C 3 HOH 3  403 3  HOH HOH A . 
C 3 HOH 4  404 5  HOH HOH A . 
C 3 HOH 5  405 6  HOH HOH A . 
C 3 HOH 6  406 7  HOH HOH A . 
C 3 HOH 7  407 11 HOH HOH A . 
C 3 HOH 8  408 12 HOH HOH A . 
C 3 HOH 9  409 13 HOH HOH A . 
C 3 HOH 10 410 17 HOH HOH A . 
C 3 HOH 11 411 19 HOH HOH A . 
C 3 HOH 12 412 21 HOH HOH A . 
C 3 HOH 13 413 24 HOH HOH A . 
C 3 HOH 14 414 31 HOH HOH A . 
C 3 HOH 15 415 33 HOH HOH A . 
C 3 HOH 16 416 34 HOH HOH A . 
C 3 HOH 17 417 37 HOH HOH A . 
C 3 HOH 18 418 41 HOH HOH A . 
C 3 HOH 19 419 42 HOH HOH A . 
C 3 HOH 20 420 48 HOH HOH A . 
# 
loop_
_pdbx_unobs_or_zero_occ_atoms.id 
_pdbx_unobs_or_zero_occ_atoms.PDB_model_num 
_pdbx_unobs_or_zero_occ_atoms.polymer_flag 
_pdbx_unobs_or_zero_occ_atoms.occupancy_flag 
_pdbx_unobs_or_zero_occ_atoms.auth_asym_id 
_pdbx_unobs_or_zero_occ_atoms.auth_comp_id 
_pdbx_unobs_or_zero_occ_atoms.auth_seq_id 
_pdbx_unobs_or_zero_occ_atoms.PDB_ins_code 
_pdbx_unobs_or_zero_occ_atoms.auth_atom_id 
_pdbx_unobs_or_zero_occ_atoms.label_alt_id 
_pdbx_unobs_or_zero_occ_atoms.label_asym_id 
_pdbx_unobs_or_zero_occ_atoms.label_comp_id 
_pdbx_unobs_or_zero_occ_atoms.label_seq_id 
_pdbx_unobs_or_zero_occ_atoms.label_atom_id 
1  1 Y 1 A LYS 20  ? CG  ? A LYS 20  CG  
2  1 Y 1 A LYS 20  ? CD  ? A LYS 20  CD  
3  1 Y 1 A LYS 20  ? CE  ? A LYS 20  CE  
4  1 Y 1 A LYS 20  ? NZ  ? A LYS 20  NZ  
5  1 Y 1 A GLU 38  ? CG  ? A GLU 38  CG  
6  1 Y 1 A GLU 38  ? CD  ? A GLU 38  CD  
7  1 Y 1 A GLU 38  ? OE1 ? A GLU 38  OE1 
8  1 Y 1 A GLU 38  ? OE2 ? A GLU 38  OE2 
9  1 Y 1 A ASP 39  ? CG  ? A ASP 39  CG  
10 1 Y 1 A ASP 39  ? OD1 ? A ASP 39  OD1 
11 1 Y 1 A ASP 39  ? OD2 ? A ASP 39  OD2 
12 1 Y 1 A LYS 43  ? CG  ? A LYS 43  CG  
13 1 Y 1 A LYS 43  ? CD  ? A LYS 43  CD  
14 1 Y 1 A LYS 43  ? CE  ? A LYS 43  CE  
15 1 Y 1 A LYS 43  ? NZ  ? A LYS 43  NZ  
16 1 Y 1 A LYS 48  ? CG  ? A LYS 48  CG  
17 1 Y 1 A LYS 48  ? CD  ? A LYS 48  CD  
18 1 Y 1 A LYS 48  ? CE  ? A LYS 48  CE  
19 1 Y 1 A LYS 48  ? NZ  ? A LYS 48  NZ  
20 1 Y 1 A LYS 112 ? CG  ? A LYS 112 CG  
21 1 Y 1 A LYS 112 ? CD  ? A LYS 112 CD  
22 1 Y 1 A LYS 112 ? CE  ? A LYS 112 CE  
23 1 Y 1 A LYS 112 ? NZ  ? A LYS 112 NZ  
24 1 Y 1 A ASN 137 ? CG  ? A ASN 137 CG  
25 1 Y 1 A ASN 137 ? OD1 ? A ASN 137 OD1 
26 1 Y 1 A ASN 137 ? ND2 ? A ASN 137 ND2 
27 1 Y 1 A LYS 174 ? CG  ? A LYS 174 CG  
28 1 Y 1 A LYS 174 ? CD  ? A LYS 174 CD  
29 1 Y 1 A LYS 174 ? CE  ? A LYS 174 CE  
30 1 Y 1 A LYS 174 ? NZ  ? A LYS 174 NZ  
31 1 Y 1 A GLU 178 ? CG  ? A GLU 178 CG  
32 1 Y 1 A GLU 178 ? CD  ? A GLU 178 CD  
33 1 Y 1 A GLU 178 ? OE1 ? A GLU 178 OE1 
34 1 Y 1 A GLU 178 ? OE2 ? A GLU 178 OE2 
# 
loop_
_software.name 
_software.classification 
_software.version 
_software.citation_id 
_software.pdbx_ordinal 
CBASS    'data collection' .        ? 1 
AutoSol  phasing           .        ? 2 
REFMAC   refinement        5.8.0049 ? 3 
HKL-3000 'data reduction'  .        ? 4 
HKL-3000 'data scaling'    .        ? 5 
# 
_cell.entry_id           4O92 
_cell.length_a           48.207 
_cell.length_b           48.207 
_cell.length_c           187.068 
_cell.angle_alpha        90.00 
_cell.angle_beta         90.00 
_cell.angle_gamma        90.00 
_cell.Z_PDB              8 
_cell.pdbx_unique_axis   ? 
_cell.length_a_esd       ? 
_cell.length_b_esd       ? 
_cell.length_c_esd       ? 
_cell.angle_alpha_esd    ? 
_cell.angle_beta_esd     ? 
_cell.angle_gamma_esd    ? 
# 
_symmetry.entry_id                         4O92 
_symmetry.space_group_name_H-M             'P 43 21 2' 
_symmetry.pdbx_full_space_group_name_H-M   ? 
_symmetry.cell_setting                     ? 
_symmetry.Int_Tables_number                96 
_symmetry.space_group_name_Hall            ? 
# 
_exptl.entry_id          4O92 
_exptl.method            'X-RAY DIFFRACTION' 
_exptl.crystals_number   1 
# 
_exptl_crystal.id                    1 
_exptl_crystal.density_meas          ? 
_exptl_crystal.density_Matthews      2.32 
_exptl_crystal.density_percent_sol   46.87 
_exptl_crystal.description           ? 
_exptl_crystal.F_000                 ? 
_exptl_crystal.preparation           ? 
# 
_exptl_crystal_grow.crystal_id      1 
_exptl_crystal_grow.method          'VAPOR DIFFUSION, SITTING DROP' 
_exptl_crystal_grow.temp            273 
_exptl_crystal_grow.temp_details    ? 
_exptl_crystal_grow.pH              4.2 
_exptl_crystal_grow.pdbx_details    
'0.1 M Na2HPO4:Citric Acid, 2.0 M Ammonium Sulfate, pH 4.2, VAPOR DIFFUSION, SITTING DROP, temperature 273K' 
_exptl_crystal_grow.pdbx_pH_range   ? 
# 
_diffrn.id                     1 
_diffrn.ambient_temp           100 
_diffrn.ambient_temp_details   ? 
_diffrn.crystal_id             1 
# 
_diffrn_detector.diffrn_id              1 
_diffrn_detector.detector               CCD 
_diffrn_detector.type                   'ADSC QUANTUM 315r' 
_diffrn_detector.pdbx_collection_date   2011-11-11 
_diffrn_detector.details                ? 
# 
_diffrn_radiation.diffrn_id                        1 
_diffrn_radiation.wavelength_id                    1 
_diffrn_radiation.pdbx_monochromatic_or_laue_m_l   M 
_diffrn_radiation.monochromator                    'Double silicon(111) crystal' 
_diffrn_radiation.pdbx_diffrn_protocol             'SINGLE WAVELENGTH' 
_diffrn_radiation.pdbx_scattering_type             x-ray 
# 
_diffrn_radiation_wavelength.id           1 
_diffrn_radiation_wavelength.wavelength   0.9793 
_diffrn_radiation_wavelength.wt           1.0 
# 
_diffrn_source.diffrn_id                   1 
_diffrn_source.source                      SYNCHROTRON 
_diffrn_source.type                        'NSLS BEAMLINE X29A' 
_diffrn_source.pdbx_synchrotron_site       NSLS 
_diffrn_source.pdbx_synchrotron_beamline   X29A 
_diffrn_source.pdbx_wavelength             ? 
_diffrn_source.pdbx_wavelength_list        0.9793 
# 
_reflns.entry_id                     4O92 
_reflns.observed_criterion_sigma_I   ? 
_reflns.observed_criterion_sigma_F   ? 
_reflns.d_resolution_low             50.0 
_reflns.d_resolution_high            2.50 
_reflns.number_obs                   8243 
_reflns.number_all                   8254 
_reflns.percent_possible_obs         99.9 
_reflns.pdbx_Rmerge_I_obs            0.127 
_reflns.pdbx_Rsym_value              ? 
_reflns.pdbx_netI_over_sigmaI        46.2 
_reflns.B_iso_Wilson_estimate        ? 
_reflns.pdbx_redundancy              12.7 
_reflns.R_free_details               ? 
_reflns.limit_h_max                  ? 
_reflns.limit_h_min                  ? 
_reflns.limit_k_max                  ? 
_reflns.limit_k_min                  ? 
_reflns.limit_l_max                  ? 
_reflns.limit_l_min                  ? 
_reflns.observed_criterion_F_max     ? 
_reflns.observed_criterion_F_min     ? 
_reflns.pdbx_chi_squared             ? 
_reflns.pdbx_scaling_rejects         ? 
_reflns.pdbx_ordinal                 1 
_reflns.pdbx_diffrn_id               1 
# 
_reflns_shell.d_res_high             2.50 
_reflns_shell.d_res_low              2.54 
_reflns_shell.percent_possible_all   100 
_reflns_shell.Rmerge_I_obs           0.57 
_reflns_shell.pdbx_Rsym_value        ? 
_reflns_shell.meanI_over_sigI_obs    7.7 
_reflns_shell.pdbx_redundancy        12.8 
_reflns_shell.percent_possible_obs   ? 
_reflns_shell.number_unique_all      ? 
_reflns_shell.number_measured_all    ? 
_reflns_shell.number_measured_obs    ? 
_reflns_shell.number_unique_obs      ? 
_reflns_shell.pdbx_chi_squared       ? 
_reflns_shell.pdbx_ordinal           1 
_reflns_shell.pdbx_diffrn_id         1 
# 
_refine.entry_id                                 4O92 
_refine.ls_number_reflns_obs                     7790 
_refine.ls_number_reflns_all                     ? 
_refine.pdbx_ls_sigma_I                          ? 
_refine.pdbx_ls_sigma_F                          . 
_refine.pdbx_data_cutoff_high_absF               ? 
_refine.pdbx_data_cutoff_low_absF                ? 
_refine.pdbx_data_cutoff_high_rms_absF           ? 
_refine.ls_d_res_low                             46.77 
_refine.ls_d_res_high                            2.51 
_refine.ls_percent_reflns_obs                    99.54 
_refine.ls_R_factor_obs                          0.22636 
_refine.ls_R_factor_all                          ? 
_refine.ls_R_factor_R_work                       0.22469 
_refine.ls_R_factor_R_free                       0.25807 
_refine.ls_R_factor_R_free_error                 ? 
_refine.ls_R_factor_R_free_error_details         ? 
_refine.ls_percent_reflns_R_free                 4.6 
_refine.ls_number_reflns_R_free                  378 
_refine.ls_number_parameters                     ? 
_refine.ls_number_restraints                     ? 
_refine.occupancy_min                            ? 
_refine.occupancy_max                            ? 
_refine.correlation_coeff_Fo_to_Fc               0.942 
_refine.correlation_coeff_Fo_to_Fc_free          0.934 
_refine.B_iso_mean                               53.340 
_refine.aniso_B[1][1]                            2.89 
_refine.aniso_B[2][2]                            2.89 
_refine.aniso_B[3][3]                            -5.78 
_refine.aniso_B[1][2]                            -0.00 
_refine.aniso_B[1][3]                            0.00 
_refine.aniso_B[2][3]                            0.00 
_refine.solvent_model_details                    MASK 
_refine.solvent_model_param_ksol                 ? 
_refine.solvent_model_param_bsol                 ? 
_refine.pdbx_solvent_vdw_probe_radii             1.20 
_refine.pdbx_solvent_ion_probe_radii             0.80 
_refine.pdbx_solvent_shrinkage_radii             0.80 
_refine.pdbx_ls_cross_valid_method               THROUGHOUT 
_refine.details                                  'HYDROGENS HAVE BEEN ADDED IN THE RIDING POSITIONS' 
_refine.pdbx_starting_model                      ? 
_refine.pdbx_method_to_determine_struct          SAD 
_refine.pdbx_isotropic_thermal_model             ? 
_refine.pdbx_stereochemistry_target_values       'MAXIMUM LIKELIHOOD' 
_refine.pdbx_stereochem_target_val_spec_case     ? 
_refine.pdbx_R_Free_selection_details            RANDOM 
_refine.pdbx_overall_ESU_R                       0.556 
_refine.pdbx_overall_ESU_R_Free                  0.293 
_refine.overall_SU_ML                            0.256 
_refine.pdbx_overall_phase_error                 ? 
_refine.overall_SU_B                             11.866 
_refine.overall_SU_R_Cruickshank_DPI             ? 
_refine.ls_redundancy_reflns_obs                 ? 
_refine.B_iso_min                                ? 
_refine.B_iso_max                                ? 
_refine.overall_SU_R_free                        ? 
_refine.ls_wR_factor_R_free                      ? 
_refine.ls_wR_factor_R_work                      ? 
_refine.overall_FOM_free_R_set                   ? 
_refine.overall_FOM_work_R_set                   ? 
_refine.pdbx_diffrn_id                           1 
_refine.pdbx_refine_id                           'X-RAY DIFFRACTION' 
_refine.pdbx_TLS_residual_ADP_flag               ? 
_refine.pdbx_overall_SU_R_free_Cruickshank_DPI   ? 
_refine.pdbx_overall_SU_R_Blow_DPI               ? 
_refine.pdbx_overall_SU_R_free_Blow_DPI          ? 
# 
_refine_hist.pdbx_refine_id                   'X-RAY DIFFRACTION' 
_refine_hist.cycle_id                         LAST 
_refine_hist.pdbx_number_atoms_protein        1513 
_refine_hist.pdbx_number_atoms_nucleic_acid   0 
_refine_hist.pdbx_number_atoms_ligand         5 
_refine_hist.number_atoms_solvent             20 
_refine_hist.number_atoms_total               1538 
_refine_hist.d_res_high                       2.51 
_refine_hist.d_res_low                        46.77 
# 
loop_
_refine_ls_restr.type 
_refine_ls_restr.dev_ideal 
_refine_ls_restr.dev_ideal_target 
_refine_ls_restr.weight 
_refine_ls_restr.number 
_refine_ls_restr.pdbx_restraint_function 
_refine_ls_restr.pdbx_refine_id 
r_bond_refined_d             0.012  0.019  ? 1552 ? 'X-RAY DIFFRACTION' 
r_bond_other_d               0.003  0.020  ? 1472 ? 'X-RAY DIFFRACTION' 
r_angle_refined_deg          1.520  1.989  ? 2105 ? 'X-RAY DIFFRACTION' 
r_angle_other_deg            0.784  3.000  ? 3401 ? 'X-RAY DIFFRACTION' 
r_dihedral_angle_1_deg       5.894  5.000  ? 195  ? 'X-RAY DIFFRACTION' 
r_dihedral_angle_2_deg       40.629 25.167 ? 60   ? 'X-RAY DIFFRACTION' 
r_dihedral_angle_3_deg       17.679 15.000 ? 254  ? 'X-RAY DIFFRACTION' 
r_dihedral_angle_4_deg       28.513 15.000 ? 2    ? 'X-RAY DIFFRACTION' 
r_chiral_restr               0.076  0.200  ? 241  ? 'X-RAY DIFFRACTION' 
r_gen_planes_refined         0.006  0.021  ? 1723 ? 'X-RAY DIFFRACTION' 
r_gen_planes_other           0.001  0.020  ? 333  ? 'X-RAY DIFFRACTION' 
r_nbd_refined                ?      ?      ? ?    ? 'X-RAY DIFFRACTION' 
r_nbd_other                  ?      ?      ? ?    ? 'X-RAY DIFFRACTION' 
r_nbtor_refined              ?      ?      ? ?    ? 'X-RAY DIFFRACTION' 
r_nbtor_other                ?      ?      ? ?    ? 'X-RAY DIFFRACTION' 
r_xyhbond_nbd_refined        ?      ?      ? ?    ? 'X-RAY DIFFRACTION' 
r_xyhbond_nbd_other          ?      ?      ? ?    ? 'X-RAY DIFFRACTION' 
r_metal_ion_refined          ?      ?      ? ?    ? 'X-RAY DIFFRACTION' 
r_metal_ion_other            ?      ?      ? ?    ? 'X-RAY DIFFRACTION' 
r_symmetry_vdw_refined       ?      ?      ? ?    ? 'X-RAY DIFFRACTION' 
r_symmetry_vdw_other         ?      ?      ? ?    ? 'X-RAY DIFFRACTION' 
r_symmetry_hbond_refined     ?      ?      ? ?    ? 'X-RAY DIFFRACTION' 
r_symmetry_hbond_other       ?      ?      ? ?    ? 'X-RAY DIFFRACTION' 
r_symmetry_metal_ion_refined ?      ?      ? ?    ? 'X-RAY DIFFRACTION' 
r_symmetry_metal_ion_other   ?      ?      ? ?    ? 'X-RAY DIFFRACTION' 
r_mcbond_it                  3.705  5.170  ? 783  ? 'X-RAY DIFFRACTION' 
r_mcbond_other               3.709  5.166  ? 782  ? 'X-RAY DIFFRACTION' 
r_mcangle_it                 5.646  7.738  ? 977  ? 'X-RAY DIFFRACTION' 
r_mcangle_other              5.644  7.744  ? 978  ? 'X-RAY DIFFRACTION' 
r_scbond_it                  4.817  5.653  ? 769  ? 'X-RAY DIFFRACTION' 
r_scbond_other               4.819  5.663  ? 766  ? 'X-RAY DIFFRACTION' 
r_scangle_it                 ?      ?      ? ?    ? 'X-RAY DIFFRACTION' 
r_scangle_other              7.424  8.244  ? 1123 ? 'X-RAY DIFFRACTION' 
r_long_range_B_refined       9.343  41.239 ? 1745 ? 'X-RAY DIFFRACTION' 
r_long_range_B_other         9.338  41.234 ? 1743 ? 'X-RAY DIFFRACTION' 
r_rigid_bond_restr           ?      ?      ? ?    ? 'X-RAY DIFFRACTION' 
r_sphericity_free            ?      ?      ? ?    ? 'X-RAY DIFFRACTION' 
r_sphericity_bonded          ?      ?      ? ?    ? 'X-RAY DIFFRACTION' 
# 
_refine_ls_shell.pdbx_total_number_of_bins_used   20 
_refine_ls_shell.d_res_high                       2.509 
_refine_ls_shell.d_res_low                        2.574 
_refine_ls_shell.number_reflns_R_work             535 
_refine_ls_shell.R_factor_R_work                  0.300 
_refine_ls_shell.percent_reflns_obs               96.72 
_refine_ls_shell.R_factor_R_free                  0.380 
_refine_ls_shell.R_factor_R_free_error            ? 
_refine_ls_shell.percent_reflns_R_free            ? 
_refine_ls_shell.number_reflns_R_free             26 
_refine_ls_shell.number_reflns_all                ? 
_refine_ls_shell.R_factor_all                     ? 
_refine_ls_shell.number_reflns_obs                ? 
_refine_ls_shell.redundancy_reflns_obs            ? 
_refine_ls_shell.pdbx_refine_id                   'X-RAY DIFFRACTION' 
# 
_struct.entry_id                  4O92 
_struct.title                     
'Crystal structure of a Glutathione S-transferase from Pichia kudriavzevii (Issatchenkia orientalis), target EFI-501747' 
_struct.pdbx_model_details        ? 
_struct.pdbx_CASP_flag            ? 
_struct.pdbx_model_type_details   ? 
# 
_struct_keywords.entry_id        4O92 
_struct_keywords.pdbx_keywords   TRANSFERASE 
_struct_keywords.text            'Structural Genomics, Enzyme Function Initiative, EFI, transferase' 
# 
loop_
_struct_asym.id 
_struct_asym.pdbx_blank_PDB_chainid_flag 
_struct_asym.pdbx_modified 
_struct_asym.entity_id 
_struct_asym.details 
A N N 1 ? 
B N N 2 ? 
C N N 3 ? 
# 
_struct_ref.id                         1 
_struct_ref.db_name                    UNP 
_struct_ref.db_code                    Q9Y727_ISSOR 
_struct_ref.pdbx_db_accession          Q9Y727 
_struct_ref.entity_id                  1 
_struct_ref.pdbx_seq_one_letter_code   
;MTFGTLYILPPSPRSAWLPKLAKYLGLEINVKSMLEVEDFKSKFPLGKAPAFEGSDGFRLTETLAIIKYFIDSSSKPEFA
GSSLKEKALNEKWLSFANSDLCGAMVGVWFCKDESKKPELVSKLNSLLQYIDNELNNSKFLVGDSVLVADILLYVTLQHI
VEIGVDISSFSHLKKYSEEVAKHELLAE
;
_struct_ref.pdbx_align_begin           1 
_struct_ref.pdbx_db_isoform            ? 
# 
_struct_ref_seq.align_id                      1 
_struct_ref_seq.ref_id                        1 
_struct_ref_seq.pdbx_PDB_id_code              4O92 
_struct_ref_seq.pdbx_strand_id                A 
_struct_ref_seq.seq_align_beg                 1 
_struct_ref_seq.pdbx_seq_align_beg_ins_code   ? 
_struct_ref_seq.seq_align_end                 188 
_struct_ref_seq.pdbx_seq_align_end_ins_code   ? 
_struct_ref_seq.pdbx_db_accession             Q9Y727 
_struct_ref_seq.db_align_beg                  1 
_struct_ref_seq.pdbx_db_align_beg_ins_code    ? 
_struct_ref_seq.db_align_end                  188 
_struct_ref_seq.pdbx_db_align_end_ins_code    ? 
_struct_ref_seq.pdbx_auth_seq_align_beg       1 
_struct_ref_seq.pdbx_auth_seq_align_end       188 
# 
loop_
_struct_ref_seq_dif.align_id 
_struct_ref_seq_dif.pdbx_pdb_id_code 
_struct_ref_seq_dif.mon_id 
_struct_ref_seq_dif.pdbx_pdb_strand_id 
_struct_ref_seq_dif.seq_num 
_struct_ref_seq_dif.pdbx_pdb_ins_code 
_struct_ref_seq_dif.pdbx_seq_db_name 
_struct_ref_seq_dif.pdbx_seq_db_accession_code 
_struct_ref_seq_dif.db_mon_id 
_struct_ref_seq_dif.pdbx_seq_db_seq_num 
_struct_ref_seq_dif.details 
_struct_ref_seq_dif.pdbx_auth_seq_num 
_struct_ref_seq_dif.pdbx_ordinal 
1 4O92 ALA A 189 ? UNP Q9Y727 ? ? 'expression tag' 189 1  
1 4O92 GLU A 190 ? UNP Q9Y727 ? ? 'expression tag' 190 2  
1 4O92 ASN A 191 ? UNP Q9Y727 ? ? 'expression tag' 191 3  
1 4O92 LEU A 192 ? UNP Q9Y727 ? ? 'expression tag' 192 4  
1 4O92 TYR A 193 ? UNP Q9Y727 ? ? 'expression tag' 193 5  
1 4O92 PHE A 194 ? UNP Q9Y727 ? ? 'expression tag' 194 6  
1 4O92 GLN A 195 ? UNP Q9Y727 ? ? 'expression tag' 195 7  
1 4O92 GLY A 196 ? UNP Q9Y727 ? ? 'expression tag' 196 8  
1 4O92 HIS A 197 ? UNP Q9Y727 ? ? 'expression tag' 197 9  
1 4O92 HIS A 198 ? UNP Q9Y727 ? ? 'expression tag' 198 10 
1 4O92 HIS A 199 ? UNP Q9Y727 ? ? 'expression tag' 199 11 
1 4O92 HIS A 200 ? UNP Q9Y727 ? ? 'expression tag' 200 12 
1 4O92 HIS A 201 ? UNP Q9Y727 ? ? 'expression tag' 201 13 
1 4O92 HIS A 202 ? UNP Q9Y727 ? ? 'expression tag' 202 14 
1 4O92 HIS A 203 ? UNP Q9Y727 ? ? 'expression tag' 203 15 
1 4O92 HIS A 204 ? UNP Q9Y727 ? ? 'expression tag' 204 16 
1 4O92 HIS A 205 ? UNP Q9Y727 ? ? 'expression tag' 205 17 
1 4O92 HIS A 206 ? UNP Q9Y727 ? ? 'expression tag' 206 18 
# 
loop_
_pdbx_struct_assembly.id 
_pdbx_struct_assembly.details 
_pdbx_struct_assembly.method_details 
_pdbx_struct_assembly.oligomeric_details 
_pdbx_struct_assembly.oligomeric_count 
1 author_defined_assembly   ?    monomeric 1 
2 software_defined_assembly PISA dimeric   2 
# 
loop_
_pdbx_struct_assembly_prop.biol_id 
_pdbx_struct_assembly_prop.type 
_pdbx_struct_assembly_prop.value 
_pdbx_struct_assembly_prop.details 
2 'ABSA (A^2)' 2970  ? 
2 MORE         -54   ? 
2 'SSA (A^2)'  18440 ? 
# 
loop_
_pdbx_struct_assembly_gen.assembly_id 
_pdbx_struct_assembly_gen.oper_expression 
_pdbx_struct_assembly_gen.asym_id_list 
1 1   A,B,C 
2 1,2 A,B,C 
# 
loop_
_pdbx_struct_oper_list.id 
_pdbx_struct_oper_list.type 
_pdbx_struct_oper_list.name 
_pdbx_struct_oper_list.symmetry_operation 
_pdbx_struct_oper_list.matrix[1][1] 
_pdbx_struct_oper_list.matrix[1][2] 
_pdbx_struct_oper_list.matrix[1][3] 
_pdbx_struct_oper_list.vector[1] 
_pdbx_struct_oper_list.matrix[2][1] 
_pdbx_struct_oper_list.matrix[2][2] 
_pdbx_struct_oper_list.matrix[2][3] 
_pdbx_struct_oper_list.vector[2] 
_pdbx_struct_oper_list.matrix[3][1] 
_pdbx_struct_oper_list.matrix[3][2] 
_pdbx_struct_oper_list.matrix[3][3] 
_pdbx_struct_oper_list.vector[3] 
1 'identity operation'         1_555 x,y,z    1.0000000000 0.0000000000 0.0000000000 0.0000000000 0.0000000000 1.0000000000  0.0000000000 0.0000000000   0.0000000000 0.0000000000 1.0000000000  0.0000000000  
2 'crystal symmetry operation' 7_556 y,x,-z+1 0.0832281145 0.5731399964 0.8152199860 3.5288429350 0.5731399964 -0.6967495110 0.4313359057 -21.6686078263 0.8152199860 0.4313359057 -0.3864786035 10.5451339268 
# 
_struct_biol.id        1 
_struct_biol.details   ? 
# 
loop_
_struct_conf.conf_type_id 
_struct_conf.id 
_struct_conf.pdbx_PDB_helix_id 
_struct_conf.beg_label_comp_id 
_struct_conf.beg_label_asym_id 
_struct_conf.beg_label_seq_id 
_struct_conf.pdbx_beg_PDB_ins_code 
_struct_conf.end_label_comp_id 
_struct_conf.end_label_asym_id 
_struct_conf.end_label_seq_id 
_struct_conf.pdbx_end_PDB_ins_code 
_struct_conf.beg_auth_comp_id 
_struct_conf.beg_auth_asym_id 
_struct_conf.beg_auth_seq_id 
_struct_conf.end_auth_comp_id 
_struct_conf.end_auth_asym_id 
_struct_conf.end_auth_seq_id 
_struct_conf.pdbx_PDB_helix_class 
_struct_conf.details 
_struct_conf.pdbx_PDB_helix_length 
HELX_P HELX_P1 1 SER A 12  ? SER A 15  ? SER A 12  SER A 15  5 ? 4  
HELX_P HELX_P2 2 ALA A 16  ? GLY A 26  ? ALA A 16  GLY A 26  1 ? 11 
HELX_P HELX_P3 3 LEU A 35  ? VAL A 37  ? LEU A 35  VAL A 37  5 ? 3  
HELX_P HELX_P4 4 ASP A 39  ? PHE A 44  ? ASP A 39  PHE A 44  1 ? 6  
HELX_P HELX_P5 5 GLU A 62  ? SER A 73  ? GLU A 62  SER A 73  1 ? 12 
HELX_P HELX_P6 6 SER A 83  ? PHE A 110 ? SER A 83  PHE A 110 1 ? 28 
HELX_P HELX_P7 7 LYS A 116 ? LEU A 135 ? LYS A 116 LEU A 135 1 ? 20 
HELX_P HELX_P8 8 LEU A 147 ? ILE A 163 ? LEU A 147 ILE A 163 1 ? 17 
HELX_P HELX_P9 9 PHE A 170 ? PHE A 194 ? PHE A 170 PHE A 194 1 ? 25 
# 
_struct_conf_type.id          HELX_P 
_struct_conf_type.criteria    ? 
_struct_conf_type.reference   ? 
# 
loop_
_struct_conn.id 
_struct_conn.conn_type_id 
_struct_conn.pdbx_leaving_atom_flag 
_struct_conn.pdbx_PDB_id 
_struct_conn.ptnr1_label_asym_id 
_struct_conn.ptnr1_label_comp_id 
_struct_conn.ptnr1_label_seq_id 
_struct_conn.ptnr1_label_atom_id 
_struct_conn.pdbx_ptnr1_label_alt_id 
_struct_conn.pdbx_ptnr1_PDB_ins_code 
_struct_conn.pdbx_ptnr1_standard_comp_id 
_struct_conn.ptnr1_symmetry 
_struct_conn.ptnr2_label_asym_id 
_struct_conn.ptnr2_label_comp_id 
_struct_conn.ptnr2_label_seq_id 
_struct_conn.ptnr2_label_atom_id 
_struct_conn.pdbx_ptnr2_label_alt_id 
_struct_conn.pdbx_ptnr2_PDB_ins_code 
_struct_conn.ptnr1_auth_asym_id 
_struct_conn.ptnr1_auth_comp_id 
_struct_conn.ptnr1_auth_seq_id 
_struct_conn.ptnr2_auth_asym_id 
_struct_conn.ptnr2_auth_comp_id 
_struct_conn.ptnr2_auth_seq_id 
_struct_conn.ptnr2_symmetry 
_struct_conn.pdbx_ptnr3_label_atom_id 
_struct_conn.pdbx_ptnr3_label_seq_id 
_struct_conn.pdbx_ptnr3_label_comp_id 
_struct_conn.pdbx_ptnr3_label_asym_id 
_struct_conn.pdbx_ptnr3_label_alt_id 
_struct_conn.pdbx_ptnr3_PDB_ins_code 
_struct_conn.details 
_struct_conn.pdbx_dist_value 
_struct_conn.pdbx_value_order 
_struct_conn.pdbx_role 
covale1 covale both ? A MSE 1   C ? ? ? 1_555 A THR 2   N ? ? A MSE 1   A THR 2   1_555 ? ? ? ? ? ? ? 1.332 ? ? 
covale2 covale both ? A SER 33  C ? ? ? 1_555 A MSE 34  N ? ? A SER 33  A MSE 34  1_555 ? ? ? ? ? ? ? 1.327 ? ? 
covale3 covale both ? A MSE 34  C ? ? ? 1_555 A LEU 35  N ? ? A MSE 34  A LEU 35  1_555 ? ? ? ? ? ? ? 1.322 ? ? 
covale4 covale both ? A ALA 104 C ? ? ? 1_555 A MSE 105 N ? ? A ALA 104 A MSE 105 1_555 ? ? ? ? ? ? ? 1.332 ? ? 
covale5 covale both ? A MSE 105 C ? ? ? 1_555 A VAL 106 N ? ? A MSE 105 A VAL 106 1_555 ? ? ? ? ? ? ? 1.318 ? ? 
# 
_struct_conn_type.id          covale 
_struct_conn_type.criteria    ? 
_struct_conn_type.reference   ? 
# 
loop_
_pdbx_modification_feature.ordinal 
_pdbx_modification_feature.label_comp_id 
_pdbx_modification_feature.label_asym_id 
_pdbx_modification_feature.label_seq_id 
_pdbx_modification_feature.label_alt_id 
_pdbx_modification_feature.modified_residue_label_comp_id 
_pdbx_modification_feature.modified_residue_label_asym_id 
_pdbx_modification_feature.modified_residue_label_seq_id 
_pdbx_modification_feature.modified_residue_label_alt_id 
_pdbx_modification_feature.auth_comp_id 
_pdbx_modification_feature.auth_asym_id 
_pdbx_modification_feature.auth_seq_id 
_pdbx_modification_feature.PDB_ins_code 
_pdbx_modification_feature.symmetry 
_pdbx_modification_feature.modified_residue_auth_comp_id 
_pdbx_modification_feature.modified_residue_auth_asym_id 
_pdbx_modification_feature.modified_residue_auth_seq_id 
_pdbx_modification_feature.modified_residue_PDB_ins_code 
_pdbx_modification_feature.modified_residue_symmetry 
_pdbx_modification_feature.comp_id_linking_atom 
_pdbx_modification_feature.modified_residue_id_linking_atom 
_pdbx_modification_feature.modified_residue_id 
_pdbx_modification_feature.ref_pcm_id 
_pdbx_modification_feature.ref_comp_id 
_pdbx_modification_feature.type 
_pdbx_modification_feature.category 
1 MSE A 1   ? . . . . MSE A 1   ? 1_555 . . . . . . . MET 1 MSE Selenomethionine 'Named protein modification' 
2 MSE A 34  ? . . . . MSE A 34  ? 1_555 . . . . . . . MET 1 MSE Selenomethionine 'Named protein modification' 
3 MSE A 105 ? . . . . MSE A 105 ? 1_555 . . . . . . . MET 1 MSE Selenomethionine 'Named protein modification' 
# 
_struct_mon_prot_cis.pdbx_id                1 
_struct_mon_prot_cis.label_comp_id          ALA 
_struct_mon_prot_cis.label_seq_id           49 
_struct_mon_prot_cis.label_asym_id          A 
_struct_mon_prot_cis.label_alt_id           . 
_struct_mon_prot_cis.pdbx_PDB_ins_code      ? 
_struct_mon_prot_cis.auth_comp_id           ALA 
_struct_mon_prot_cis.auth_seq_id            49 
_struct_mon_prot_cis.auth_asym_id           A 
_struct_mon_prot_cis.pdbx_label_comp_id_2   PRO 
_struct_mon_prot_cis.pdbx_label_seq_id_2    50 
_struct_mon_prot_cis.pdbx_label_asym_id_2   A 
_struct_mon_prot_cis.pdbx_PDB_ins_code_2    ? 
_struct_mon_prot_cis.pdbx_auth_comp_id_2    PRO 
_struct_mon_prot_cis.pdbx_auth_seq_id_2     50 
_struct_mon_prot_cis.pdbx_auth_asym_id_2    A 
_struct_mon_prot_cis.pdbx_PDB_model_num     1 
_struct_mon_prot_cis.pdbx_omega_angle       2.40 
# 
_struct_sheet.id               A 
_struct_sheet.type             ? 
_struct_sheet.number_strands   4 
_struct_sheet.details          ? 
# 
loop_
_struct_sheet_order.sheet_id 
_struct_sheet_order.range_id_1 
_struct_sheet_order.range_id_2 
_struct_sheet_order.offset 
_struct_sheet_order.sense 
A 1 2 ? parallel      
A 2 3 ? anti-parallel 
A 3 4 ? anti-parallel 
# 
loop_
_struct_sheet_range.sheet_id 
_struct_sheet_range.id 
_struct_sheet_range.beg_label_comp_id 
_struct_sheet_range.beg_label_asym_id 
_struct_sheet_range.beg_label_seq_id 
_struct_sheet_range.pdbx_beg_PDB_ins_code 
_struct_sheet_range.end_label_comp_id 
_struct_sheet_range.end_label_asym_id 
_struct_sheet_range.end_label_seq_id 
_struct_sheet_range.pdbx_end_PDB_ins_code 
_struct_sheet_range.beg_auth_comp_id 
_struct_sheet_range.beg_auth_asym_id 
_struct_sheet_range.beg_auth_seq_id 
_struct_sheet_range.end_auth_comp_id 
_struct_sheet_range.end_auth_asym_id 
_struct_sheet_range.end_auth_seq_id 
A 1 ILE A 29 ? SER A 33 ? ILE A 29 SER A 33 
A 2 GLY A 4  ? ILE A 8  ? GLY A 4  ILE A 8  
A 3 ALA A 51 ? GLY A 54 ? ALA A 51 GLY A 54 
A 4 ARG A 59 ? THR A 61 ? ARG A 59 THR A 61 
# 
loop_
_pdbx_struct_sheet_hbond.sheet_id 
_pdbx_struct_sheet_hbond.range_id_1 
_pdbx_struct_sheet_hbond.range_id_2 
_pdbx_struct_sheet_hbond.range_1_label_atom_id 
_pdbx_struct_sheet_hbond.range_1_label_comp_id 
_pdbx_struct_sheet_hbond.range_1_label_asym_id 
_pdbx_struct_sheet_hbond.range_1_label_seq_id 
_pdbx_struct_sheet_hbond.range_1_PDB_ins_code 
_pdbx_struct_sheet_hbond.range_1_auth_atom_id 
_pdbx_struct_sheet_hbond.range_1_auth_comp_id 
_pdbx_struct_sheet_hbond.range_1_auth_asym_id 
_pdbx_struct_sheet_hbond.range_1_auth_seq_id 
_pdbx_struct_sheet_hbond.range_2_label_atom_id 
_pdbx_struct_sheet_hbond.range_2_label_comp_id 
_pdbx_struct_sheet_hbond.range_2_label_asym_id 
_pdbx_struct_sheet_hbond.range_2_label_seq_id 
_pdbx_struct_sheet_hbond.range_2_PDB_ins_code 
_pdbx_struct_sheet_hbond.range_2_auth_atom_id 
_pdbx_struct_sheet_hbond.range_2_auth_comp_id 
_pdbx_struct_sheet_hbond.range_2_auth_asym_id 
_pdbx_struct_sheet_hbond.range_2_auth_seq_id 
A 1 2 O LYS A 32 ? O LYS A 32 N ILE A 8  ? N ILE A 8  
A 2 3 N TYR A 7  ? N TYR A 7  O ALA A 51 ? O ALA A 51 
A 3 4 N PHE A 52 ? N PHE A 52 O LEU A 60 ? O LEU A 60 
# 
_struct_site.id                   AC1 
_struct_site.pdbx_evidence_code   Software 
_struct_site.pdbx_auth_asym_id    A 
_struct_site.pdbx_auth_comp_id    SO4 
_struct_site.pdbx_auth_seq_id     301 
_struct_site.pdbx_auth_ins_code   ? 
_struct_site.pdbx_num_residues    6 
_struct_site.details              'BINDING SITE FOR RESIDUE SO4 A 301' 
# 
loop_
_struct_site_gen.id 
_struct_site_gen.site_id 
_struct_site_gen.pdbx_num_res 
_struct_site_gen.label_comp_id 
_struct_site_gen.label_asym_id 
_struct_site_gen.label_seq_id 
_struct_site_gen.pdbx_auth_ins_code 
_struct_site_gen.auth_comp_id 
_struct_site_gen.auth_asym_id 
_struct_site_gen.auth_seq_id 
_struct_site_gen.label_atom_id 
_struct_site_gen.label_alt_id 
_struct_site_gen.symmetry 
_struct_site_gen.details 
1 AC1 6 ARG A 14 ? ARG A 14  . ? 1_555 ? 
2 AC1 6 PRO A 50 ? PRO A 50  . ? 1_555 ? 
3 AC1 6 GLU A 62 ? GLU A 62  . ? 1_555 ? 
4 AC1 6 THR A 63 ? THR A 63  . ? 1_555 ? 
5 AC1 6 ASN A 98 ? ASN A 98  . ? 1_555 ? 
6 AC1 6 HOH C .  ? HOH A 401 . ? 1_555 ? 
# 
_pdbx_entry_details.entry_id                   4O92 
_pdbx_entry_details.compound_details           ? 
_pdbx_entry_details.source_details             ? 
_pdbx_entry_details.nonpolymer_details         ? 
_pdbx_entry_details.sequence_details           ? 
_pdbx_entry_details.has_ligand_of_interest     ? 
_pdbx_entry_details.has_protein_modification   Y 
# 
loop_
_pdbx_validate_torsion.id 
_pdbx_validate_torsion.PDB_model_num 
_pdbx_validate_torsion.auth_comp_id 
_pdbx_validate_torsion.auth_asym_id 
_pdbx_validate_torsion.auth_seq_id 
_pdbx_validate_torsion.PDB_ins_code 
_pdbx_validate_torsion.label_alt_id 
_pdbx_validate_torsion.phi 
_pdbx_validate_torsion.psi 
1 1 ASP A 39  ? ? -107.44 77.27   
2 1 GLU A 62  ? ? 75.43   120.34  
3 1 LYS A 76  ? ? -118.88 70.01   
4 1 SER A 99  ? ? -91.19  -66.32  
5 1 PHE A 140 ? ? -118.31 -169.96 
6 1 PHE A 194 ? ? -67.94  2.32    
# 
_pdbx_SG_project.id                    1 
_pdbx_SG_project.project_name          'Enzyme Function Initiative' 
_pdbx_SG_project.full_name_of_center   ? 
_pdbx_SG_project.initial_of_center     ? 
# 
loop_
_pdbx_struct_mod_residue.id 
_pdbx_struct_mod_residue.label_asym_id 
_pdbx_struct_mod_residue.label_comp_id 
_pdbx_struct_mod_residue.label_seq_id 
_pdbx_struct_mod_residue.auth_asym_id 
_pdbx_struct_mod_residue.auth_comp_id 
_pdbx_struct_mod_residue.auth_seq_id 
_pdbx_struct_mod_residue.PDB_ins_code 
_pdbx_struct_mod_residue.parent_comp_id 
_pdbx_struct_mod_residue.details 
1 A MSE 1   A MSE 1   ? MET SELENOMETHIONINE 
2 A MSE 34  A MSE 34  ? MET SELENOMETHIONINE 
3 A MSE 105 A MSE 105 ? MET SELENOMETHIONINE 
# 
loop_
_pdbx_unobs_or_zero_occ_residues.id 
_pdbx_unobs_or_zero_occ_residues.PDB_model_num 
_pdbx_unobs_or_zero_occ_residues.polymer_flag 
_pdbx_unobs_or_zero_occ_residues.occupancy_flag 
_pdbx_unobs_or_zero_occ_residues.auth_asym_id 
_pdbx_unobs_or_zero_occ_residues.auth_comp_id 
_pdbx_unobs_or_zero_occ_residues.auth_seq_id 
_pdbx_unobs_or_zero_occ_residues.PDB_ins_code 
_pdbx_unobs_or_zero_occ_residues.label_asym_id 
_pdbx_unobs_or_zero_occ_residues.label_comp_id 
_pdbx_unobs_or_zero_occ_residues.label_seq_id 
1  1 Y 1 A HIS 197 ? A HIS 197 
2  1 Y 1 A HIS 198 ? A HIS 198 
3  1 Y 1 A HIS 199 ? A HIS 199 
4  1 Y 1 A HIS 200 ? A HIS 200 
5  1 Y 1 A HIS 201 ? A HIS 201 
6  1 Y 1 A HIS 202 ? A HIS 202 
7  1 Y 1 A HIS 203 ? A HIS 203 
8  1 Y 1 A HIS 204 ? A HIS 204 
9  1 Y 1 A HIS 205 ? A HIS 205 
10 1 Y 1 A HIS 206 ? A HIS 206 
# 
loop_
_chem_comp_atom.comp_id 
_chem_comp_atom.atom_id 
_chem_comp_atom.type_symbol 
_chem_comp_atom.pdbx_aromatic_flag 
_chem_comp_atom.pdbx_stereo_config 
_chem_comp_atom.pdbx_ordinal 
ALA N    N  N N 1   
ALA CA   C  N S 2   
ALA C    C  N N 3   
ALA O    O  N N 4   
ALA CB   C  N N 5   
ALA OXT  O  N N 6   
ALA H    H  N N 7   
ALA H2   H  N N 8   
ALA HA   H  N N 9   
ALA HB1  H  N N 10  
ALA HB2  H  N N 11  
ALA HB3  H  N N 12  
ALA HXT  H  N N 13  
ARG N    N  N N 14  
ARG CA   C  N S 15  
ARG C    C  N N 16  
ARG O    O  N N 17  
ARG CB   C  N N 18  
ARG CG   C  N N 19  
ARG CD   C  N N 20  
ARG NE   N  N N 21  
ARG CZ   C  N N 22  
ARG NH1  N  N N 23  
ARG NH2  N  N N 24  
ARG OXT  O  N N 25  
ARG H    H  N N 26  
ARG H2   H  N N 27  
ARG HA   H  N N 28  
ARG HB2  H  N N 29  
ARG HB3  H  N N 30  
ARG HG2  H  N N 31  
ARG HG3  H  N N 32  
ARG HD2  H  N N 33  
ARG HD3  H  N N 34  
ARG HE   H  N N 35  
ARG HH11 H  N N 36  
ARG HH12 H  N N 37  
ARG HH21 H  N N 38  
ARG HH22 H  N N 39  
ARG HXT  H  N N 40  
ASN N    N  N N 41  
ASN CA   C  N S 42  
ASN C    C  N N 43  
ASN O    O  N N 44  
ASN CB   C  N N 45  
ASN CG   C  N N 46  
ASN OD1  O  N N 47  
ASN ND2  N  N N 48  
ASN OXT  O  N N 49  
ASN H    H  N N 50  
ASN H2   H  N N 51  
ASN HA   H  N N 52  
ASN HB2  H  N N 53  
ASN HB3  H  N N 54  
ASN HD21 H  N N 55  
ASN HD22 H  N N 56  
ASN HXT  H  N N 57  
ASP N    N  N N 58  
ASP CA   C  N S 59  
ASP C    C  N N 60  
ASP O    O  N N 61  
ASP CB   C  N N 62  
ASP CG   C  N N 63  
ASP OD1  O  N N 64  
ASP OD2  O  N N 65  
ASP OXT  O  N N 66  
ASP H    H  N N 67  
ASP H2   H  N N 68  
ASP HA   H  N N 69  
ASP HB2  H  N N 70  
ASP HB3  H  N N 71  
ASP HD2  H  N N 72  
ASP HXT  H  N N 73  
CYS N    N  N N 74  
CYS CA   C  N R 75  
CYS C    C  N N 76  
CYS O    O  N N 77  
CYS CB   C  N N 78  
CYS SG   S  N N 79  
CYS OXT  O  N N 80  
CYS H    H  N N 81  
CYS H2   H  N N 82  
CYS HA   H  N N 83  
CYS HB2  H  N N 84  
CYS HB3  H  N N 85  
CYS HG   H  N N 86  
CYS HXT  H  N N 87  
GLN N    N  N N 88  
GLN CA   C  N S 89  
GLN C    C  N N 90  
GLN O    O  N N 91  
GLN CB   C  N N 92  
GLN CG   C  N N 93  
GLN CD   C  N N 94  
GLN OE1  O  N N 95  
GLN NE2  N  N N 96  
GLN OXT  O  N N 97  
GLN H    H  N N 98  
GLN H2   H  N N 99  
GLN HA   H  N N 100 
GLN HB2  H  N N 101 
GLN HB3  H  N N 102 
GLN HG2  H  N N 103 
GLN HG3  H  N N 104 
GLN HE21 H  N N 105 
GLN HE22 H  N N 106 
GLN HXT  H  N N 107 
GLU N    N  N N 108 
GLU CA   C  N S 109 
GLU C    C  N N 110 
GLU O    O  N N 111 
GLU CB   C  N N 112 
GLU CG   C  N N 113 
GLU CD   C  N N 114 
GLU OE1  O  N N 115 
GLU OE2  O  N N 116 
GLU OXT  O  N N 117 
GLU H    H  N N 118 
GLU H2   H  N N 119 
GLU HA   H  N N 120 
GLU HB2  H  N N 121 
GLU HB3  H  N N 122 
GLU HG2  H  N N 123 
GLU HG3  H  N N 124 
GLU HE2  H  N N 125 
GLU HXT  H  N N 126 
GLY N    N  N N 127 
GLY CA   C  N N 128 
GLY C    C  N N 129 
GLY O    O  N N 130 
GLY OXT  O  N N 131 
GLY H    H  N N 132 
GLY H2   H  N N 133 
GLY HA2  H  N N 134 
GLY HA3  H  N N 135 
GLY HXT  H  N N 136 
HIS N    N  N N 137 
HIS CA   C  N S 138 
HIS C    C  N N 139 
HIS O    O  N N 140 
HIS CB   C  N N 141 
HIS CG   C  Y N 142 
HIS ND1  N  Y N 143 
HIS CD2  C  Y N 144 
HIS CE1  C  Y N 145 
HIS NE2  N  Y N 146 
HIS OXT  O  N N 147 
HIS H    H  N N 148 
HIS H2   H  N N 149 
HIS HA   H  N N 150 
HIS HB2  H  N N 151 
HIS HB3  H  N N 152 
HIS HD1  H  N N 153 
HIS HD2  H  N N 154 
HIS HE1  H  N N 155 
HIS HE2  H  N N 156 
HIS HXT  H  N N 157 
HOH O    O  N N 158 
HOH H1   H  N N 159 
HOH H2   H  N N 160 
ILE N    N  N N 161 
ILE CA   C  N S 162 
ILE C    C  N N 163 
ILE O    O  N N 164 
ILE CB   C  N S 165 
ILE CG1  C  N N 166 
ILE CG2  C  N N 167 
ILE CD1  C  N N 168 
ILE OXT  O  N N 169 
ILE H    H  N N 170 
ILE H2   H  N N 171 
ILE HA   H  N N 172 
ILE HB   H  N N 173 
ILE HG12 H  N N 174 
ILE HG13 H  N N 175 
ILE HG21 H  N N 176 
ILE HG22 H  N N 177 
ILE HG23 H  N N 178 
ILE HD11 H  N N 179 
ILE HD12 H  N N 180 
ILE HD13 H  N N 181 
ILE HXT  H  N N 182 
LEU N    N  N N 183 
LEU CA   C  N S 184 
LEU C    C  N N 185 
LEU O    O  N N 186 
LEU CB   C  N N 187 
LEU CG   C  N N 188 
LEU CD1  C  N N 189 
LEU CD2  C  N N 190 
LEU OXT  O  N N 191 
LEU H    H  N N 192 
LEU H2   H  N N 193 
LEU HA   H  N N 194 
LEU HB2  H  N N 195 
LEU HB3  H  N N 196 
LEU HG   H  N N 197 
LEU HD11 H  N N 198 
LEU HD12 H  N N 199 
LEU HD13 H  N N 200 
LEU HD21 H  N N 201 
LEU HD22 H  N N 202 
LEU HD23 H  N N 203 
LEU HXT  H  N N 204 
LYS N    N  N N 205 
LYS CA   C  N S 206 
LYS C    C  N N 207 
LYS O    O  N N 208 
LYS CB   C  N N 209 
LYS CG   C  N N 210 
LYS CD   C  N N 211 
LYS CE   C  N N 212 
LYS NZ   N  N N 213 
LYS OXT  O  N N 214 
LYS H    H  N N 215 
LYS H2   H  N N 216 
LYS HA   H  N N 217 
LYS HB2  H  N N 218 
LYS HB3  H  N N 219 
LYS HG2  H  N N 220 
LYS HG3  H  N N 221 
LYS HD2  H  N N 222 
LYS HD3  H  N N 223 
LYS HE2  H  N N 224 
LYS HE3  H  N N 225 
LYS HZ1  H  N N 226 
LYS HZ2  H  N N 227 
LYS HZ3  H  N N 228 
LYS HXT  H  N N 229 
MSE N    N  N N 230 
MSE CA   C  N S 231 
MSE C    C  N N 232 
MSE O    O  N N 233 
MSE OXT  O  N N 234 
MSE CB   C  N N 235 
MSE CG   C  N N 236 
MSE SE   SE N N 237 
MSE CE   C  N N 238 
MSE H    H  N N 239 
MSE H2   H  N N 240 
MSE HA   H  N N 241 
MSE HXT  H  N N 242 
MSE HB2  H  N N 243 
MSE HB3  H  N N 244 
MSE HG2  H  N N 245 
MSE HG3  H  N N 246 
MSE HE1  H  N N 247 
MSE HE2  H  N N 248 
MSE HE3  H  N N 249 
PHE N    N  N N 250 
PHE CA   C  N S 251 
PHE C    C  N N 252 
PHE O    O  N N 253 
PHE CB   C  N N 254 
PHE CG   C  Y N 255 
PHE CD1  C  Y N 256 
PHE CD2  C  Y N 257 
PHE CE1  C  Y N 258 
PHE CE2  C  Y N 259 
PHE CZ   C  Y N 260 
PHE OXT  O  N N 261 
PHE H    H  N N 262 
PHE H2   H  N N 263 
PHE HA   H  N N 264 
PHE HB2  H  N N 265 
PHE HB3  H  N N 266 
PHE HD1  H  N N 267 
PHE HD2  H  N N 268 
PHE HE1  H  N N 269 
PHE HE2  H  N N 270 
PHE HZ   H  N N 271 
PHE HXT  H  N N 272 
PRO N    N  N N 273 
PRO CA   C  N S 274 
PRO C    C  N N 275 
PRO O    O  N N 276 
PRO CB   C  N N 277 
PRO CG   C  N N 278 
PRO CD   C  N N 279 
PRO OXT  O  N N 280 
PRO H    H  N N 281 
PRO HA   H  N N 282 
PRO HB2  H  N N 283 
PRO HB3  H  N N 284 
PRO HG2  H  N N 285 
PRO HG3  H  N N 286 
PRO HD2  H  N N 287 
PRO HD3  H  N N 288 
PRO HXT  H  N N 289 
SER N    N  N N 290 
SER CA   C  N S 291 
SER C    C  N N 292 
SER O    O  N N 293 
SER CB   C  N N 294 
SER OG   O  N N 295 
SER OXT  O  N N 296 
SER H    H  N N 297 
SER H2   H  N N 298 
SER HA   H  N N 299 
SER HB2  H  N N 300 
SER HB3  H  N N 301 
SER HG   H  N N 302 
SER HXT  H  N N 303 
SO4 S    S  N N 304 
SO4 O1   O  N N 305 
SO4 O2   O  N N 306 
SO4 O3   O  N N 307 
SO4 O4   O  N N 308 
THR N    N  N N 309 
THR CA   C  N S 310 
THR C    C  N N 311 
THR O    O  N N 312 
THR CB   C  N R 313 
THR OG1  O  N N 314 
THR CG2  C  N N 315 
THR OXT  O  N N 316 
THR H    H  N N 317 
THR H2   H  N N 318 
THR HA   H  N N 319 
THR HB   H  N N 320 
THR HG1  H  N N 321 
THR HG21 H  N N 322 
THR HG22 H  N N 323 
THR HG23 H  N N 324 
THR HXT  H  N N 325 
TRP N    N  N N 326 
TRP CA   C  N S 327 
TRP C    C  N N 328 
TRP O    O  N N 329 
TRP CB   C  N N 330 
TRP CG   C  Y N 331 
TRP CD1  C  Y N 332 
TRP CD2  C  Y N 333 
TRP NE1  N  Y N 334 
TRP CE2  C  Y N 335 
TRP CE3  C  Y N 336 
TRP CZ2  C  Y N 337 
TRP CZ3  C  Y N 338 
TRP CH2  C  Y N 339 
TRP OXT  O  N N 340 
TRP H    H  N N 341 
TRP H2   H  N N 342 
TRP HA   H  N N 343 
TRP HB2  H  N N 344 
TRP HB3  H  N N 345 
TRP HD1  H  N N 346 
TRP HE1  H  N N 347 
TRP HE3  H  N N 348 
TRP HZ2  H  N N 349 
TRP HZ3  H  N N 350 
TRP HH2  H  N N 351 
TRP HXT  H  N N 352 
TYR N    N  N N 353 
TYR CA   C  N S 354 
TYR C    C  N N 355 
TYR O    O  N N 356 
TYR CB   C  N N 357 
TYR CG   C  Y N 358 
TYR CD1  C  Y N 359 
TYR CD2  C  Y N 360 
TYR CE1  C  Y N 361 
TYR CE2  C  Y N 362 
TYR CZ   C  Y N 363 
TYR OH   O  N N 364 
TYR OXT  O  N N 365 
TYR H    H  N N 366 
TYR H2   H  N N 367 
TYR HA   H  N N 368 
TYR HB2  H  N N 369 
TYR HB3  H  N N 370 
TYR HD1  H  N N 371 
TYR HD2  H  N N 372 
TYR HE1  H  N N 373 
TYR HE2  H  N N 374 
TYR HH   H  N N 375 
TYR HXT  H  N N 376 
VAL N    N  N N 377 
VAL CA   C  N S 378 
VAL C    C  N N 379 
VAL O    O  N N 380 
VAL CB   C  N N 381 
VAL CG1  C  N N 382 
VAL CG2  C  N N 383 
VAL OXT  O  N N 384 
VAL H    H  N N 385 
VAL H2   H  N N 386 
VAL HA   H  N N 387 
VAL HB   H  N N 388 
VAL HG11 H  N N 389 
VAL HG12 H  N N 390 
VAL HG13 H  N N 391 
VAL HG21 H  N N 392 
VAL HG22 H  N N 393 
VAL HG23 H  N N 394 
VAL HXT  H  N N 395 
# 
loop_
_chem_comp_bond.comp_id 
_chem_comp_bond.atom_id_1 
_chem_comp_bond.atom_id_2 
_chem_comp_bond.value_order 
_chem_comp_bond.pdbx_aromatic_flag 
_chem_comp_bond.pdbx_stereo_config 
_chem_comp_bond.pdbx_ordinal 
ALA N   CA   sing N N 1   
ALA N   H    sing N N 2   
ALA N   H2   sing N N 3   
ALA CA  C    sing N N 4   
ALA CA  CB   sing N N 5   
ALA CA  HA   sing N N 6   
ALA C   O    doub N N 7   
ALA C   OXT  sing N N 8   
ALA CB  HB1  sing N N 9   
ALA CB  HB2  sing N N 10  
ALA CB  HB3  sing N N 11  
ALA OXT HXT  sing N N 12  
ARG N   CA   sing N N 13  
ARG N   H    sing N N 14  
ARG N   H2   sing N N 15  
ARG CA  C    sing N N 16  
ARG CA  CB   sing N N 17  
ARG CA  HA   sing N N 18  
ARG C   O    doub N N 19  
ARG C   OXT  sing N N 20  
ARG CB  CG   sing N N 21  
ARG CB  HB2  sing N N 22  
ARG CB  HB3  sing N N 23  
ARG CG  CD   sing N N 24  
ARG CG  HG2  sing N N 25  
ARG CG  HG3  sing N N 26  
ARG CD  NE   sing N N 27  
ARG CD  HD2  sing N N 28  
ARG CD  HD3  sing N N 29  
ARG NE  CZ   sing N N 30  
ARG NE  HE   sing N N 31  
ARG CZ  NH1  sing N N 32  
ARG CZ  NH2  doub N N 33  
ARG NH1 HH11 sing N N 34  
ARG NH1 HH12 sing N N 35  
ARG NH2 HH21 sing N N 36  
ARG NH2 HH22 sing N N 37  
ARG OXT HXT  sing N N 38  
ASN N   CA   sing N N 39  
ASN N   H    sing N N 40  
ASN N   H2   sing N N 41  
ASN CA  C    sing N N 42  
ASN CA  CB   sing N N 43  
ASN CA  HA   sing N N 44  
ASN C   O    doub N N 45  
ASN C   OXT  sing N N 46  
ASN CB  CG   sing N N 47  
ASN CB  HB2  sing N N 48  
ASN CB  HB3  sing N N 49  
ASN CG  OD1  doub N N 50  
ASN CG  ND2  sing N N 51  
ASN ND2 HD21 sing N N 52  
ASN ND2 HD22 sing N N 53  
ASN OXT HXT  sing N N 54  
ASP N   CA   sing N N 55  
ASP N   H    sing N N 56  
ASP N   H2   sing N N 57  
ASP CA  C    sing N N 58  
ASP CA  CB   sing N N 59  
ASP CA  HA   sing N N 60  
ASP C   O    doub N N 61  
ASP C   OXT  sing N N 62  
ASP CB  CG   sing N N 63  
ASP CB  HB2  sing N N 64  
ASP CB  HB3  sing N N 65  
ASP CG  OD1  doub N N 66  
ASP CG  OD2  sing N N 67  
ASP OD2 HD2  sing N N 68  
ASP OXT HXT  sing N N 69  
CYS N   CA   sing N N 70  
CYS N   H    sing N N 71  
CYS N   H2   sing N N 72  
CYS CA  C    sing N N 73  
CYS CA  CB   sing N N 74  
CYS CA  HA   sing N N 75  
CYS C   O    doub N N 76  
CYS C   OXT  sing N N 77  
CYS CB  SG   sing N N 78  
CYS CB  HB2  sing N N 79  
CYS CB  HB3  sing N N 80  
CYS SG  HG   sing N N 81  
CYS OXT HXT  sing N N 82  
GLN N   CA   sing N N 83  
GLN N   H    sing N N 84  
GLN N   H2   sing N N 85  
GLN CA  C    sing N N 86  
GLN CA  CB   sing N N 87  
GLN CA  HA   sing N N 88  
GLN C   O    doub N N 89  
GLN C   OXT  sing N N 90  
GLN CB  CG   sing N N 91  
GLN CB  HB2  sing N N 92  
GLN CB  HB3  sing N N 93  
GLN CG  CD   sing N N 94  
GLN CG  HG2  sing N N 95  
GLN CG  HG3  sing N N 96  
GLN CD  OE1  doub N N 97  
GLN CD  NE2  sing N N 98  
GLN NE2 HE21 sing N N 99  
GLN NE2 HE22 sing N N 100 
GLN OXT HXT  sing N N 101 
GLU N   CA   sing N N 102 
GLU N   H    sing N N 103 
GLU N   H2   sing N N 104 
GLU CA  C    sing N N 105 
GLU CA  CB   sing N N 106 
GLU CA  HA   sing N N 107 
GLU C   O    doub N N 108 
GLU C   OXT  sing N N 109 
GLU CB  CG   sing N N 110 
GLU CB  HB2  sing N N 111 
GLU CB  HB3  sing N N 112 
GLU CG  CD   sing N N 113 
GLU CG  HG2  sing N N 114 
GLU CG  HG3  sing N N 115 
GLU CD  OE1  doub N N 116 
GLU CD  OE2  sing N N 117 
GLU OE2 HE2  sing N N 118 
GLU OXT HXT  sing N N 119 
GLY N   CA   sing N N 120 
GLY N   H    sing N N 121 
GLY N   H2   sing N N 122 
GLY CA  C    sing N N 123 
GLY CA  HA2  sing N N 124 
GLY CA  HA3  sing N N 125 
GLY C   O    doub N N 126 
GLY C   OXT  sing N N 127 
GLY OXT HXT  sing N N 128 
HIS N   CA   sing N N 129 
HIS N   H    sing N N 130 
HIS N   H2   sing N N 131 
HIS CA  C    sing N N 132 
HIS CA  CB   sing N N 133 
HIS CA  HA   sing N N 134 
HIS C   O    doub N N 135 
HIS C   OXT  sing N N 136 
HIS CB  CG   sing N N 137 
HIS CB  HB2  sing N N 138 
HIS CB  HB3  sing N N 139 
HIS CG  ND1  sing Y N 140 
HIS CG  CD2  doub Y N 141 
HIS ND1 CE1  doub Y N 142 
HIS ND1 HD1  sing N N 143 
HIS CD2 NE2  sing Y N 144 
HIS CD2 HD2  sing N N 145 
HIS CE1 NE2  sing Y N 146 
HIS CE1 HE1  sing N N 147 
HIS NE2 HE2  sing N N 148 
HIS OXT HXT  sing N N 149 
HOH O   H1   sing N N 150 
HOH O   H2   sing N N 151 
ILE N   CA   sing N N 152 
ILE N   H    sing N N 153 
ILE N   H2   sing N N 154 
ILE CA  C    sing N N 155 
ILE CA  CB   sing N N 156 
ILE CA  HA   sing N N 157 
ILE C   O    doub N N 158 
ILE C   OXT  sing N N 159 
ILE CB  CG1  sing N N 160 
ILE CB  CG2  sing N N 161 
ILE CB  HB   sing N N 162 
ILE CG1 CD1  sing N N 163 
ILE CG1 HG12 sing N N 164 
ILE CG1 HG13 sing N N 165 
ILE CG2 HG21 sing N N 166 
ILE CG2 HG22 sing N N 167 
ILE CG2 HG23 sing N N 168 
ILE CD1 HD11 sing N N 169 
ILE CD1 HD12 sing N N 170 
ILE CD1 HD13 sing N N 171 
ILE OXT HXT  sing N N 172 
LEU N   CA   sing N N 173 
LEU N   H    sing N N 174 
LEU N   H2   sing N N 175 
LEU CA  C    sing N N 176 
LEU CA  CB   sing N N 177 
LEU CA  HA   sing N N 178 
LEU C   O    doub N N 179 
LEU C   OXT  sing N N 180 
LEU CB  CG   sing N N 181 
LEU CB  HB2  sing N N 182 
LEU CB  HB3  sing N N 183 
LEU CG  CD1  sing N N 184 
LEU CG  CD2  sing N N 185 
LEU CG  HG   sing N N 186 
LEU CD1 HD11 sing N N 187 
LEU CD1 HD12 sing N N 188 
LEU CD1 HD13 sing N N 189 
LEU CD2 HD21 sing N N 190 
LEU CD2 HD22 sing N N 191 
LEU CD2 HD23 sing N N 192 
LEU OXT HXT  sing N N 193 
LYS N   CA   sing N N 194 
LYS N   H    sing N N 195 
LYS N   H2   sing N N 196 
LYS CA  C    sing N N 197 
LYS CA  CB   sing N N 198 
LYS CA  HA   sing N N 199 
LYS C   O    doub N N 200 
LYS C   OXT  sing N N 201 
LYS CB  CG   sing N N 202 
LYS CB  HB2  sing N N 203 
LYS CB  HB3  sing N N 204 
LYS CG  CD   sing N N 205 
LYS CG  HG2  sing N N 206 
LYS CG  HG3  sing N N 207 
LYS CD  CE   sing N N 208 
LYS CD  HD2  sing N N 209 
LYS CD  HD3  sing N N 210 
LYS CE  NZ   sing N N 211 
LYS CE  HE2  sing N N 212 
LYS CE  HE3  sing N N 213 
LYS NZ  HZ1  sing N N 214 
LYS NZ  HZ2  sing N N 215 
LYS NZ  HZ3  sing N N 216 
LYS OXT HXT  sing N N 217 
MSE N   CA   sing N N 218 
MSE N   H    sing N N 219 
MSE N   H2   sing N N 220 
MSE CA  C    sing N N 221 
MSE CA  CB   sing N N 222 
MSE CA  HA   sing N N 223 
MSE C   O    doub N N 224 
MSE C   OXT  sing N N 225 
MSE OXT HXT  sing N N 226 
MSE CB  CG   sing N N 227 
MSE CB  HB2  sing N N 228 
MSE CB  HB3  sing N N 229 
MSE CG  SE   sing N N 230 
MSE CG  HG2  sing N N 231 
MSE CG  HG3  sing N N 232 
MSE SE  CE   sing N N 233 
MSE CE  HE1  sing N N 234 
MSE CE  HE2  sing N N 235 
MSE CE  HE3  sing N N 236 
PHE N   CA   sing N N 237 
PHE N   H    sing N N 238 
PHE N   H2   sing N N 239 
PHE CA  C    sing N N 240 
PHE CA  CB   sing N N 241 
PHE CA  HA   sing N N 242 
PHE C   O    doub N N 243 
PHE C   OXT  sing N N 244 
PHE CB  CG   sing N N 245 
PHE CB  HB2  sing N N 246 
PHE CB  HB3  sing N N 247 
PHE CG  CD1  doub Y N 248 
PHE CG  CD2  sing Y N 249 
PHE CD1 CE1  sing Y N 250 
PHE CD1 HD1  sing N N 251 
PHE CD2 CE2  doub Y N 252 
PHE CD2 HD2  sing N N 253 
PHE CE1 CZ   doub Y N 254 
PHE CE1 HE1  sing N N 255 
PHE CE2 CZ   sing Y N 256 
PHE CE2 HE2  sing N N 257 
PHE CZ  HZ   sing N N 258 
PHE OXT HXT  sing N N 259 
PRO N   CA   sing N N 260 
PRO N   CD   sing N N 261 
PRO N   H    sing N N 262 
PRO CA  C    sing N N 263 
PRO CA  CB   sing N N 264 
PRO CA  HA   sing N N 265 
PRO C   O    doub N N 266 
PRO C   OXT  sing N N 267 
PRO CB  CG   sing N N 268 
PRO CB  HB2  sing N N 269 
PRO CB  HB3  sing N N 270 
PRO CG  CD   sing N N 271 
PRO CG  HG2  sing N N 272 
PRO CG  HG3  sing N N 273 
PRO CD  HD2  sing N N 274 
PRO CD  HD3  sing N N 275 
PRO OXT HXT  sing N N 276 
SER N   CA   sing N N 277 
SER N   H    sing N N 278 
SER N   H2   sing N N 279 
SER CA  C    sing N N 280 
SER CA  CB   sing N N 281 
SER CA  HA   sing N N 282 
SER C   O    doub N N 283 
SER C   OXT  sing N N 284 
SER CB  OG   sing N N 285 
SER CB  HB2  sing N N 286 
SER CB  HB3  sing N N 287 
SER OG  HG   sing N N 288 
SER OXT HXT  sing N N 289 
SO4 S   O1   doub N N 290 
SO4 S   O2   doub N N 291 
SO4 S   O3   sing N N 292 
SO4 S   O4   sing N N 293 
THR N   CA   sing N N 294 
THR N   H    sing N N 295 
THR N   H2   sing N N 296 
THR CA  C    sing N N 297 
THR CA  CB   sing N N 298 
THR CA  HA   sing N N 299 
THR C   O    doub N N 300 
THR C   OXT  sing N N 301 
THR CB  OG1  sing N N 302 
THR CB  CG2  sing N N 303 
THR CB  HB   sing N N 304 
THR OG1 HG1  sing N N 305 
THR CG2 HG21 sing N N 306 
THR CG2 HG22 sing N N 307 
THR CG2 HG23 sing N N 308 
THR OXT HXT  sing N N 309 
TRP N   CA   sing N N 310 
TRP N   H    sing N N 311 
TRP N   H2   sing N N 312 
TRP CA  C    sing N N 313 
TRP CA  CB   sing N N 314 
TRP CA  HA   sing N N 315 
TRP C   O    doub N N 316 
TRP C   OXT  sing N N 317 
TRP CB  CG   sing N N 318 
TRP CB  HB2  sing N N 319 
TRP CB  HB3  sing N N 320 
TRP CG  CD1  doub Y N 321 
TRP CG  CD2  sing Y N 322 
TRP CD1 NE1  sing Y N 323 
TRP CD1 HD1  sing N N 324 
TRP CD2 CE2  doub Y N 325 
TRP CD2 CE3  sing Y N 326 
TRP NE1 CE2  sing Y N 327 
TRP NE1 HE1  sing N N 328 
TRP CE2 CZ2  sing Y N 329 
TRP CE3 CZ3  doub Y N 330 
TRP CE3 HE3  sing N N 331 
TRP CZ2 CH2  doub Y N 332 
TRP CZ2 HZ2  sing N N 333 
TRP CZ3 CH2  sing Y N 334 
TRP CZ3 HZ3  sing N N 335 
TRP CH2 HH2  sing N N 336 
TRP OXT HXT  sing N N 337 
TYR N   CA   sing N N 338 
TYR N   H    sing N N 339 
TYR N   H2   sing N N 340 
TYR CA  C    sing N N 341 
TYR CA  CB   sing N N 342 
TYR CA  HA   sing N N 343 
TYR C   O    doub N N 344 
TYR C   OXT  sing N N 345 
TYR CB  CG   sing N N 346 
TYR CB  HB2  sing N N 347 
TYR CB  HB3  sing N N 348 
TYR CG  CD1  doub Y N 349 
TYR CG  CD2  sing Y N 350 
TYR CD1 CE1  sing Y N 351 
TYR CD1 HD1  sing N N 352 
TYR CD2 CE2  doub Y N 353 
TYR CD2 HD2  sing N N 354 
TYR CE1 CZ   doub Y N 355 
TYR CE1 HE1  sing N N 356 
TYR CE2 CZ   sing Y N 357 
TYR CE2 HE2  sing N N 358 
TYR CZ  OH   sing N N 359 
TYR OH  HH   sing N N 360 
TYR OXT HXT  sing N N 361 
VAL N   CA   sing N N 362 
VAL N   H    sing N N 363 
VAL N   H2   sing N N 364 
VAL CA  C    sing N N 365 
VAL CA  CB   sing N N 366 
VAL CA  HA   sing N N 367 
VAL C   O    doub N N 368 
VAL C   OXT  sing N N 369 
VAL CB  CG1  sing N N 370 
VAL CB  CG2  sing N N 371 
VAL CB  HB   sing N N 372 
VAL CG1 HG11 sing N N 373 
VAL CG1 HG12 sing N N 374 
VAL CG1 HG13 sing N N 375 
VAL CG2 HG21 sing N N 376 
VAL CG2 HG22 sing N N 377 
VAL CG2 HG23 sing N N 378 
VAL OXT HXT  sing N N 379 
# 
_atom_sites.entry_id                    4O92 
_atom_sites.fract_transf_matrix[1][1]   0.02045758 
_atom_sites.fract_transf_matrix[1][2]   0.00244186 
_atom_sites.fract_transf_matrix[1][3]   -0.00241624 
_atom_sites.fract_transf_matrix[2][1]   0.00113241 
_atom_sites.fract_transf_matrix[2][2]   0.00898149 
_atom_sites.fract_transf_matrix[2][3]   0.01866451 
_atom_sites.fract_transf_matrix[3][1]   0.00083582 
_atom_sites.fract_transf_matrix[3][2]   -0.00477767 
_atom_sites.fract_transf_matrix[3][3]   0.00224833 
_atom_sites.fract_transf_vector[1]      0.162579 
_atom_sites.fract_transf_vector[2]      0.156379 
_atom_sites.fract_transf_vector[3]      0.434941 
# 
loop_
_atom_type.symbol 
C  
N  
O  
S  
SE 
# 
loop_
_atom_site.group_PDB 
_atom_site.id 
_atom_site.type_symbol 
_atom_site.label_atom_id 
_atom_site.label_alt_id 
_atom_site.label_comp_id 
_atom_site.label_asym_id 
_atom_site.label_entity_id 
_atom_site.label_seq_id 
_atom_site.pdbx_PDB_ins_code 
_atom_site.Cartn_x 
_atom_site.Cartn_y 
_atom_site.Cartn_z 
_atom_site.occupancy 
_atom_site.B_iso_or_equiv 
_atom_site.pdbx_formal_charge 
_atom_site.auth_seq_id 
_atom_site.auth_comp_id 
_atom_site.auth_asym_id 
_atom_site.auth_atom_id 
_atom_site.pdbx_PDB_model_num 
HETATM 1    N  N   . MSE A 1 1   ? 21.428  7.741   -6.618  1.00 96.26  ? 1   MSE A N   1 
HETATM 2    C  CA  . MSE A 1 1   ? 21.365  6.618   -7.614  1.00 97.84  ? 1   MSE A CA  1 
HETATM 3    C  C   . MSE A 1 1   ? 20.251  5.674   -7.264  1.00 85.30  ? 1   MSE A C   1 
HETATM 4    O  O   . MSE A 1 1   ? 19.795  5.630   -6.116  1.00 79.83  ? 1   MSE A O   1 
HETATM 5    C  CB  . MSE A 1 1   ? 22.673  5.817   -7.715  1.00 109.94 ? 1   MSE A CB  1 
HETATM 6    C  CG  . MSE A 1 1   ? 23.110  5.158   -6.399  1.00 116.80 ? 1   MSE A CG  1 
HETATM 7    SE SE  . MSE A 1 1   ? 23.647  3.248   -6.544  1.00 150.19 ? 1   MSE A SE  1 
HETATM 8    C  CE  . MSE A 1 1   ? 23.143  2.616   -8.349  1.00 132.56 ? 1   MSE A CE  1 
ATOM   9    N  N   . THR A 1 2   ? 19.852  4.871   -8.248  1.00 73.71  ? 2   THR A N   1 
ATOM   10   C  CA  . THR A 1 2   ? 18.673  4.009   -8.122  1.00 68.32  ? 2   THR A CA  1 
ATOM   11   C  C   . THR A 1 2   ? 18.919  2.812   -7.162  1.00 65.17  ? 2   THR A C   1 
ATOM   12   O  O   . THR A 1 2   ? 19.928  2.103   -7.280  1.00 63.76  ? 2   THR A O   1 
ATOM   13   C  CB  . THR A 1 2   ? 18.134  3.507   -9.497  1.00 64.61  ? 2   THR A CB  1 
ATOM   14   O  OG1 . THR A 1 2   ? 18.224  2.081   -9.584  1.00 64.24  ? 2   THR A OG1 1 
ATOM   15   C  CG2 . THR A 1 2   ? 18.840  4.162   -10.702 1.00 63.17  ? 2   THR A CG2 1 
ATOM   16   N  N   . PHE A 1 3   ? 17.993  2.632   -6.215  1.00 54.37  ? 3   PHE A N   1 
ATOM   17   C  CA  . PHE A 1 3   ? 17.952  1.488   -5.269  1.00 50.35  ? 3   PHE A CA  1 
ATOM   18   C  C   . PHE A 1 3   ? 17.644  0.116   -5.915  1.00 47.47  ? 3   PHE A C   1 
ATOM   19   O  O   . PHE A 1 3   ? 18.068  -0.919  -5.399  1.00 48.97  ? 3   PHE A O   1 
ATOM   20   C  CB  . PHE A 1 3   ? 16.884  1.804   -4.232  1.00 54.92  ? 3   PHE A CB  1 
ATOM   21   C  CG  . PHE A 1 3   ? 16.767  0.807   -3.114  1.00 59.03  ? 3   PHE A CG  1 
ATOM   22   C  CD1 . PHE A 1 3   ? 17.832  0.576   -2.248  1.00 60.23  ? 3   PHE A CD1 1 
ATOM   23   C  CD2 . PHE A 1 3   ? 15.561  0.144   -2.883  1.00 55.48  ? 3   PHE A CD2 1 
ATOM   24   C  CE1 . PHE A 1 3   ? 17.704  -0.321  -1.188  1.00 58.87  ? 3   PHE A CE1 1 
ATOM   25   C  CE2 . PHE A 1 3   ? 15.436  -0.757  -1.838  1.00 55.13  ? 3   PHE A CE2 1 
ATOM   26   C  CZ  . PHE A 1 3   ? 16.504  -0.980  -0.977  1.00 57.29  ? 3   PHE A CZ  1 
ATOM   27   N  N   . GLY A 1 4   ? 16.902  0.096   -7.027  1.00 45.46  ? 4   GLY A N   1 
ATOM   28   C  CA  . GLY A 1 4   ? 16.596  -1.160  -7.731  1.00 41.04  ? 4   GLY A CA  1 
ATOM   29   C  C   . GLY A 1 4   ? 15.468  -1.085  -8.758  1.00 39.52  ? 4   GLY A C   1 
ATOM   30   O  O   . GLY A 1 4   ? 14.991  -0.014  -9.080  1.00 38.69  ? 4   GLY A O   1 
ATOM   31   N  N   . THR A 1 5   ? 15.065  -2.242  -9.285  1.00 38.74  ? 5   THR A N   1 
ATOM   32   C  CA  . THR A 1 5   ? 14.026  -2.360  -10.289 1.00 40.10  ? 5   THR A CA  1 
ATOM   33   C  C   . THR A 1 5   ? 12.819  -3.143  -9.721  1.00 45.70  ? 5   THR A C   1 
ATOM   34   O  O   . THR A 1 5   ? 12.991  -4.223  -9.138  1.00 43.60  ? 5   THR A O   1 
ATOM   35   C  CB  . THR A 1 5   ? 14.600  -3.102  -11.513 1.00 45.69  ? 5   THR A CB  1 
ATOM   36   O  OG1 . THR A 1 5   ? 15.748  -2.376  -12.021 1.00 52.05  ? 5   THR A OG1 1 
ATOM   37   C  CG2 . THR A 1 5   ? 13.563  -3.266  -12.598 1.00 41.66  ? 5   THR A CG2 1 
ATOM   38   N  N   . LEU A 1 6   ? 11.614  -2.583  -9.872  1.00 47.45  ? 6   LEU A N   1 
ATOM   39   C  CA  . LEU A 1 6   ? 10.372  -3.198  -9.370  1.00 45.22  ? 6   LEU A CA  1 
ATOM   40   C  C   . LEU A 1 6   ? 9.568   -3.640  -10.558 1.00 44.57  ? 6   LEU A C   1 
ATOM   41   O  O   . LEU A 1 6   ? 9.377   -2.879  -11.495 1.00 45.67  ? 6   LEU A O   1 
ATOM   42   C  CB  . LEU A 1 6   ? 9.546   -2.213  -8.542  1.00 45.33  ? 6   LEU A CB  1 
ATOM   43   C  CG  . LEU A 1 6   ? 8.294   -2.799  -7.880  1.00 45.97  ? 6   LEU A CG  1 
ATOM   44   C  CD1 . LEU A 1 6   ? 8.613   -3.558  -6.601  1.00 44.48  ? 6   LEU A CD1 1 
ATOM   45   C  CD2 . LEU A 1 6   ? 7.279   -1.718  -7.586  1.00 45.44  ? 6   LEU A CD2 1 
ATOM   46   N  N   . TYR A 1 7   ? 9.127   -4.887  -10.525 1.00 46.39  ? 7   TYR A N   1 
ATOM   47   C  CA  . TYR A 1 7   ? 8.408   -5.507  -11.638 1.00 45.93  ? 7   TYR A CA  1 
ATOM   48   C  C   . TYR A 1 7   ? 6.945   -5.672  -11.215 1.00 47.23  ? 7   TYR A C   1 
ATOM   49   O  O   . TYR A 1 7   ? 6.656   -6.341  -10.217 1.00 46.74  ? 7   TYR A O   1 
ATOM   50   C  CB  . TYR A 1 7   ? 9.041   -6.864  -12.009 1.00 47.39  ? 7   TYR A CB  1 
ATOM   51   C  CG  . TYR A 1 7   ? 10.510  -6.776  -12.427 1.00 50.20  ? 7   TYR A CG  1 
ATOM   52   C  CD1 . TYR A 1 7   ? 11.526  -6.715  -11.477 1.00 50.69  ? 7   TYR A CD1 1 
ATOM   53   C  CD2 . TYR A 1 7   ? 10.873  -6.709  -13.775 1.00 51.70  ? 7   TYR A CD2 1 
ATOM   54   C  CE1 . TYR A 1 7   ? 12.859  -6.600  -11.858 1.00 53.72  ? 7   TYR A CE1 1 
ATOM   55   C  CE2 . TYR A 1 7   ? 12.203  -6.600  -14.168 1.00 49.20  ? 7   TYR A CE2 1 
ATOM   56   C  CZ  . TYR A 1 7   ? 13.195  -6.559  -13.213 1.00 56.86  ? 7   TYR A CZ  1 
ATOM   57   O  OH  . TYR A 1 7   ? 14.527  -6.462  -13.600 1.00 59.14  ? 7   TYR A OH  1 
ATOM   58   N  N   . ILE A 1 8   ? 6.044   -5.041  -11.968 1.00 47.00  ? 8   ILE A N   1 
ATOM   59   C  CA  . ILE A 1 8   ? 4.625   -4.986  -11.645 1.00 47.16  ? 8   ILE A CA  1 
ATOM   60   C  C   . ILE A 1 8   ? 3.755   -5.620  -12.732 1.00 50.15  ? 8   ILE A C   1 
ATOM   61   O  O   . ILE A 1 8   ? 4.210   -5.865  -13.845 1.00 49.44  ? 8   ILE A O   1 
ATOM   62   C  CB  . ILE A 1 8   ? 4.136   -3.523  -11.424 1.00 47.32  ? 8   ILE A CB  1 
ATOM   63   C  CG1 . ILE A 1 8   ? 4.004   -2.762  -12.748 1.00 46.86  ? 8   ILE A CG1 1 
ATOM   64   C  CG2 . ILE A 1 8   ? 5.058   -2.788  -10.448 1.00 47.70  ? 8   ILE A CG2 1 
ATOM   65   C  CD1 . ILE A 1 8   ? 3.543   -1.329  -12.584 1.00 44.77  ? 8   ILE A CD1 1 
ATOM   66   N  N   . LEU A 1 9   ? 2.500   -5.870  -12.373 1.00 50.94  ? 9   LEU A N   1 
ATOM   67   C  CA  . LEU A 1 9   ? 1.447   -6.210  -13.321 1.00 54.65  ? 9   LEU A CA  1 
ATOM   68   C  C   . LEU A 1 9   ? 0.569   -4.952  -13.589 1.00 53.89  ? 9   LEU A C   1 
ATOM   69   O  O   . LEU A 1 9   ? -0.309  -4.622  -12.784 1.00 55.68  ? 9   LEU A O   1 
ATOM   70   C  CB  . LEU A 1 9   ? 0.594   -7.325  -12.738 1.00 58.01  ? 9   LEU A CB  1 
ATOM   71   C  CG  . LEU A 1 9   ? -0.595  -7.730  -13.608 1.00 60.26  ? 9   LEU A CG  1 
ATOM   72   C  CD1 . LEU A 1 9   ? -0.111  -8.307  -14.926 1.00 60.63  ? 9   LEU A CD1 1 
ATOM   73   C  CD2 . LEU A 1 9   ? -1.428  -8.744  -12.861 1.00 62.63  ? 9   LEU A CD2 1 
ATOM   74   N  N   . PRO A 1 10  ? 0.813   -4.245  -14.705 1.00 52.08  ? 10  PRO A N   1 
ATOM   75   C  CA  . PRO A 1 10  ? 0.319   -2.866  -14.836 1.00 51.58  ? 10  PRO A CA  1 
ATOM   76   C  C   . PRO A 1 10  ? -1.188  -2.653  -14.700 1.00 49.66  ? 10  PRO A C   1 
ATOM   77   O  O   . PRO A 1 10  ? -1.597  -1.649  -14.108 1.00 51.37  ? 10  PRO A O   1 
ATOM   78   C  CB  . PRO A 1 10  ? 0.774   -2.476  -16.243 1.00 53.80  ? 10  PRO A CB  1 
ATOM   79   C  CG  . PRO A 1 10  ? 2.014   -3.289  -16.466 1.00 53.39  ? 10  PRO A CG  1 
ATOM   80   C  CD  . PRO A 1 10  ? 1.669   -4.615  -15.854 1.00 54.53  ? 10  PRO A CD  1 
ATOM   81   N  N   . PRO A 1 11  ? -2.007  -3.564  -15.260 1.00 46.23  ? 11  PRO A N   1 
ATOM   82   C  CA  . PRO A 1 11  ? -3.468  -3.424  -15.130 1.00 49.39  ? 11  PRO A CA  1 
ATOM   83   C  C   . PRO A 1 11  ? -3.965  -3.460  -13.690 1.00 50.57  ? 11  PRO A C   1 
ATOM   84   O  O   . PRO A 1 11  ? -4.955  -2.796  -13.387 1.00 53.01  ? 11  PRO A O   1 
ATOM   85   C  CB  . PRO A 1 11  ? -4.024  -4.640  -15.881 1.00 47.05  ? 11  PRO A CB  1 
ATOM   86   C  CG  . PRO A 1 11  ? -2.908  -5.091  -16.774 1.00 45.85  ? 11  PRO A CG  1 
ATOM   87   C  CD  . PRO A 1 11  ? -1.640  -4.758  -16.045 1.00 46.14  ? 11  PRO A CD  1 
ATOM   88   N  N   . SER A 1 12  ? -3.286  -4.215  -12.821 1.00 47.67  ? 12  SER A N   1 
ATOM   89   C  CA  . SER A 1 12  ? -3.657  -4.307  -11.396 1.00 47.35  ? 12  SER A CA  1 
ATOM   90   C  C   . SER A 1 12  ? -3.500  -2.987  -10.689 1.00 45.49  ? 12  SER A C   1 
ATOM   91   O  O   . SER A 1 12  ? -2.415  -2.409  -10.734 1.00 47.99  ? 12  SER A O   1 
ATOM   92   C  CB  . SER A 1 12  ? -2.801  -5.341  -10.649 1.00 49.30  ? 12  SER A CB  1 
ATOM   93   O  OG  . SER A 1 12  ? -2.910  -5.157  -9.240  1.00 45.10  ? 12  SER A OG  1 
ATOM   94   N  N   . PRO A 1 13  ? -4.560  -2.524  -9.994  1.00 42.34  ? 13  PRO A N   1 
ATOM   95   C  CA  . PRO A 1 13  ? -4.456  -1.306  -9.184  1.00 38.64  ? 13  PRO A CA  1 
ATOM   96   C  C   . PRO A 1 13  ? -3.581  -1.457  -7.911  1.00 43.96  ? 13  PRO A C   1 
ATOM   97   O  O   . PRO A 1 13  ? -3.215  -0.444  -7.275  1.00 42.21  ? 13  PRO A O   1 
ATOM   98   C  CB  . PRO A 1 13  ? -5.911  -1.013  -8.810  1.00 40.11  ? 13  PRO A CB  1 
ATOM   99   C  CG  . PRO A 1 13  ? -6.621  -2.313  -8.912  1.00 40.21  ? 13  PRO A CG  1 
ATOM   100  C  CD  . PRO A 1 13  ? -5.937  -3.066  -10.015 1.00 41.88  ? 13  PRO A CD  1 
ATOM   101  N  N   . ARG A 1 14  ? -3.268  -2.699  -7.534  1.00 44.60  ? 14  ARG A N   1 
ATOM   102  C  CA  . ARG A 1 14  ? -2.265  -2.991  -6.475  1.00 50.35  ? 14  ARG A CA  1 
ATOM   103  C  C   . ARG A 1 14  ? -0.816  -2.561  -6.858  1.00 49.40  ? 14  ARG A C   1 
ATOM   104  O  O   . ARG A 1 14  ? 0.091   -2.523  -6.015  1.00 46.27  ? 14  ARG A O   1 
ATOM   105  C  CB  . ARG A 1 14  ? -2.251  -4.488  -6.160  1.00 56.22  ? 14  ARG A CB  1 
ATOM   106  C  CG  . ARG A 1 14  ? -3.627  -5.130  -6.002  1.00 61.87  ? 14  ARG A CG  1 
ATOM   107  C  CD  . ARG A 1 14  ? -3.517  -6.579  -5.556  1.00 68.36  ? 14  ARG A CD  1 
ATOM   108  N  NE  . ARG A 1 14  ? -3.243  -6.677  -4.121  1.00 78.53  ? 14  ARG A NE  1 
ATOM   109  C  CZ  . ARG A 1 14  ? -2.456  -7.583  -3.556  1.00 79.67  ? 14  ARG A CZ  1 
ATOM   110  N  NH1 . ARG A 1 14  ? -1.819  -8.498  -4.274  1.00 80.19  ? 14  ARG A NH1 1 
ATOM   111  N  NH2 . ARG A 1 14  ? -2.292  -7.563  -2.249  1.00 87.16  ? 14  ARG A NH2 1 
ATOM   112  N  N   . SER A 1 15  ? -0.624  -2.229  -8.135  1.00 45.95  ? 15  SER A N   1 
ATOM   113  C  CA  . SER A 1 15  ? 0.669   -1.800  -8.662  1.00 42.94  ? 15  SER A CA  1 
ATOM   114  C  C   . SER A 1 15  ? 1.110   -0.461  -8.085  1.00 40.01  ? 15  SER A C   1 
ATOM   115  O  O   . SER A 1 15  ? 2.266   -0.164  -8.051  1.00 43.24  ? 15  SER A O   1 
ATOM   116  C  CB  . SER A 1 15  ? 0.604   -1.743  -10.196 1.00 44.80  ? 15  SER A CB  1 
ATOM   117  O  OG  . SER A 1 15  ? 0.374   -3.050  -10.752 1.00 47.38  ? 15  SER A OG  1 
ATOM   118  N  N   . ALA A 1 16  ? 0.187   0.311   -7.551  1.00 41.91  ? 16  ALA A N   1 
ATOM   119  C  CA  . ALA A 1 16  ? 0.494   1.638   -7.030  1.00 42.29  ? 16  ALA A CA  1 
ATOM   120  C  C   . ALA A 1 16  ? 1.216   1.668   -5.678  1.00 45.27  ? 16  ALA A C   1 
ATOM   121  O  O   . ALA A 1 16  ? 1.975   2.602   -5.408  1.00 51.33  ? 16  ALA A O   1 
ATOM   122  C  CB  . ALA A 1 16  ? -0.784  2.442   -6.923  1.00 37.96  ? 16  ALA A CB  1 
ATOM   123  N  N   . TRP A 1 17  ? 0.932   0.693   -4.826  1.00 44.40  ? 17  TRP A N   1 
ATOM   124  C  CA  . TRP A 1 17  ? 1.459   0.663   -3.459  1.00 44.33  ? 17  TRP A CA  1 
ATOM   125  C  C   . TRP A 1 17  ? 2.980   0.875   -3.346  1.00 41.72  ? 17  TRP A C   1 
ATOM   126  O  O   . TRP A 1 17  ? 3.446   1.783   -2.671  1.00 42.10  ? 17  TRP A O   1 
ATOM   127  C  CB  . TRP A 1 17  ? 1.111   -0.683  -2.827  1.00 49.22  ? 17  TRP A CB  1 
ATOM   128  C  CG  . TRP A 1 17  ? -0.081  -0.671  -1.976  1.00 52.40  ? 17  TRP A CG  1 
ATOM   129  C  CD1 . TRP A 1 17  ? -1.234  0.031   -2.174  1.00 50.09  ? 17  TRP A CD1 1 
ATOM   130  C  CD2 . TRP A 1 17  ? -0.262  -1.417  -0.767  1.00 55.48  ? 17  TRP A CD2 1 
ATOM   131  N  NE1 . TRP A 1 17  ? -2.115  -0.212  -1.141  1.00 49.41  ? 17  TRP A NE1 1 
ATOM   132  C  CE2 . TRP A 1 17  ? -1.552  -1.109  -0.273  1.00 50.30  ? 17  TRP A CE2 1 
ATOM   133  C  CE3 . TRP A 1 17  ? 0.538   -2.317  -0.055  1.00 54.84  ? 17  TRP A CE3 1 
ATOM   134  C  CZ2 . TRP A 1 17  ? -2.052  -1.649  0.912   1.00 48.96  ? 17  TRP A CZ2 1 
ATOM   135  C  CZ3 . TRP A 1 17  ? 0.022   -2.874  1.131   1.00 58.01  ? 17  TRP A CZ3 1 
ATOM   136  C  CH2 . TRP A 1 17  ? -1.260  -2.519  1.601   1.00 51.75  ? 17  TRP A CH2 1 
ATOM   137  N  N   . LEU A 1 18  ? 3.755   0.029   -3.999  1.00 36.74  ? 18  LEU A N   1 
ATOM   138  C  CA  . LEU A 1 18  ? 5.199   0.059   -3.800  1.00 37.42  ? 18  LEU A CA  1 
ATOM   139  C  C   . LEU A 1 18  ? 5.882   1.270   -4.412  1.00 36.78  ? 18  LEU A C   1 
ATOM   140  O  O   . LEU A 1 18  ? 6.733   1.874   -3.753  1.00 39.53  ? 18  LEU A O   1 
ATOM   141  C  CB  . LEU A 1 18  ? 5.841   -1.257  -4.251  1.00 37.65  ? 18  LEU A CB  1 
ATOM   142  C  CG  . LEU A 1 18  ? 5.442   -2.430  -3.329  1.00 37.40  ? 18  LEU A CG  1 
ATOM   143  C  CD1 . LEU A 1 18  ? 5.692   -3.776  -4.000  1.00 38.40  ? 18  LEU A CD1 1 
ATOM   144  C  CD2 . LEU A 1 18  ? 6.119   -2.378  -1.976  1.00 36.28  ? 18  LEU A CD2 1 
ATOM   145  N  N   . PRO A 1 19  ? 5.493   1.664   -5.645  1.00 39.36  ? 19  PRO A N   1 
ATOM   146  C  CA  . PRO A 1 19  ? 5.996   2.944   -6.177  1.00 38.25  ? 19  PRO A CA  1 
ATOM   147  C  C   . PRO A 1 19  ? 5.746   4.132   -5.277  1.00 38.76  ? 19  PRO A C   1 
ATOM   148  O  O   . PRO A 1 19  ? 6.663   4.922   -5.026  1.00 42.98  ? 19  PRO A O   1 
ATOM   149  C  CB  . PRO A 1 19  ? 5.262   3.073   -7.507  1.00 37.66  ? 19  PRO A CB  1 
ATOM   150  C  CG  . PRO A 1 19  ? 5.063   1.633   -7.972  1.00 36.25  ? 19  PRO A CG  1 
ATOM   151  C  CD  . PRO A 1 19  ? 4.891   0.825   -6.718  1.00 38.78  ? 19  PRO A CD  1 
ATOM   152  N  N   . LYS A 1 20  ? 4.534   4.234   -4.754  1.00 39.69  ? 20  LYS A N   1 
ATOM   153  C  CA  . LYS A 1 20  ? 4.189   5.308   -3.824  1.00 40.89  ? 20  LYS A CA  1 
ATOM   154  C  C   . LYS A 1 20  ? 5.082   5.263   -2.595  1.00 41.14  ? 20  LYS A C   1 
ATOM   155  O  O   . LYS A 1 20  ? 5.518   6.281   -2.092  1.00 50.44  ? 20  LYS A O   1 
ATOM   156  C  CB  . LYS A 1 20  ? 2.685   5.256   -3.434  1.00 39.48  ? 20  LYS A CB  1 
ATOM   157  N  N   . LEU A 1 21  ? 5.369   4.075   -2.109  1.00 43.53  ? 21  LEU A N   1 
ATOM   158  C  CA  . LEU A 1 21  ? 6.132   3.961   -0.879  1.00 43.06  ? 21  LEU A CA  1 
ATOM   159  C  C   . LEU A 1 21  ? 7.593   4.377   -1.118  1.00 39.12  ? 21  LEU A C   1 
ATOM   160  O  O   . LEU A 1 21  ? 8.177   5.104   -0.319  1.00 44.91  ? 21  LEU A O   1 
ATOM   161  C  CB  . LEU A 1 21  ? 6.033   2.533   -0.331  1.00 39.72  ? 21  LEU A CB  1 
ATOM   162  C  CG  . LEU A 1 21  ? 6.883   2.262   0.897   1.00 39.62  ? 21  LEU A CG  1 
ATOM   163  C  CD1 . LEU A 1 21  ? 6.311   2.974   2.120   1.00 40.96  ? 21  LEU A CD1 1 
ATOM   164  C  CD2 . LEU A 1 21  ? 6.973   0.769   1.096   1.00 41.54  ? 21  LEU A CD2 1 
ATOM   165  N  N   . ALA A 1 22  ? 8.181   3.908   -2.202  1.00 38.16  ? 22  ALA A N   1 
ATOM   166  C  CA  . ALA A 1 22  ? 9.536   4.365   -2.603  1.00 40.02  ? 22  ALA A CA  1 
ATOM   167  C  C   . ALA A 1 22  ? 9.629   5.904   -2.628  1.00 46.32  ? 22  ALA A C   1 
ATOM   168  O  O   . ALA A 1 22  ? 10.485  6.509   -1.964  1.00 49.80  ? 22  ALA A O   1 
ATOM   169  C  CB  . ALA A 1 22  ? 9.893   3.801   -3.962  1.00 33.37  ? 22  ALA A CB  1 
ATOM   170  N  N   . LYS A 1 23  ? 8.717   6.517   -3.378  1.00 49.00  ? 23  LYS A N   1 
ATOM   171  C  CA  . LYS A 1 23  ? 8.576   7.953   -3.428  1.00 50.33  ? 23  LYS A CA  1 
ATOM   172  C  C   . LYS A 1 23  ? 8.573   8.514   -2.028  1.00 50.40  ? 23  LYS A C   1 
ATOM   173  O  O   . LYS A 1 23  ? 9.446   9.300   -1.677  1.00 51.61  ? 23  LYS A O   1 
ATOM   174  C  CB  . LYS A 1 23  ? 7.268   8.309   -4.094  1.00 62.09  ? 23  LYS A CB  1 
ATOM   175  C  CG  . LYS A 1 23  ? 7.354   9.496   -5.022  1.00 72.85  ? 23  LYS A CG  1 
ATOM   176  C  CD  . LYS A 1 23  ? 6.035   9.684   -5.757  1.00 89.82  ? 23  LYS A CD  1 
ATOM   177  C  CE  . LYS A 1 23  ? 5.804   8.621   -6.837  1.00 96.44  ? 23  LYS A CE  1 
ATOM   178  N  NZ  . LYS A 1 23  ? 4.362   8.248   -6.982  1.00 97.32  ? 23  LYS A NZ  1 
ATOM   179  N  N   . TYR A 1 24  ? 7.626   8.072   -1.205  1.00 44.93  ? 24  TYR A N   1 
ATOM   180  C  CA  . TYR A 1 24  ? 7.466   8.663   0.115   1.00 42.95  ? 24  TYR A CA  1 
ATOM   181  C  C   . TYR A 1 24  ? 8.775   8.610   0.871   1.00 41.31  ? 24  TYR A C   1 
ATOM   182  O  O   . TYR A 1 24  ? 9.054   9.473   1.689   1.00 40.03  ? 24  TYR A O   1 
ATOM   183  C  CB  . TYR A 1 24  ? 6.358   7.983   0.946   1.00 43.73  ? 24  TYR A CB  1 
ATOM   184  C  CG  . TYR A 1 24  ? 5.900   8.819   2.149   1.00 43.03  ? 24  TYR A CG  1 
ATOM   185  C  CD1 . TYR A 1 24  ? 5.000   9.878   1.988   1.00 50.42  ? 24  TYR A CD1 1 
ATOM   186  C  CD2 . TYR A 1 24  ? 6.365   8.562   3.425   1.00 45.63  ? 24  TYR A CD2 1 
ATOM   187  C  CE1 . TYR A 1 24  ? 4.570   10.655  3.076   1.00 53.25  ? 24  TYR A CE1 1 
ATOM   188  C  CE2 . TYR A 1 24  ? 5.949   9.322   4.521   1.00 49.02  ? 24  TYR A CE2 1 
ATOM   189  C  CZ  . TYR A 1 24  ? 5.053   10.373  4.349   1.00 54.12  ? 24  TYR A CZ  1 
ATOM   190  O  OH  . TYR A 1 24  ? 4.665   11.138  5.440   1.00 63.51  ? 24  TYR A OH  1 
ATOM   191  N  N   . LEU A 1 25  ? 9.572   7.584   0.608   1.00 40.62  ? 25  LEU A N   1 
ATOM   192  C  CA  . LEU A 1 25  ? 10.818  7.387   1.340   1.00 41.77  ? 25  LEU A CA  1 
ATOM   193  C  C   . LEU A 1 25  ? 12.087  7.936   0.609   1.00 45.97  ? 25  LEU A C   1 
ATOM   194  O  O   . LEU A 1 25  ? 13.217  7.843   1.125   1.00 37.33  ? 25  LEU A O   1 
ATOM   195  C  CB  . LEU A 1 25  ? 11.013  5.892   1.568   1.00 43.06  ? 25  LEU A CB  1 
ATOM   196  C  CG  . LEU A 1 25  ? 10.056  5.097   2.453   1.00 41.66  ? 25  LEU A CG  1 
ATOM   197  C  CD1 . LEU A 1 25  ? 10.317  3.615   2.258   1.00 39.36  ? 25  LEU A CD1 1 
ATOM   198  C  CD2 . LEU A 1 25  ? 10.236  5.467   3.917   1.00 42.02  ? 25  LEU A CD2 1 
ATOM   199  N  N   . GLY A 1 26  ? 11.912  8.453   -0.605  1.00 46.39  ? 26  GLY A N   1 
ATOM   200  C  CA  . GLY A 1 26  ? 13.051  8.935   -1.375  1.00 47.79  ? 26  GLY A CA  1 
ATOM   201  C  C   . GLY A 1 26  ? 13.868  7.871   -2.085  1.00 48.50  ? 26  GLY A C   1 
ATOM   202  O  O   . GLY A 1 26  ? 14.982  8.143   -2.490  1.00 53.07  ? 26  GLY A O   1 
ATOM   203  N  N   . LEU A 1 27  ? 13.338  6.671   -2.273  1.00 46.47  ? 27  LEU A N   1 
ATOM   204  C  CA  . LEU A 1 27  ? 14.108  5.635   -2.963  1.00 48.14  ? 27  LEU A CA  1 
ATOM   205  C  C   . LEU A 1 27  ? 13.784  5.714   -4.430  1.00 47.69  ? 27  LEU A C   1 
ATOM   206  O  O   . LEU A 1 27  ? 12.615  5.643   -4.804  1.00 54.66  ? 27  LEU A O   1 
ATOM   207  C  CB  . LEU A 1 27  ? 13.746  4.229   -2.456  1.00 48.17  ? 27  LEU A CB  1 
ATOM   208  C  CG  . LEU A 1 27  ? 14.009  3.917   -0.989  1.00 51.70  ? 27  LEU A CG  1 
ATOM   209  C  CD1 . LEU A 1 27  ? 13.400  2.580   -0.597  1.00 51.29  ? 27  LEU A CD1 1 
ATOM   210  C  CD2 . LEU A 1 27  ? 15.508  3.930   -0.705  1.00 53.49  ? 27  LEU A CD2 1 
ATOM   211  N  N   . GLU A 1 28  ? 14.802  5.844   -5.267  1.00 46.71  ? 28  GLU A N   1 
ATOM   212  C  CA  . GLU A 1 28  ? 14.583  5.904   -6.695  1.00 52.30  ? 28  GLU A CA  1 
ATOM   213  C  C   . GLU A 1 28  ? 14.671  4.469   -7.157  1.00 54.07  ? 28  GLU A C   1 
ATOM   214  O  O   . GLU A 1 28  ? 15.674  3.789   -6.869  1.00 51.61  ? 28  GLU A O   1 
ATOM   215  C  CB  . GLU A 1 28  ? 15.621  6.793   -7.398  1.00 63.45  ? 28  GLU A CB  1 
ATOM   216  C  CG  . GLU A 1 28  ? 15.625  6.722   -8.946  1.00 78.90  ? 28  GLU A CG  1 
ATOM   217  C  CD  . GLU A 1 28  ? 14.567  7.572   -9.662  1.00 82.46  ? 28  GLU A CD  1 
ATOM   218  O  OE1 . GLU A 1 28  ? 13.900  8.424   -9.028  1.00 90.50  ? 28  GLU A OE1 1 
ATOM   219  O  OE2 . GLU A 1 28  ? 14.413  7.390   -10.892 1.00 91.68  ? 28  GLU A OE2 1 
ATOM   220  N  N   . ILE A 1 29  ? 13.609  4.013   -7.831  1.00 45.95  ? 29  ILE A N   1 
ATOM   221  C  CA  . ILE A 1 29  ? 13.533  2.666   -8.351  1.00 43.45  ? 29  ILE A CA  1 
ATOM   222  C  C   . ILE A 1 29  ? 13.026  2.754   -9.783  1.00 47.54  ? 29  ILE A C   1 
ATOM   223  O  O   . ILE A 1 29  ? 12.249  3.657   -10.106 1.00 44.70  ? 29  ILE A O   1 
ATOM   224  C  CB  . ILE A 1 29  ? 12.536  1.778   -7.548  1.00 45.88  ? 29  ILE A CB  1 
ATOM   225  C  CG1 . ILE A 1 29  ? 11.181  2.476   -7.387  1.00 46.18  ? 29  ILE A CG1 1 
ATOM   226  C  CG2 . ILE A 1 29  ? 13.070  1.439   -6.163  1.00 43.31  ? 29  ILE A CG2 1 
ATOM   227  C  CD1 . ILE A 1 29  ? 10.054  1.526   -7.103  1.00 46.07  ? 29  ILE A CD1 1 
ATOM   228  N  N   . ASN A 1 30  ? 13.449  1.825   -10.634 1.00 43.87  ? 30  ASN A N   1 
ATOM   229  C  CA  . ASN A 1 30  ? 12.800  1.659   -11.906 1.00 45.48  ? 30  ASN A CA  1 
ATOM   230  C  C   . ASN A 1 30  ? 11.574  0.833   -11.661 1.00 45.88  ? 30  ASN A C   1 
ATOM   231  O  O   . ASN A 1 30  ? 11.463  0.151   -10.650 1.00 45.78  ? 30  ASN A O   1 
ATOM   232  C  CB  . ASN A 1 30  ? 13.667  0.920   -12.951 1.00 49.50  ? 30  ASN A CB  1 
ATOM   233  C  CG  . ASN A 1 30  ? 15.056  1.538   -13.146 1.00 56.15  ? 30  ASN A CG  1 
ATOM   234  O  OD1 . ASN A 1 30  ? 16.017  0.813   -13.441 1.00 56.53  ? 30  ASN A OD1 1 
ATOM   235  N  ND2 . ASN A 1 30  ? 15.178  2.855   -12.968 1.00 54.91  ? 30  ASN A ND2 1 
ATOM   236  N  N   . VAL A 1 31  ? 10.673  0.888   -12.626 1.00 44.31  ? 31  VAL A N   1 
ATOM   237  C  CA  . VAL A 1 31  ? 9.499   0.093   -12.616 1.00 43.28  ? 31  VAL A CA  1 
ATOM   238  C  C   . VAL A 1 31  ? 9.317   -0.454  -14.017 1.00 43.96  ? 31  VAL A C   1 
ATOM   239  O  O   . VAL A 1 31  ? 9.138   0.305   -14.943 1.00 46.58  ? 31  VAL A O   1 
ATOM   240  C  CB  . VAL A 1 31  ? 8.254   0.921   -12.259 1.00 41.07  ? 31  VAL A CB  1 
ATOM   241  C  CG1 . VAL A 1 31  ? 6.984   0.095   -12.471 1.00 43.51  ? 31  VAL A CG1 1 
ATOM   242  C  CG2 . VAL A 1 31  ? 8.347   1.423   -10.842 1.00 38.68  ? 31  VAL A CG2 1 
ATOM   243  N  N   . LYS A 1 32  ? 9.319   -1.775  -14.139 1.00 42.36  ? 32  LYS A N   1 
ATOM   244  C  CA  . LYS A 1 32  ? 9.097   -2.435  -15.395 1.00 44.24  ? 32  LYS A CA  1 
ATOM   245  C  C   . LYS A 1 32  ? 7.885   -3.337  -15.274 1.00 45.26  ? 32  LYS A C   1 
ATOM   246  O  O   . LYS A 1 32  ? 7.397   -3.651  -14.194 1.00 46.66  ? 32  LYS A O   1 
ATOM   247  C  CB  . LYS A 1 32  ? 10.305  -3.308  -15.746 1.00 51.18  ? 32  LYS A CB  1 
ATOM   248  C  CG  . LYS A 1 32  ? 11.680  -2.736  -15.385 1.00 53.40  ? 32  LYS A CG  1 
ATOM   249  C  CD  . LYS A 1 32  ? 12.093  -1.550  -16.235 1.00 57.03  ? 32  LYS A CD  1 
ATOM   250  C  CE  . LYS A 1 32  ? 12.362  -1.957  -17.674 1.00 62.11  ? 32  LYS A CE  1 
ATOM   251  N  NZ  . LYS A 1 32  ? 12.424  -0.748  -18.542 1.00 64.87  ? 32  LYS A NZ  1 
ATOM   252  N  N   . SER A 1 33  ? 7.403   -3.782  -16.403 1.00 46.10  ? 33  SER A N   1 
ATOM   253  C  CA  . SER A 1 33  ? 6.297   -4.688  -16.407 1.00 51.30  ? 33  SER A CA  1 
ATOM   254  C  C   . SER A 1 33  ? 6.828   -6.080  -16.597 1.00 53.81  ? 33  SER A C   1 
ATOM   255  O  O   . SER A 1 33  ? 7.601   -6.318  -17.526 1.00 63.80  ? 33  SER A O   1 
ATOM   256  C  CB  . SER A 1 33  ? 5.372   -4.367  -17.556 1.00 51.36  ? 33  SER A CB  1 
ATOM   257  O  OG  . SER A 1 33  ? 4.817   -5.569  -18.065 1.00 59.32  ? 33  SER A OG  1 
HETATM 258  N  N   . MSE A 1 34  ? 6.408   -7.003  -15.741 1.00 58.07  ? 34  MSE A N   1 
HETATM 259  C  CA  . MSE A 1 34  ? 6.782   -8.426  -15.874 1.00 61.29  ? 34  MSE A CA  1 
HETATM 260  C  C   . MSE A 1 34  ? 6.280   -9.078  -17.152 1.00 59.30  ? 34  MSE A C   1 
HETATM 261  O  O   . MSE A 1 34  ? 6.844   -10.070 -17.632 1.00 57.11  ? 34  MSE A O   1 
HETATM 262  C  CB  . MSE A 1 34  ? 6.239   -9.208  -14.689 1.00 68.58  ? 34  MSE A CB  1 
HETATM 263  C  CG  . MSE A 1 34  ? 4.739   -8.988  -14.504 1.00 81.28  ? 34  MSE A CG  1 
HETATM 264  SE SE  . MSE A 1 34  ? 3.870   -10.561 -13.705 1.00 105.09 ? 34  MSE A SE  1 
HETATM 265  C  CE  . MSE A 1 34  ? 4.202   -11.959 -15.071 1.00 104.29 ? 34  MSE A CE  1 
ATOM   266  N  N   . LEU A 1 35  ? 5.224   -8.518  -17.718 1.00 57.05  ? 35  LEU A N   1 
ATOM   267  C  CA  . LEU A 1 35  ? 4.685   -9.007  -18.963 1.00 62.65  ? 35  LEU A CA  1 
ATOM   268  C  C   . LEU A 1 35  ? 5.632   -8.825  -20.132 1.00 67.94  ? 35  LEU A C   1 
ATOM   269  O  O   . LEU A 1 35  ? 5.636   -9.655  -21.038 1.00 70.30  ? 35  LEU A O   1 
ATOM   270  C  CB  . LEU A 1 35  ? 3.354   -8.316  -19.269 1.00 64.88  ? 35  LEU A CB  1 
ATOM   271  C  CG  . LEU A 1 35  ? 2.265   -8.638  -18.244 1.00 73.15  ? 35  LEU A CG  1 
ATOM   272  C  CD1 . LEU A 1 35  ? 0.961   -7.918  -18.580 1.00 75.67  ? 35  LEU A CD1 1 
ATOM   273  C  CD2 . LEU A 1 35  ? 2.047   -10.154 -18.136 1.00 76.05  ? 35  LEU A CD2 1 
ATOM   274  N  N   . GLU A 1 36  ? 6.449   -7.772  -20.112 1.00 69.71  ? 36  GLU A N   1 
ATOM   275  C  CA  . GLU A 1 36  ? 7.322   -7.466  -21.262 1.00 73.05  ? 36  GLU A CA  1 
ATOM   276  C  C   . GLU A 1 36  ? 8.817   -7.736  -21.024 1.00 71.10  ? 36  GLU A C   1 
ATOM   277  O  O   . GLU A 1 36  ? 9.650   -7.310  -21.793 1.00 66.29  ? 36  GLU A O   1 
ATOM   278  C  CB  . GLU A 1 36  ? 7.084   -6.041  -21.791 1.00 74.89  ? 36  GLU A CB  1 
ATOM   279  C  CG  . GLU A 1 36  ? 6.270   -5.129  -20.890 1.00 81.90  ? 36  GLU A CG  1 
ATOM   280  C  CD  . GLU A 1 36  ? 5.769   -3.879  -21.600 1.00 89.24  ? 36  GLU A CD  1 
ATOM   281  O  OE1 . GLU A 1 36  ? 5.209   -4.020  -22.710 1.00 96.54  ? 36  GLU A OE1 1 
ATOM   282  O  OE2 . GLU A 1 36  ? 5.911   -2.760  -21.044 1.00 91.54  ? 36  GLU A OE2 1 
ATOM   283  N  N   . VAL A 1 37  ? 9.137   -8.460  -19.965 1.00 76.06  ? 37  VAL A N   1 
ATOM   284  C  CA  . VAL A 1 37  ? 10.487  -8.962  -19.744 1.00 74.46  ? 37  VAL A CA  1 
ATOM   285  C  C   . VAL A 1 37  ? 10.546  -10.354 -20.374 1.00 79.83  ? 37  VAL A C   1 
ATOM   286  O  O   . VAL A 1 37  ? 9.562   -11.101 -20.315 1.00 77.84  ? 37  VAL A O   1 
ATOM   287  C  CB  . VAL A 1 37  ? 10.806  -8.981  -18.230 1.00 74.62  ? 37  VAL A CB  1 
ATOM   288  C  CG1 . VAL A 1 37  ? 11.897  -9.985  -17.873 1.00 75.99  ? 37  VAL A CG1 1 
ATOM   289  C  CG2 . VAL A 1 37  ? 11.174  -7.576  -17.764 1.00 70.86  ? 37  VAL A CG2 1 
ATOM   290  N  N   . GLU A 1 38  ? 11.687  -10.689 -20.983 1.00 83.44  ? 38  GLU A N   1 
ATOM   291  C  CA  . GLU A 1 38  ? 11.847  -11.965 -21.709 1.00 89.29  ? 38  GLU A CA  1 
ATOM   292  C  C   . GLU A 1 38  ? 11.748  -13.175 -20.759 1.00 90.39  ? 38  GLU A C   1 
ATOM   293  O  O   . GLU A 1 38  ? 10.788  -13.961 -20.830 1.00 87.96  ? 38  GLU A O   1 
ATOM   294  C  CB  . GLU A 1 38  ? 13.178  -11.994 -22.494 1.00 80.58  ? 38  GLU A CB  1 
ATOM   295  N  N   . ASP A 1 39  ? 12.739  -13.315 -19.876 1.00 88.44  ? 39  ASP A N   1 
ATOM   296  C  CA  . ASP A 1 39  ? 12.779  -14.426 -18.913 1.00 91.92  ? 39  ASP A CA  1 
ATOM   297  C  C   . ASP A 1 39  ? 12.465  -13.888 -17.528 1.00 86.82  ? 39  ASP A C   1 
ATOM   298  O  O   . ASP A 1 39  ? 13.378  -13.664 -16.699 1.00 74.77  ? 39  ASP A O   1 
ATOM   299  C  CB  . ASP A 1 39  ? 14.154  -15.104 -18.912 1.00 97.38  ? 39  ASP A CB  1 
ATOM   300  N  N   . PHE A 1 40  ? 11.173  -13.643 -17.294 1.00 80.55  ? 40  PHE A N   1 
ATOM   301  C  CA  . PHE A 1 40  ? 10.739  -13.169 -15.983 1.00 74.25  ? 40  PHE A CA  1 
ATOM   302  C  C   . PHE A 1 40  ? 11.014  -14.307 -15.014 1.00 67.57  ? 40  PHE A C   1 
ATOM   303  O  O   . PHE A 1 40  ? 11.685  -14.130 -14.005 1.00 55.10  ? 40  PHE A O   1 
ATOM   304  C  CB  . PHE A 1 40  ? 9.252   -12.770 -15.939 1.00 71.38  ? 40  PHE A CB  1 
ATOM   305  C  CG  . PHE A 1 40  ? 8.843   -12.157 -14.618 1.00 68.84  ? 40  PHE A CG  1 
ATOM   306  C  CD1 . PHE A 1 40  ? 9.560   -11.084 -14.082 1.00 63.96  ? 40  PHE A CD1 1 
ATOM   307  C  CD2 . PHE A 1 40  ? 7.774   -12.670 -13.883 1.00 66.18  ? 40  PHE A CD2 1 
ATOM   308  C  CE1 . PHE A 1 40  ? 9.210   -10.531 -12.856 1.00 61.58  ? 40  PHE A CE1 1 
ATOM   309  C  CE2 . PHE A 1 40  ? 7.413   -12.107 -12.664 1.00 64.65  ? 40  PHE A CE2 1 
ATOM   310  C  CZ  . PHE A 1 40  ? 8.134   -11.037 -12.148 1.00 63.31  ? 40  PHE A CZ  1 
ATOM   311  N  N   . LYS A 1 41  ? 10.552  -15.492 -15.400 1.00 60.75  ? 41  LYS A N   1 
ATOM   312  C  CA  . LYS A 1 41  ? 10.690  -16.692 -14.595 1.00 61.36  ? 41  LYS A CA  1 
ATOM   313  C  C   . LYS A 1 41  ? 12.103  -17.225 -14.407 1.00 62.58  ? 41  LYS A C   1 
ATOM   314  O  O   . LYS A 1 41  ? 12.304  -18.126 -13.606 1.00 62.54  ? 41  LYS A O   1 
ATOM   315  C  CB  . LYS A 1 41  ? 9.809   -17.787 -15.169 1.00 61.61  ? 41  LYS A CB  1 
ATOM   316  C  CG  . LYS A 1 41  ? 8.376   -17.298 -15.382 1.00 64.54  ? 41  LYS A CG  1 
ATOM   317  C  CD  . LYS A 1 41  ? 7.406   -18.453 -15.415 1.00 65.36  ? 41  LYS A CD  1 
ATOM   318  C  CE  . LYS A 1 41  ? 6.233   -18.208 -14.493 1.00 68.57  ? 41  LYS A CE  1 
ATOM   319  N  NZ  . LYS A 1 41  ? 5.298   -19.368 -14.564 1.00 72.36  ? 41  LYS A NZ  1 
ATOM   320  N  N   . SER A 1 42  ? 13.076  -16.701 -15.138 1.00 60.92  ? 42  SER A N   1 
ATOM   321  C  CA  . SER A 1 42  ? 14.446  -17.027 -14.846 1.00 63.85  ? 42  SER A CA  1 
ATOM   322  C  C   . SER A 1 42  ? 14.769  -16.374 -13.525 1.00 64.05  ? 42  SER A C   1 
ATOM   323  O  O   . SER A 1 42  ? 15.252  -17.020 -12.601 1.00 66.55  ? 42  SER A O   1 
ATOM   324  C  CB  . SER A 1 42  ? 15.401  -16.500 -15.916 1.00 70.48  ? 42  SER A CB  1 
ATOM   325  O  OG  . SER A 1 42  ? 16.746  -16.731 -15.518 1.00 71.31  ? 42  SER A OG  1 
ATOM   326  N  N   . LYS A 1 43  ? 14.497  -15.080 -13.446 1.00 62.83  ? 43  LYS A N   1 
ATOM   327  C  CA  . LYS A 1 43  ? 14.787  -14.317 -12.232 1.00 62.32  ? 43  LYS A CA  1 
ATOM   328  C  C   . LYS A 1 43  ? 13.781  -14.647 -11.121 1.00 59.96  ? 43  LYS A C   1 
ATOM   329  O  O   . LYS A 1 43  ? 14.164  -14.751 -9.947  1.00 56.09  ? 43  LYS A O   1 
ATOM   330  C  CB  . LYS A 1 43  ? 14.800  -12.816 -12.540 1.00 67.85  ? 43  LYS A CB  1 
ATOM   331  N  N   . PHE A 1 44  ? 12.522  -14.869 -11.525 1.00 55.42  ? 44  PHE A N   1 
ATOM   332  C  CA  . PHE A 1 44  ? 11.354  -14.968 -10.629 1.00 50.11  ? 44  PHE A CA  1 
ATOM   333  C  C   . PHE A 1 44  ? 10.413  -16.158 -10.971 1.00 49.86  ? 44  PHE A C   1 
ATOM   334  O  O   . PHE A 1 44  ? 9.385   -15.997 -11.665 1.00 42.45  ? 44  PHE A O   1 
ATOM   335  C  CB  . PHE A 1 44  ? 10.600  -13.636 -10.643 1.00 46.46  ? 44  PHE A CB  1 
ATOM   336  C  CG  . PHE A 1 44  ? 11.406  -12.496 -10.055 1.00 51.59  ? 44  PHE A CG  1 
ATOM   337  C  CD1 . PHE A 1 44  ? 11.553  -12.366 -8.676  1.00 45.96  ? 44  PHE A CD1 1 
ATOM   338  C  CD2 . PHE A 1 44  ? 12.060  -11.564 -10.888 1.00 50.88  ? 44  PHE A CD2 1 
ATOM   339  C  CE1 . PHE A 1 44  ? 12.315  -11.329 -8.142  1.00 50.55  ? 44  PHE A CE1 1 
ATOM   340  C  CE2 . PHE A 1 44  ? 12.804  -10.530 -10.352 1.00 48.00  ? 44  PHE A CE2 1 
ATOM   341  C  CZ  . PHE A 1 44  ? 12.936  -10.410 -8.975  1.00 49.91  ? 44  PHE A CZ  1 
ATOM   342  N  N   . PRO A 1 45  ? 10.736  -17.361 -10.444 1.00 48.20  ? 45  PRO A N   1 
ATOM   343  C  CA  . PRO A 1 45  ? 10.127  -18.618 -10.924 1.00 49.88  ? 45  PRO A CA  1 
ATOM   344  C  C   . PRO A 1 45  ? 8.642   -18.818 -10.668 1.00 48.93  ? 45  PRO A C   1 
ATOM   345  O  O   . PRO A 1 45  ? 7.997   -19.562 -11.389 1.00 56.21  ? 45  PRO A O   1 
ATOM   346  C  CB  . PRO A 1 45  ? 10.943  -19.711 -10.227 1.00 49.67  ? 45  PRO A CB  1 
ATOM   347  C  CG  . PRO A 1 45  ? 12.090  -19.005 -9.567  1.00 54.62  ? 45  PRO A CG  1 
ATOM   348  C  CD  . PRO A 1 45  ? 11.644  -17.602 -9.320  1.00 50.97  ? 45  PRO A CD  1 
ATOM   349  N  N   . LEU A 1 46  ? 8.113   -18.174 -9.642  1.00 51.68  ? 46  LEU A N   1 
ATOM   350  C  CA  . LEU A 1 46  ? 6.671   -18.136 -9.414  1.00 48.95  ? 46  LEU A CA  1 
ATOM   351  C  C   . LEU A 1 46  ? 5.878   -17.371 -10.461 1.00 49.23  ? 46  LEU A C   1 
ATOM   352  O  O   . LEU A 1 46  ? 4.687   -17.601 -10.620 1.00 44.21  ? 46  LEU A O   1 
ATOM   353  C  CB  . LEU A 1 46  ? 6.381   -17.472 -8.062  1.00 53.22  ? 46  LEU A CB  1 
ATOM   354  C  CG  . LEU A 1 46  ? 6.034   -18.327 -6.838  1.00 54.99  ? 46  LEU A CG  1 
ATOM   355  C  CD1 . LEU A 1 46  ? 5.434   -17.413 -5.770  1.00 53.52  ? 46  LEU A CD1 1 
ATOM   356  C  CD2 . LEU A 1 46  ? 5.079   -19.475 -7.148  1.00 53.64  ? 46  LEU A CD2 1 
ATOM   357  N  N   . GLY A 1 47  ? 6.503   -16.396 -11.119 1.00 51.55  ? 47  GLY A N   1 
ATOM   358  C  CA  . GLY A 1 47  ? 5.812   -15.636 -12.172 1.00 51.12  ? 47  GLY A CA  1 
ATOM   359  C  C   . GLY A 1 47  ? 4.768   -14.626 -11.720 1.00 51.39  ? 47  GLY A C   1 
ATOM   360  O  O   . GLY A 1 47  ? 3.865   -14.248 -12.492 1.00 41.14  ? 47  GLY A O   1 
ATOM   361  N  N   . LYS A 1 48  ? 4.925   -14.123 -10.496 1.00 53.55  ? 48  LYS A N   1 
ATOM   362  C  CA  . LYS A 1 48  ? 3.940   -13.213 -9.946  1.00 49.76  ? 48  LYS A CA  1 
ATOM   363  C  C   . LYS A 1 48  ? 4.556   -11.865 -9.530  1.00 47.27  ? 48  LYS A C   1 
ATOM   364  O  O   . LYS A 1 48  ? 5.729   -11.766 -9.150  1.00 45.12  ? 48  LYS A O   1 
ATOM   365  C  CB  . LYS A 1 48  ? 3.218   -13.898 -8.788  1.00 50.29  ? 48  LYS A CB  1 
ATOM   366  N  N   . ALA A 1 49  ? 3.752   -10.819 -9.653  1.00 42.81  ? 49  ALA A N   1 
ATOM   367  C  CA  . ALA A 1 49  ? 4.130   -9.519  -9.219  1.00 39.30  ? 49  ALA A CA  1 
ATOM   368  C  C   . ALA A 1 49  ? 3.491   -9.377  -7.854  1.00 41.26  ? 49  ALA A C   1 
ATOM   369  O  O   . ALA A 1 49  ? 2.431   -9.986  -7.614  1.00 40.94  ? 49  ALA A O   1 
ATOM   370  C  CB  . ALA A 1 49  ? 3.589   -8.487  -10.172 1.00 39.24  ? 49  ALA A CB  1 
ATOM   371  N  N   . PRO A 1 50  ? 4.096   -8.565  -6.963  1.00 37.90  ? 50  PRO A N   1 
ATOM   372  C  CA  . PRO A 1 50  ? 5.294   -7.757  -7.185  1.00 40.24  ? 50  PRO A CA  1 
ATOM   373  C  C   . PRO A 1 50  ? 6.609   -8.522  -7.079  1.00 42.55  ? 50  PRO A C   1 
ATOM   374  O  O   . PRO A 1 50  ? 6.694   -9.496  -6.350  1.00 43.99  ? 50  PRO A O   1 
ATOM   375  C  CB  . PRO A 1 50  ? 5.221   -6.715  -6.072  1.00 39.74  ? 50  PRO A CB  1 
ATOM   376  C  CG  . PRO A 1 50  ? 4.438   -7.367  -5.010  1.00 39.41  ? 50  PRO A CG  1 
ATOM   377  C  CD  . PRO A 1 50  ? 3.435   -8.218  -5.706  1.00 36.69  ? 50  PRO A CD  1 
ATOM   378  N  N   . ALA A 1 51  ? 7.615   -8.081  -7.836  1.00 43.25  ? 51  ALA A N   1 
ATOM   379  C  CA  . ALA A 1 51  ? 8.980   -8.622  -7.720  1.00 40.38  ? 51  ALA A CA  1 
ATOM   380  C  C   . ALA A 1 51  ? 9.955   -7.487  -7.774  1.00 38.76  ? 51  ALA A C   1 
ATOM   381  O  O   . ALA A 1 51  ? 9.743   -6.535  -8.504  1.00 36.61  ? 51  ALA A O   1 
ATOM   382  C  CB  . ALA A 1 51  ? 9.294   -9.592  -8.831  1.00 39.63  ? 51  ALA A CB  1 
ATOM   383  N  N   . PHE A 1 52  ? 11.029  -7.612  -7.004  1.00 38.55  ? 52  PHE A N   1 
ATOM   384  C  CA  . PHE A 1 52  ? 12.056  -6.589  -6.940  1.00 41.73  ? 52  PHE A CA  1 
ATOM   385  C  C   . PHE A 1 52  ? 13.453  -7.171  -7.102  1.00 43.97  ? 52  PHE A C   1 
ATOM   386  O  O   . PHE A 1 52  ? 13.752  -8.245  -6.596  1.00 46.84  ? 52  PHE A O   1 
ATOM   387  C  CB  . PHE A 1 52  ? 11.949  -5.881  -5.601  1.00 40.93  ? 52  PHE A CB  1 
ATOM   388  C  CG  . PHE A 1 52  ? 12.978  -4.817  -5.376  1.00 41.20  ? 52  PHE A CG  1 
ATOM   389  C  CD1 . PHE A 1 52  ? 12.814  -3.550  -5.918  1.00 45.66  ? 52  PHE A CD1 1 
ATOM   390  C  CD2 . PHE A 1 52  ? 14.065  -5.060  -4.576  1.00 39.53  ? 52  PHE A CD2 1 
ATOM   391  C  CE1 . PHE A 1 52  ? 13.740  -2.552  -5.673  1.00 44.50  ? 52  PHE A CE1 1 
ATOM   392  C  CE2 . PHE A 1 52  ? 15.000  -4.086  -4.337  1.00 43.22  ? 52  PHE A CE2 1 
ATOM   393  C  CZ  . PHE A 1 52  ? 14.832  -2.819  -4.871  1.00 45.89  ? 52  PHE A CZ  1 
ATOM   394  N  N   . GLU A 1 53  ? 14.298  -6.448  -7.812  1.00 41.67  ? 53  GLU A N   1 
ATOM   395  C  CA  . GLU A 1 53  ? 15.702  -6.768  -7.862  1.00 43.88  ? 53  GLU A CA  1 
ATOM   396  C  C   . GLU A 1 53  ? 16.491  -5.542  -7.479  1.00 40.16  ? 53  GLU A C   1 
ATOM   397  O  O   . GLU A 1 53  ? 16.434  -4.544  -8.169  1.00 39.79  ? 53  GLU A O   1 
ATOM   398  C  CB  . GLU A 1 53  ? 16.100  -7.229  -9.264  1.00 47.50  ? 53  GLU A CB  1 
ATOM   399  C  CG  . GLU A 1 53  ? 17.569  -7.614  -9.328  1.00 53.14  ? 53  GLU A CG  1 
ATOM   400  C  CD  . GLU A 1 53  ? 17.871  -8.578  -10.454 1.00 55.49  ? 53  GLU A CD  1 
ATOM   401  O  OE1 . GLU A 1 53  ? 17.477  -8.289  -11.604 1.00 59.05  ? 53  GLU A OE1 1 
ATOM   402  O  OE2 . GLU A 1 53  ? 18.512  -9.618  -10.184 1.00 58.82  ? 53  GLU A OE2 1 
ATOM   403  N  N   . GLY A 1 54  ? 17.201  -5.595  -6.366  1.00 41.32  ? 54  GLY A N   1 
ATOM   404  C  CA  . GLY A 1 54  ? 18.086  -4.485  -5.976  1.00 44.13  ? 54  GLY A CA  1 
ATOM   405  C  C   . GLY A 1 54  ? 19.168  -4.229  -7.030  1.00 43.00  ? 54  GLY A C   1 
ATOM   406  O  O   . GLY A 1 54  ? 19.423  -5.048  -7.914  1.00 41.28  ? 54  GLY A O   1 
ATOM   407  N  N   . SER A 1 55  ? 19.778  -3.062  -6.970  1.00 47.06  ? 55  SER A N   1 
ATOM   408  C  CA  . SER A 1 55  ? 20.906  -2.761  -7.856  1.00 51.57  ? 55  SER A CA  1 
ATOM   409  C  C   . SER A 1 55  ? 21.984  -3.833  -7.666  1.00 56.94  ? 55  SER A C   1 
ATOM   410  O  O   . SER A 1 55  ? 22.491  -4.420  -8.660  1.00 50.32  ? 55  SER A O   1 
ATOM   411  C  CB  . SER A 1 55  ? 21.465  -1.391  -7.528  1.00 50.88  ? 55  SER A CB  1 
ATOM   412  O  OG  . SER A 1 55  ? 20.491  -0.388  -7.807  1.00 58.93  ? 55  SER A OG  1 
ATOM   413  N  N   . ASP A 1 56  ? 22.261  -4.134  -6.385  1.00 55.73  ? 56  ASP A N   1 
ATOM   414  C  CA  . ASP A 1 56  ? 23.223  -5.180  -5.997  1.00 54.80  ? 56  ASP A CA  1 
ATOM   415  C  C   . ASP A 1 56  ? 22.820  -6.603  -6.369  1.00 53.33  ? 56  ASP A C   1 
ATOM   416  O  O   . ASP A 1 56  ? 23.580  -7.517  -6.124  1.00 51.08  ? 56  ASP A O   1 
ATOM   417  C  CB  . ASP A 1 56  ? 23.572  -5.102  -4.496  1.00 59.77  ? 56  ASP A CB  1 
ATOM   418  C  CG  . ASP A 1 56  ? 22.351  -5.256  -3.576  1.00 60.94  ? 56  ASP A CG  1 
ATOM   419  O  OD1 . ASP A 1 56  ? 21.357  -5.912  -3.962  1.00 61.96  ? 56  ASP A OD1 1 
ATOM   420  O  OD2 . ASP A 1 56  ? 22.409  -4.735  -2.447  1.00 49.81  ? 56  ASP A OD2 1 
ATOM   421  N  N   . GLY A 1 57  ? 21.645  -6.800  -6.966  1.00 53.72  ? 57  GLY A N   1 
ATOM   422  C  CA  . GLY A 1 57  ? 21.248  -8.129  -7.446  1.00 49.70  ? 57  GLY A CA  1 
ATOM   423  C  C   . GLY A 1 57  ? 20.309  -8.887  -6.509  1.00 46.21  ? 57  GLY A C   1 
ATOM   424  O  O   . GLY A 1 57  ? 19.691  -9.877  -6.911  1.00 44.52  ? 57  GLY A O   1 
ATOM   425  N  N   . PHE A 1 58  ? 20.174  -8.412  -5.277  1.00 41.56  ? 58  PHE A N   1 
ATOM   426  C  CA  . PHE A 1 58  ? 19.246  -9.005  -4.308  1.00 44.51  ? 58  PHE A CA  1 
ATOM   427  C  C   . PHE A 1 58  ? 17.836  -9.167  -4.867  1.00 47.00  ? 58  PHE A C   1 
ATOM   428  O  O   . PHE A 1 58  ? 17.202  -8.176  -5.198  1.00 46.88  ? 58  PHE A O   1 
ATOM   429  C  CB  . PHE A 1 58  ? 19.183  -8.104  -3.092  1.00 46.05  ? 58  PHE A CB  1 
ATOM   430  C  CG  . PHE A 1 58  ? 18.341  -8.626  -1.989  1.00 50.18  ? 58  PHE A CG  1 
ATOM   431  C  CD1 . PHE A 1 58  ? 18.571  -9.895  -1.455  1.00 52.92  ? 58  PHE A CD1 1 
ATOM   432  C  CD2 . PHE A 1 58  ? 17.339  -7.835  -1.442  1.00 48.37  ? 58  PHE A CD2 1 
ATOM   433  C  CE1 . PHE A 1 58  ? 17.800  -10.379 -0.403  1.00 50.74  ? 58  PHE A CE1 1 
ATOM   434  C  CE2 . PHE A 1 58  ? 16.578  -8.303  -0.392  1.00 50.32  ? 58  PHE A CE2 1 
ATOM   435  C  CZ  . PHE A 1 58  ? 16.807  -9.577  0.131   1.00 51.08  ? 58  PHE A CZ  1 
ATOM   436  N  N   . ARG A 1 59  ? 17.356  -10.406 -4.968  1.00 48.01  ? 59  ARG A N   1 
ATOM   437  C  CA  . ARG A 1 59  ? 15.989  -10.696 -5.469  1.00 50.21  ? 59  ARG A CA  1 
ATOM   438  C  C   . ARG A 1 59  ? 14.962  -10.892 -4.345  1.00 44.54  ? 59  ARG A C   1 
ATOM   439  O  O   . ARG A 1 59  ? 15.158  -11.654 -3.411  1.00 49.74  ? 59  ARG A O   1 
ATOM   440  C  CB  . ARG A 1 59  ? 15.969  -11.966 -6.321  1.00 57.49  ? 59  ARG A CB  1 
ATOM   441  C  CG  . ARG A 1 59  ? 16.568  -11.866 -7.711  1.00 65.27  ? 59  ARG A CG  1 
ATOM   442  C  CD  . ARG A 1 59  ? 16.947  -13.269 -8.189  1.00 79.53  ? 59  ARG A CD  1 
ATOM   443  N  NE  . ARG A 1 59  ? 17.479  -13.284 -9.549  1.00 99.61  ? 59  ARG A NE  1 
ATOM   444  C  CZ  . ARG A 1 59  ? 18.696  -12.858 -9.911  1.00 108.75 ? 59  ARG A CZ  1 
ATOM   445  N  NH1 . ARG A 1 59  ? 19.559  -12.350 -9.018  1.00 104.30 ? 59  ARG A NH1 1 
ATOM   446  N  NH2 . ARG A 1 59  ? 19.054  -12.930 -11.191 1.00 112.60 ? 59  ARG A NH2 1 
ATOM   447  N  N   . LEU A 1 60  ? 13.827  -10.248 -4.464  1.00 40.32  ? 60  LEU A N   1 
ATOM   448  C  CA  . LEU A 1 60  ? 12.859  -10.325 -3.420  1.00 39.34  ? 60  LEU A CA  1 
ATOM   449  C  C   . LEU A 1 60  ? 11.430  -10.327 -3.947  1.00 37.97  ? 60  LEU A C   1 
ATOM   450  O  O   . LEU A 1 60  ? 11.108  -9.589  -4.887  1.00 38.39  ? 60  LEU A O   1 
ATOM   451  C  CB  . LEU A 1 60  ? 13.099  -9.135  -2.527  1.00 39.05  ? 60  LEU A CB  1 
ATOM   452  C  CG  . LEU A 1 60  ? 12.335  -9.035  -1.244  1.00 38.59  ? 60  LEU A CG  1 
ATOM   453  C  CD1 . LEU A 1 60  ? 12.496  -10.290 -0.440  1.00 40.82  ? 60  LEU A CD1 1 
ATOM   454  C  CD2 . LEU A 1 60  ? 12.889  -7.856  -0.480  1.00 43.52  ? 60  LEU A CD2 1 
ATOM   455  N  N   . THR A 1 61  ? 10.579  -11.161 -3.342  1.00 37.17  ? 61  THR A N   1 
ATOM   456  C  CA  . THR A 1 61  ? 9.129   -11.187 -3.647  1.00 36.26  ? 61  THR A CA  1 
ATOM   457  C  C   . THR A 1 61  ? 8.273   -11.035 -2.394  1.00 37.13  ? 61  THR A C   1 
ATOM   458  O  O   . THR A 1 61  ? 8.791   -10.962 -1.257  1.00 32.70  ? 61  THR A O   1 
ATOM   459  C  CB  . THR A 1 61  ? 8.703   -12.488 -4.375  1.00 39.28  ? 61  THR A CB  1 
ATOM   460  O  OG1 . THR A 1 61  ? 8.982   -13.639 -3.558  1.00 41.50  ? 61  THR A OG1 1 
ATOM   461  C  CG2 . THR A 1 61  ? 9.391   -12.635 -5.759  1.00 35.52  ? 61  THR A CG2 1 
ATOM   462  N  N   . GLU A 1 62  ? 6.955   -10.974 -2.625  1.00 37.62  ? 62  GLU A N   1 
ATOM   463  C  CA  . GLU A 1 62  ? 5.924   -10.752 -1.582  1.00 36.22  ? 62  GLU A CA  1 
ATOM   464  C  C   . GLU A 1 62  ? 5.868   -9.325  -1.123  1.00 30.78  ? 62  GLU A C   1 
ATOM   465  O  O   . GLU A 1 62  ? 6.815   -8.821  -0.563  1.00 33.95  ? 62  GLU A O   1 
ATOM   466  C  CB  . GLU A 1 62  ? 6.098   -11.636 -0.329  1.00 39.73  ? 62  GLU A CB  1 
ATOM   467  C  CG  . GLU A 1 62  ? 6.014   -13.139 -0.526  1.00 41.18  ? 62  GLU A CG  1 
ATOM   468  C  CD  . GLU A 1 62  ? 4.659   -13.643 -1.016  1.00 46.40  ? 62  GLU A CD  1 
ATOM   469  O  OE1 . GLU A 1 62  ? 3.585   -13.367 -0.374  1.00 49.19  ? 62  GLU A OE1 1 
ATOM   470  O  OE2 . GLU A 1 62  ? 4.680   -14.369 -2.047  1.00 44.98  ? 62  GLU A OE2 1 
ATOM   471  N  N   . THR A 1 63  ? 4.710   -8.700  -1.291  1.00 30.12  ? 63  THR A N   1 
ATOM   472  C  CA  . THR A 1 63  ? 4.533   -7.295  -0.995  1.00 28.66  ? 63  THR A CA  1 
ATOM   473  C  C   . THR A 1 63  ? 4.984   -6.954  0.395   1.00 31.39  ? 63  THR A C   1 
ATOM   474  O  O   . THR A 1 63  ? 5.629   -5.918  0.597   1.00 31.85  ? 63  THR A O   1 
ATOM   475  C  CB  . THR A 1 63  ? 3.059   -6.902  -1.071  1.00 28.48  ? 63  THR A CB  1 
ATOM   476  O  OG1 . THR A 1 63  ? 2.531   -7.225  -2.369  1.00 27.71  ? 63  THR A OG1 1 
ATOM   477  C  CG2 . THR A 1 63  ? 2.888   -5.429  -0.762  1.00 26.37  ? 63  THR A CG2 1 
ATOM   478  N  N   . LEU A 1 64  ? 4.644   -7.780  1.378   1.00 30.56  ? 64  LEU A N   1 
ATOM   479  C  CA  . LEU A 1 64  ? 5.002   -7.373  2.759   1.00 34.06  ? 64  LEU A CA  1 
ATOM   480  C  C   . LEU A 1 64  ? 6.478   -7.423  2.938   1.00 30.96  ? 64  LEU A C   1 
ATOM   481  O  O   . LEU A 1 64  ? 7.009   -6.726  3.782   1.00 30.27  ? 64  LEU A O   1 
ATOM   482  C  CB  . LEU A 1 64  ? 4.329   -8.225  3.860   1.00 37.68  ? 64  LEU A CB  1 
ATOM   483  C  CG  . LEU A 1 64  ? 3.018   -7.670  4.484   1.00 38.68  ? 64  LEU A CG  1 
ATOM   484  C  CD1 . LEU A 1 64  ? 2.024   -7.216  3.436   1.00 36.72  ? 64  LEU A CD1 1 
ATOM   485  C  CD2 . LEU A 1 64  ? 2.349   -8.693  5.383   1.00 39.73  ? 64  LEU A CD2 1 
ATOM   486  N  N   . ALA A 1 65  ? 7.137   -8.280  2.169   1.00 30.46  ? 65  ALA A N   1 
ATOM   487  C  CA  . ALA A 1 65  ? 8.593   -8.435  2.289   1.00 29.96  ? 65  ALA A CA  1 
ATOM   488  C  C   . ALA A 1 65  ? 9.283   -7.179  1.771   1.00 31.49  ? 65  ALA A C   1 
ATOM   489  O  O   . ALA A 1 65  ? 10.222  -6.655  2.353   1.00 29.63  ? 65  ALA A O   1 
ATOM   490  C  CB  . ALA A 1 65  ? 9.036   -9.640  1.488   1.00 29.91  ? 65  ALA A CB  1 
ATOM   491  N  N   . ILE A 1 66  ? 8.789   -6.705  0.634   1.00 34.10  ? 66  ILE A N   1 
ATOM   492  C  CA  . ILE A 1 66  ? 9.407   -5.597  -0.065  1.00 31.69  ? 66  ILE A CA  1 
ATOM   493  C  C   . ILE A 1 66  ? 9.152   -4.334  0.704   1.00 31.65  ? 66  ILE A C   1 
ATOM   494  O  O   . ILE A 1 66  ? 10.000  -3.453  0.759   1.00 37.93  ? 66  ILE A O   1 
ATOM   495  C  CB  . ILE A 1 66  ? 8.846   -5.456  -1.472  1.00 33.17  ? 66  ILE A CB  1 
ATOM   496  C  CG1 . ILE A 1 66  ? 8.987   -6.781  -2.212  1.00 36.29  ? 66  ILE A CG1 1 
ATOM   497  C  CG2 . ILE A 1 66  ? 9.553   -4.325  -2.195  1.00 34.32  ? 66  ILE A CG2 1 
ATOM   498  C  CD1 . ILE A 1 66  ? 8.381   -6.801  -3.614  1.00 36.77  ? 66  ILE A CD1 1 
ATOM   499  N  N   . ILE A 1 67  ? 7.985   -4.219  1.301   1.00 30.38  ? 67  ILE A N   1 
ATOM   500  C  CA  . ILE A 1 67  ? 7.744   -3.069  2.164   1.00 32.89  ? 67  ILE A CA  1 
ATOM   501  C  C   . ILE A 1 67  ? 8.823   -2.962  3.237   1.00 32.74  ? 67  ILE A C   1 
ATOM   502  O  O   . ILE A 1 67  ? 9.386   -1.898  3.424   1.00 37.62  ? 67  ILE A O   1 
ATOM   503  C  CB  . ILE A 1 67  ? 6.343   -3.132  2.799   1.00 30.47  ? 67  ILE A CB  1 
ATOM   504  C  CG1 . ILE A 1 67  ? 5.310   -2.806  1.718   1.00 30.75  ? 67  ILE A CG1 1 
ATOM   505  C  CG2 . ILE A 1 67  ? 6.210   -2.136  3.940   1.00 31.65  ? 67  ILE A CG2 1 
ATOM   506  C  CD1 . ILE A 1 67  ? 3.910   -3.254  2.050   1.00 30.71  ? 67  ILE A CD1 1 
ATOM   507  N  N   . LYS A 1 68  ? 9.078   -4.063  3.936   1.00 32.71  ? 68  LYS A N   1 
ATOM   508  C  CA  . LYS A 1 68  ? 10.037  -4.108  5.018   1.00 35.26  ? 68  LYS A CA  1 
ATOM   509  C  C   . LYS A 1 68  ? 11.453  -3.754  4.506   1.00 39.51  ? 68  LYS A C   1 
ATOM   510  O  O   . LYS A 1 68  ? 12.210  -3.057  5.199   1.00 37.59  ? 68  LYS A O   1 
ATOM   511  C  CB  . LYS A 1 68  ? 10.033  -5.497  5.653   1.00 36.36  ? 68  LYS A CB  1 
ATOM   512  C  CG  . LYS A 1 68  ? 11.109  -5.758  6.708   1.00 42.18  ? 68  LYS A CG  1 
ATOM   513  C  CD  . LYS A 1 68  ? 10.844  -7.036  7.533   1.00 47.44  ? 68  LYS A CD  1 
ATOM   514  C  CE  . LYS A 1 68  ? 10.397  -6.741  8.969   1.00 53.71  ? 68  LYS A CE  1 
ATOM   515  N  NZ  . LYS A 1 68  ? 11.483  -6.092  9.807   1.00 60.27  ? 68  LYS A NZ  1 
ATOM   516  N  N   . TYR A 1 69  ? 11.802  -4.227  3.307   1.00 34.99  ? 69  TYR A N   1 
ATOM   517  C  CA  . TYR A 1 69  ? 13.130  -3.991  2.793   1.00 39.02  ? 69  TYR A CA  1 
ATOM   518  C  C   . TYR A 1 69  ? 13.295  -2.504  2.421   1.00 40.57  ? 69  TYR A C   1 
ATOM   519  O  O   . TYR A 1 69  ? 14.349  -1.926  2.640   1.00 37.72  ? 69  TYR A O   1 
ATOM   520  C  CB  . TYR A 1 69  ? 13.399  -4.892  1.603   1.00 43.89  ? 69  TYR A CB  1 
ATOM   521  C  CG  . TYR A 1 69  ? 14.830  -4.853  1.101   1.00 47.90  ? 69  TYR A CG  1 
ATOM   522  C  CD1 . TYR A 1 69  ? 15.903  -5.105  1.951   1.00 49.16  ? 69  TYR A CD1 1 
ATOM   523  C  CD2 . TYR A 1 69  ? 15.104  -4.610  -0.242  1.00 52.26  ? 69  TYR A CD2 1 
ATOM   524  C  CE1 . TYR A 1 69  ? 17.204  -5.079  1.481   1.00 50.94  ? 69  TYR A CE1 1 
ATOM   525  C  CE2 . TYR A 1 69  ? 16.402  -4.591  -0.729  1.00 47.65  ? 69  TYR A CE2 1 
ATOM   526  C  CZ  . TYR A 1 69  ? 17.452  -4.824  0.126   1.00 52.14  ? 69  TYR A CZ  1 
ATOM   527  O  OH  . TYR A 1 69  ? 18.754  -4.785  -0.377  1.00 58.75  ? 69  TYR A OH  1 
ATOM   528  N  N   . PHE A 1 70  ? 12.239  -1.897  1.883   1.00 37.32  ? 70  PHE A N   1 
ATOM   529  C  CA  . PHE A 1 70  ? 12.301  -0.513  1.482   1.00 34.45  ? 70  PHE A CA  1 
ATOM   530  C  C   . PHE A 1 70  ? 12.467  0.294   2.725   1.00 37.37  ? 70  PHE A C   1 
ATOM   531  O  O   . PHE A 1 70  ? 13.360  1.134   2.802   1.00 38.34  ? 70  PHE A O   1 
ATOM   532  C  CB  . PHE A 1 70  ? 11.021  -0.055  0.808   1.00 33.23  ? 70  PHE A CB  1 
ATOM   533  C  CG  . PHE A 1 70  ? 10.918  -0.413  -0.648  1.00 31.51  ? 70  PHE A CG  1 
ATOM   534  C  CD1 . PHE A 1 70  ? 11.796  -1.269  -1.243  1.00 29.84  ? 70  PHE A CD1 1 
ATOM   535  C  CD2 . PHE A 1 70  ? 9.890   0.111   -1.409  1.00 32.41  ? 70  PHE A CD2 1 
ATOM   536  C  CE1 . PHE A 1 70  ? 11.665  -1.597  -2.577  1.00 31.15  ? 70  PHE A CE1 1 
ATOM   537  C  CE2 . PHE A 1 70  ? 9.746   -0.211  -2.743  1.00 32.51  ? 70  PHE A CE2 1 
ATOM   538  C  CZ  . PHE A 1 70  ? 10.638  -1.074  -3.330  1.00 32.50  ? 70  PHE A CZ  1 
ATOM   539  N  N   . ILE A 1 71  ? 11.606  0.052   3.704   1.00 36.25  ? 71  ILE A N   1 
ATOM   540  C  CA  . ILE A 1 71  ? 11.680  0.836   4.928   1.00 37.83  ? 71  ILE A CA  1 
ATOM   541  C  C   . ILE A 1 71  ? 13.047  0.671   5.594   1.00 39.54  ? 71  ILE A C   1 
ATOM   542  O  O   . ILE A 1 71  ? 13.758  1.652   5.801   1.00 45.34  ? 71  ILE A O   1 
ATOM   543  C  CB  . ILE A 1 71  ? 10.561  0.468   5.893   1.00 36.68  ? 71  ILE A CB  1 
ATOM   544  C  CG1 . ILE A 1 71  ? 9.284   1.113   5.420   1.00 37.51  ? 71  ILE A CG1 1 
ATOM   545  C  CG2 . ILE A 1 71  ? 10.853  0.987   7.273   1.00 39.35  ? 71  ILE A CG2 1 
ATOM   546  C  CD1 . ILE A 1 71  ? 8.056   0.441   5.946   1.00 39.64  ? 71  ILE A CD1 1 
ATOM   547  N  N   . ASP A 1 72  ? 13.440  -0.560  5.889   1.00 41.10  ? 72  ASP A N   1 
ATOM   548  C  CA  . ASP A 1 72  ? 14.751  -0.823  6.544   1.00 42.07  ? 72  ASP A CA  1 
ATOM   549  C  C   . ASP A 1 72  ? 15.966  -0.236  5.755   1.00 41.23  ? 72  ASP A C   1 
ATOM   550  O  O   . ASP A 1 72  ? 16.999  0.055   6.325   1.00 38.72  ? 72  ASP A O   1 
ATOM   551  C  CB  . ASP A 1 72  ? 14.975  -2.339  6.799   1.00 42.52  ? 72  ASP A CB  1 
ATOM   552  C  CG  . ASP A 1 72  ? 13.984  -2.954  7.821   1.00 47.62  ? 72  ASP A CG  1 
ATOM   553  O  OD1 . ASP A 1 72  ? 13.285  -2.198  8.519   1.00 49.96  ? 72  ASP A OD1 1 
ATOM   554  O  OD2 . ASP A 1 72  ? 13.890  -4.216  7.930   1.00 54.32  ? 72  ASP A OD2 1 
ATOM   555  N  N   . SER A 1 73  ? 15.839  -0.098  4.448   1.00 42.11  ? 73  SER A N   1 
ATOM   556  C  CA  . SER A 1 73  ? 16.925  0.426   3.606   1.00 44.44  ? 73  SER A CA  1 
ATOM   557  C  C   . SER A 1 73  ? 16.906  1.968   3.516   1.00 49.89  ? 73  SER A C   1 
ATOM   558  O  O   . SER A 1 73  ? 17.762  2.548   2.859   1.00 53.70  ? 73  SER A O   1 
ATOM   559  C  CB  . SER A 1 73  ? 16.801  -0.151  2.174   1.00 42.05  ? 73  SER A CB  1 
ATOM   560  O  OG  . SER A 1 73  ? 17.021  -1.561  2.162   1.00 41.42  ? 73  SER A OG  1 
ATOM   561  N  N   . SER A 1 74  ? 15.930  2.614   4.165   1.00 49.33  ? 74  SER A N   1 
ATOM   562  C  CA  . SER A 1 74  ? 15.615  4.024   3.958   1.00 44.86  ? 74  SER A CA  1 
ATOM   563  C  C   . SER A 1 74  ? 16.052  4.877   5.149   1.00 48.96  ? 74  SER A C   1 
ATOM   564  O  O   . SER A 1 74  ? 16.558  4.353   6.158   1.00 45.97  ? 74  SER A O   1 
ATOM   565  C  CB  . SER A 1 74  ? 14.099  4.201   3.791   1.00 42.33  ? 74  SER A CB  1 
ATOM   566  O  OG  . SER A 1 74  ? 13.437  4.124   5.062   1.00 41.91  ? 74  SER A OG  1 
ATOM   567  N  N   . SER A 1 75  ? 15.806  6.187   5.026   1.00 49.95  ? 75  SER A N   1 
ATOM   568  C  CA  . SER A 1 75  ? 16.103  7.142   6.093   1.00 57.92  ? 75  SER A CA  1 
ATOM   569  C  C   . SER A 1 75  ? 14.986  7.332   7.115   1.00 58.38  ? 75  SER A C   1 
ATOM   570  O  O   . SER A 1 75  ? 15.165  8.095   8.061   1.00 62.23  ? 75  SER A O   1 
ATOM   571  C  CB  . SER A 1 75  ? 16.512  8.503   5.524   1.00 63.08  ? 75  SER A CB  1 
ATOM   572  O  OG  . SER A 1 75  ? 15.390  9.228   5.077   1.00 66.43  ? 75  SER A OG  1 
ATOM   573  N  N   . LYS A 1 76  ? 13.855  6.643   6.949   1.00 64.26  ? 76  LYS A N   1 
ATOM   574  C  CA  . LYS A 1 76  ? 12.835  6.521   8.018   1.00 64.09  ? 76  LYS A CA  1 
ATOM   575  C  C   . LYS A 1 76  ? 12.714  5.029   8.340   1.00 62.79  ? 76  LYS A C   1 
ATOM   576  O  O   . LYS A 1 76  ? 11.724  4.410   8.007   1.00 58.14  ? 76  LYS A O   1 
ATOM   577  C  CB  . LYS A 1 76  ? 11.461  7.117   7.591   1.00 70.36  ? 76  LYS A CB  1 
ATOM   578  C  CG  . LYS A 1 76  ? 11.480  8.581   7.106   1.00 78.99  ? 76  LYS A CG  1 
ATOM   579  C  CD  . LYS A 1 76  ? 10.111  9.162   6.681   1.00 87.51  ? 76  LYS A CD  1 
ATOM   580  C  CE  . LYS A 1 76  ? 9.142   9.428   7.857   1.00 93.94  ? 76  LYS A CE  1 
ATOM   581  N  NZ  . LYS A 1 76  ? 8.028   10.423  7.628   1.00 91.88  ? 76  LYS A NZ  1 
ATOM   582  N  N   . PRO A 1 77  ? 13.746  4.433   8.967   1.00 68.84  ? 77  PRO A N   1 
ATOM   583  C  CA  . PRO A 1 77  ? 13.740  2.982   9.263   1.00 65.05  ? 77  PRO A CA  1 
ATOM   584  C  C   . PRO A 1 77  ? 12.804  2.571   10.411  1.00 57.38  ? 77  PRO A C   1 
ATOM   585  O  O   . PRO A 1 77  ? 12.615  1.386   10.684  1.00 55.85  ? 77  PRO A O   1 
ATOM   586  C  CB  . PRO A 1 77  ? 15.200  2.714   9.654   1.00 69.69  ? 77  PRO A CB  1 
ATOM   587  C  CG  . PRO A 1 77  ? 15.653  4.004   10.257  1.00 72.00  ? 77  PRO A CG  1 
ATOM   588  C  CD  . PRO A 1 77  ? 15.002  5.066   9.418   1.00 70.91  ? 77  PRO A CD  1 
ATOM   589  N  N   . GLU A 1 78  ? 12.224  3.557   11.068  1.00 55.19  ? 78  GLU A N   1 
ATOM   590  C  CA  . GLU A 1 78  ? 11.296  3.345   12.153  1.00 54.36  ? 78  GLU A CA  1 
ATOM   591  C  C   . GLU A 1 78  ? 9.847   3.548   11.640  1.00 49.44  ? 78  GLU A C   1 
ATOM   592  O  O   . GLU A 1 78  ? 8.903   3.698   12.407  1.00 48.29  ? 78  GLU A O   1 
ATOM   593  C  CB  . GLU A 1 78  ? 11.691  4.299   13.298  1.00 60.77  ? 78  GLU A CB  1 
ATOM   594  C  CG  . GLU A 1 78  ? 11.256  5.786   13.185  1.00 72.12  ? 78  GLU A CG  1 
ATOM   595  C  CD  . GLU A 1 78  ? 11.752  6.612   11.957  1.00 74.42  ? 78  GLU A CD  1 
ATOM   596  O  OE1 . GLU A 1 78  ? 12.981  6.669   11.681  1.00 73.65  ? 78  GLU A OE1 1 
ATOM   597  O  OE2 . GLU A 1 78  ? 10.899  7.269   11.285  1.00 68.19  ? 78  GLU A OE2 1 
ATOM   598  N  N   . PHE A 1 79  ? 9.663   3.520   10.323  1.00 46.56  ? 79  PHE A N   1 
ATOM   599  C  CA  . PHE A 1 79  ? 8.339   3.815   9.734   1.00 44.56  ? 79  PHE A CA  1 
ATOM   600  C  C   . PHE A 1 79  ? 7.263   2.698   9.850   1.00 42.10  ? 79  PHE A C   1 
ATOM   601  O  O   . PHE A 1 79  ? 6.085   2.912   9.579   1.00 41.24  ? 79  PHE A O   1 
ATOM   602  C  CB  . PHE A 1 79  ? 8.546   4.216   8.274   1.00 41.47  ? 79  PHE A CB  1 
ATOM   603  C  CG  . PHE A 1 79  ? 7.387   4.963   7.667   1.00 39.45  ? 79  PHE A CG  1 
ATOM   604  C  CD1 . PHE A 1 79  ? 6.688   5.935   8.394   1.00 39.37  ? 79  PHE A CD1 1 
ATOM   605  C  CD2 . PHE A 1 79  ? 7.007   4.705   6.353   1.00 36.81  ? 79  PHE A CD2 1 
ATOM   606  C  CE1 . PHE A 1 79  ? 5.619   6.597   7.821   1.00 37.54  ? 79  PHE A CE1 1 
ATOM   607  C  CE2 . PHE A 1 79  ? 5.959   5.371   5.769   1.00 35.06  ? 79  PHE A CE2 1 
ATOM   608  C  CZ  . PHE A 1 79  ? 5.256   6.305   6.500   1.00 38.66  ? 79  PHE A CZ  1 
ATOM   609  N  N   . ALA A 1 80  ? 7.678   1.505   10.238  1.00 42.12  ? 80  ALA A N   1 
ATOM   610  C  CA  . ALA A 1 80  ? 6.749   0.468   10.645  1.00 43.44  ? 80  ALA A CA  1 
ATOM   611  C  C   . ALA A 1 80  ? 6.626   0.402   12.165  1.00 44.50  ? 80  ALA A C   1 
ATOM   612  O  O   . ALA A 1 80  ? 6.378   -0.654  12.694  1.00 47.65  ? 80  ALA A O   1 
ATOM   613  C  CB  . ALA A 1 80  ? 7.201   -0.877  10.104  1.00 43.22  ? 80  ALA A CB  1 
ATOM   614  N  N   . GLY A 1 81  ? 6.815   1.526   12.858  1.00 45.79  ? 81  GLY A N   1 
ATOM   615  C  CA  . GLY A 1 81  ? 6.619   1.612   14.310  1.00 45.72  ? 81  GLY A CA  1 
ATOM   616  C  C   . GLY A 1 81  ? 7.902   1.432   15.108  1.00 47.52  ? 81  GLY A C   1 
ATOM   617  O  O   . GLY A 1 81  ? 8.893   0.926   14.591  1.00 41.97  ? 81  GLY A O   1 
ATOM   618  N  N   . SER A 1 82  ? 7.827   1.811   16.389  1.00 51.02  ? 82  SER A N   1 
ATOM   619  C  CA  . SER A 1 82  ? 8.940   1.805   17.342  1.00 51.64  ? 82  SER A CA  1 
ATOM   620  C  C   . SER A 1 82  ? 8.749   0.770   18.478  1.00 53.04  ? 82  SER A C   1 
ATOM   621  O  O   . SER A 1 82  ? 9.589   -0.102  18.665  1.00 52.12  ? 82  SER A O   1 
ATOM   622  C  CB  . SER A 1 82  ? 9.083   3.196   17.995  1.00 55.96  ? 82  SER A CB  1 
ATOM   623  O  OG  . SER A 1 82  ? 9.039   4.229   17.044  1.00 59.73  ? 82  SER A OG  1 
ATOM   624  N  N   . SER A 1 83  ? 7.680   0.892   19.264  1.00 50.48  ? 83  SER A N   1 
ATOM   625  C  CA  . SER A 1 83  ? 7.453   -0.055  20.348  1.00 50.93  ? 83  SER A CA  1 
ATOM   626  C  C   . SER A 1 83  ? 7.045   -1.414  19.766  1.00 51.20  ? 83  SER A C   1 
ATOM   627  O  O   . SER A 1 83  ? 6.585   -1.478  18.644  1.00 46.06  ? 83  SER A O   1 
ATOM   628  C  CB  . SER A 1 83  ? 6.352   0.445   21.282  1.00 48.96  ? 83  SER A CB  1 
ATOM   629  O  OG  . SER A 1 83  ? 5.080   0.248   20.712  1.00 45.68  ? 83  SER A OG  1 
ATOM   630  N  N   . LEU A 1 84  ? 7.198   -2.473  20.562  1.00 54.34  ? 84  LEU A N   1 
ATOM   631  C  CA  . LEU A 1 84  ? 6.702   -3.812  20.228  1.00 53.40  ? 84  LEU A CA  1 
ATOM   632  C  C   . LEU A 1 84  ? 5.280   -3.816  19.726  1.00 46.57  ? 84  LEU A C   1 
ATOM   633  O  O   . LEU A 1 84  ? 4.993   -4.347  18.659  1.00 43.83  ? 84  LEU A O   1 
ATOM   634  C  CB  . LEU A 1 84  ? 6.821   -4.764  21.427  1.00 56.93  ? 84  LEU A CB  1 
ATOM   635  C  CG  . LEU A 1 84  ? 8.098   -5.633  21.393  1.00 60.96  ? 84  LEU A CG  1 
ATOM   636  C  CD1 . LEU A 1 84  ? 9.358   -4.829  21.051  1.00 58.30  ? 84  LEU A CD1 1 
ATOM   637  C  CD2 . LEU A 1 84  ? 8.300   -6.392  22.703  1.00 61.34  ? 84  LEU A CD2 1 
ATOM   638  N  N   . LYS A 1 85  ? 4.388   -3.210  20.473  1.00 45.15  ? 85  LYS A N   1 
ATOM   639  C  CA  . LYS A 1 85  ? 2.977   -3.165  20.051  1.00 48.49  ? 85  LYS A CA  1 
ATOM   640  C  C   . LYS A 1 85  ? 2.697   -2.370  18.762  1.00 48.84  ? 85  LYS A C   1 
ATOM   641  O  O   . LYS A 1 85  ? 1.871   -2.780  17.945  1.00 51.84  ? 85  LYS A O   1 
ATOM   642  C  CB  . LYS A 1 85  ? 2.118   -2.673  21.202  1.00 51.61  ? 85  LYS A CB  1 
ATOM   643  C  CG  . LYS A 1 85  ? 2.290   -3.582  22.409  1.00 57.35  ? 85  LYS A CG  1 
ATOM   644  C  CD  . LYS A 1 85  ? 1.573   -3.072  23.636  1.00 65.06  ? 85  LYS A CD  1 
ATOM   645  C  CE  . LYS A 1 85  ? 1.886   -3.965  24.827  1.00 70.05  ? 85  LYS A CE  1 
ATOM   646  N  NZ  . LYS A 1 85  ? 0.759   -3.939  25.798  1.00 73.60  ? 85  LYS A NZ  1 
ATOM   647  N  N   . GLU A 1 86  ? 3.394   -1.251  18.571  1.00 50.61  ? 86  GLU A N   1 
ATOM   648  C  CA  . GLU A 1 86  ? 3.281   -0.473  17.337  1.00 51.45  ? 86  GLU A CA  1 
ATOM   649  C  C   . GLU A 1 86  ? 3.649   -1.334  16.130  1.00 44.04  ? 86  GLU A C   1 
ATOM   650  O  O   . GLU A 1 86  ? 2.880   -1.438  15.172  1.00 40.03  ? 86  GLU A O   1 
ATOM   651  C  CB  . GLU A 1 86  ? 4.191   0.764   17.376  1.00 57.16  ? 86  GLU A CB  1 
ATOM   652  C  CG  . GLU A 1 86  ? 3.698   1.873   18.288  1.00 65.63  ? 86  GLU A CG  1 
ATOM   653  C  CD  . GLU A 1 86  ? 4.574   3.124   18.262  1.00 72.75  ? 86  GLU A CD  1 
ATOM   654  O  OE1 . GLU A 1 86  ? 5.764   3.073   17.855  1.00 74.99  ? 86  GLU A OE1 1 
ATOM   655  O  OE2 . GLU A 1 86  ? 4.055   4.180   18.671  1.00 80.79  ? 86  GLU A OE2 1 
ATOM   656  N  N   . LYS A 1 87  ? 4.834   -1.936  16.193  1.00 38.96  ? 87  LYS A N   1 
ATOM   657  C  CA  . LYS A 1 87  ? 5.330   -2.789  15.109  1.00 42.57  ? 87  LYS A CA  1 
ATOM   658  C  C   . LYS A 1 87  ? 4.367   -3.917  14.779  1.00 39.84  ? 87  LYS A C   1 
ATOM   659  O  O   . LYS A 1 87  ? 4.164   -4.204  13.626  1.00 42.20  ? 87  LYS A O   1 
ATOM   660  C  CB  . LYS A 1 87  ? 6.721   -3.320  15.422  1.00 43.01  ? 87  LYS A CB  1 
ATOM   661  C  CG  . LYS A 1 87  ? 7.771   -2.220  15.407  1.00 45.46  ? 87  LYS A CG  1 
ATOM   662  C  CD  . LYS A 1 87  ? 9.192   -2.771  15.392  1.00 49.52  ? 87  LYS A CD  1 
ATOM   663  C  CE  . LYS A 1 87  ? 9.630   -3.227  16.766  1.00 53.23  ? 87  LYS A CE  1 
ATOM   664  N  NZ  . LYS A 1 87  ? 11.090  -3.485  16.781  1.00 57.40  ? 87  LYS A NZ  1 
ATOM   665  N  N   . ALA A 1 88  ? 3.733   -4.487  15.797  1.00 39.00  ? 88  ALA A N   1 
ATOM   666  C  CA  . ALA A 1 88  ? 2.803   -5.588  15.605  1.00 40.04  ? 88  ALA A CA  1 
ATOM   667  C  C   . ALA A 1 88  ? 1.527   -5.141  14.957  1.00 39.45  ? 88  ALA A C   1 
ATOM   668  O  O   . ALA A 1 88  ? 1.026   -5.816  14.033  1.00 38.41  ? 88  ALA A O   1 
ATOM   669  C  CB  . ALA A 1 88  ? 2.473   -6.280  16.915  1.00 37.74  ? 88  ALA A CB  1 
ATOM   670  N  N   . LEU A 1 89  ? 0.971   -4.042  15.456  1.00 39.54  ? 89  LEU A N   1 
ATOM   671  C  CA  . LEU A 1 89  ? -0.284  -3.516  14.875  1.00 38.26  ? 89  LEU A CA  1 
ATOM   672  C  C   . LEU A 1 89  ? -0.057  -3.042  13.457  1.00 35.55  ? 89  LEU A C   1 
ATOM   673  O  O   . LEU A 1 89  ? -0.916  -3.140  12.664  1.00 38.21  ? 89  LEU A O   1 
ATOM   674  C  CB  . LEU A 1 89  ? -0.875  -2.371  15.717  1.00 39.12  ? 89  LEU A CB  1 
ATOM   675  C  CG  . LEU A 1 89  ? -1.540  -2.762  17.042  1.00 38.61  ? 89  LEU A CG  1 
ATOM   676  C  CD1 . LEU A 1 89  ? -1.729  -1.537  17.924  1.00 41.48  ? 89  LEU A CD1 1 
ATOM   677  C  CD2 . LEU A 1 89  ? -2.862  -3.480  16.849  1.00 35.44  ? 89  LEU A CD2 1 
ATOM   678  N  N   . ASN A 1 90  ? 1.120   -2.528  13.147  1.00 35.62  ? 90  ASN A N   1 
ATOM   679  C  CA  . ASN A 1 90  ? 1.404   -2.119  11.790  1.00 37.05  ? 90  ASN A CA  1 
ATOM   680  C  C   . ASN A 1 90  ? 1.477   -3.306  10.842  1.00 36.61  ? 90  ASN A C   1 
ATOM   681  O  O   . ASN A 1 90  ? 1.054   -3.234  9.692   1.00 38.62  ? 90  ASN A O   1 
ATOM   682  C  CB  . ASN A 1 90  ? 2.730   -1.352  11.731  1.00 38.46  ? 90  ASN A CB  1 
ATOM   683  C  CG  . ASN A 1 90  ? 2.995   -0.786  10.360  1.00 37.77  ? 90  ASN A CG  1 
ATOM   684  O  OD1 . ASN A 1 90  ? 2.485   0.294   10.003  1.00 36.56  ? 90  ASN A OD1 1 
ATOM   685  N  ND2 . ASN A 1 90  ? 3.728   -1.548  9.548   1.00 35.75  ? 90  ASN A ND2 1 
ATOM   686  N  N   . GLU A 1 91  ? 2.065   -4.393  11.314  1.00 38.89  ? 91  GLU A N   1 
ATOM   687  C  CA  . GLU A 1 91  ? 2.046   -5.631  10.552  1.00 40.08  ? 91  GLU A CA  1 
ATOM   688  C  C   . GLU A 1 91  ? 0.609   -6.054  10.359  1.00 38.75  ? 91  GLU A C   1 
ATOM   689  O  O   . GLU A 1 91  ? 0.240   -6.491  9.293   1.00 34.92  ? 91  GLU A O   1 
ATOM   690  C  CB  . GLU A 1 91  ? 2.677   -6.764  11.313  1.00 44.12  ? 91  GLU A CB  1 
ATOM   691  C  CG  . GLU A 1 91  ? 4.035   -7.254  10.869  1.00 48.45  ? 91  GLU A CG  1 
ATOM   692  C  CD  . GLU A 1 91  ? 4.237   -7.525  9.384   1.00 46.14  ? 91  GLU A CD  1 
ATOM   693  O  OE1 . GLU A 1 91  ? 4.760   -6.598  8.756   1.00 48.78  ? 91  GLU A OE1 1 
ATOM   694  O  OE2 . GLU A 1 91  ? 4.011   -8.646  8.859   1.00 39.09  ? 91  GLU A OE2 1 
ATOM   695  N  N   . LYS A 1 92  ? -0.193  -5.963  11.412  1.00 35.92  ? 92  LYS A N   1 
ATOM   696  C  CA  . LYS A 1 92  ? -1.567  -6.415  11.299  1.00 37.54  ? 92  LYS A CA  1 
ATOM   697  C  C   . LYS A 1 92  ? -2.274  -5.706  10.170  1.00 39.52  ? 92  LYS A C   1 
ATOM   698  O  O   . LYS A 1 92  ? -2.887  -6.334  9.272   1.00 35.93  ? 92  LYS A O   1 
ATOM   699  C  CB  . LYS A 1 92  ? -2.338  -6.169  12.574  1.00 43.29  ? 92  LYS A CB  1 
ATOM   700  C  CG  . LYS A 1 92  ? -3.852  -6.177  12.355  1.00 51.99  ? 92  LYS A CG  1 
ATOM   701  C  CD  . LYS A 1 92  ? -4.659  -5.878  13.622  1.00 52.00  ? 92  LYS A CD  1 
ATOM   702  C  CE  . LYS A 1 92  ? -4.976  -4.401  13.807  1.00 52.13  ? 92  LYS A CE  1 
ATOM   703  N  NZ  . LYS A 1 92  ? -6.386  -4.209  14.278  1.00 54.94  ? 92  LYS A NZ  1 
ATOM   704  N  N   . TRP A 1 93  ? -2.192  -4.381  10.218  1.00 37.19  ? 93  TRP A N   1 
ATOM   705  C  CA  . TRP A 1 93  ? -2.859  -3.549  9.216   1.00 35.49  ? 93  TRP A CA  1 
ATOM   706  C  C   . TRP A 1 93  ? -2.333  -3.725  7.808   1.00 32.50  ? 93  TRP A C   1 
ATOM   707  O  O   . TRP A 1 93  ? -3.085  -3.751  6.851   1.00 30.16  ? 93  TRP A O   1 
ATOM   708  C  CB  . TRP A 1 93  ? -2.776  -2.085  9.610   1.00 37.16  ? 93  TRP A CB  1 
ATOM   709  C  CG  . TRP A 1 93  ? -3.782  -1.767  10.664  1.00 38.09  ? 93  TRP A CG  1 
ATOM   710  C  CD1 . TRP A 1 93  ? -3.541  -1.356  11.952  1.00 36.76  ? 93  TRP A CD1 1 
ATOM   711  C  CD2 . TRP A 1 93  ? -5.210  -1.872  10.528  1.00 35.83  ? 93  TRP A CD2 1 
ATOM   712  N  NE1 . TRP A 1 93  ? -4.745  -1.182  12.614  1.00 37.69  ? 93  TRP A NE1 1 
ATOM   713  C  CE2 . TRP A 1 93  ? -5.776  -1.487  11.767  1.00 34.27  ? 93  TRP A CE2 1 
ATOM   714  C  CE3 . TRP A 1 93  ? -6.061  -2.242  9.470   1.00 34.68  ? 93  TRP A CE3 1 
ATOM   715  C  CZ2 . TRP A 1 93  ? -7.146  -1.441  11.979  1.00 37.37  ? 93  TRP A CZ2 1 
ATOM   716  C  CZ3 . TRP A 1 93  ? -7.452  -2.221  9.696   1.00 36.91  ? 93  TRP A CZ3 1 
ATOM   717  C  CH2 . TRP A 1 93  ? -7.974  -1.831  10.937  1.00 37.91  ? 93  TRP A CH2 1 
ATOM   718  N  N   . LEU A 1 94  ? -1.026  -3.821  7.684   1.00 32.43  ? 94  LEU A N   1 
ATOM   719  C  CA  . LEU A 1 94  ? -0.433  -4.104  6.389   1.00 29.50  ? 94  LEU A CA  1 
ATOM   720  C  C   . LEU A 1 94  ? -0.948  -5.442  5.796   1.00 29.16  ? 94  LEU A C   1 
ATOM   721  O  O   . LEU A 1 94  ? -1.396  -5.486  4.661   1.00 27.02  ? 94  LEU A O   1 
ATOM   722  C  CB  . LEU A 1 94  ? 1.089   -4.127  6.524   1.00 27.30  ? 94  LEU A CB  1 
ATOM   723  C  CG  . LEU A 1 94  ? 1.901   -2.828  6.579   1.00 27.91  ? 94  LEU A CG  1 
ATOM   724  C  CD1 . LEU A 1 94  ? 3.389   -3.214  6.440   1.00 28.91  ? 94  LEU A CD1 1 
ATOM   725  C  CD2 . LEU A 1 94  ? 1.528   -1.837  5.482   1.00 29.38  ? 94  LEU A CD2 1 
ATOM   726  N  N   . SER A 1 95  ? -0.856  -6.524  6.570   1.00 29.45  ? 95  SER A N   1 
ATOM   727  C  CA  . SER A 1 95  ? -1.323  -7.849  6.151   1.00 29.95  ? 95  SER A CA  1 
ATOM   728  C  C   . SER A 1 95  ? -2.851  -7.838  5.794   1.00 31.24  ? 95  SER A C   1 
ATOM   729  O  O   . SER A 1 95  ? -3.328  -8.439  4.794   1.00 30.97  ? 95  SER A O   1 
ATOM   730  C  CB  . SER A 1 95  ? -1.030  -8.815  7.297   1.00 30.52  ? 95  SER A CB  1 
ATOM   731  O  OG  . SER A 1 95  ? -1.611  -10.080 7.091   1.00 31.15  ? 95  SER A OG  1 
ATOM   732  N  N   . PHE A 1 96  ? -3.601  -7.093  6.585   1.00 29.04  ? 96  PHE A N   1 
ATOM   733  C  CA  . PHE A 1 96  ? -5.039  -7.037  6.430   1.00 30.18  ? 96  PHE A CA  1 
ATOM   734  C  C   . PHE A 1 96  ? -5.380  -6.312  5.159   1.00 32.79  ? 96  PHE A C   1 
ATOM   735  O  O   . PHE A 1 96  ? -6.230  -6.771  4.355   1.00 35.65  ? 96  PHE A O   1 
ATOM   736  C  CB  . PHE A 1 96  ? -5.683  -6.281  7.601   1.00 29.63  ? 96  PHE A CB  1 
ATOM   737  C  CG  . PHE A 1 96  ? -7.098  -5.910  7.335   1.00 32.05  ? 96  PHE A CG  1 
ATOM   738  C  CD1 . PHE A 1 96  ? -8.092  -6.887  7.320   1.00 33.01  ? 96  PHE A CD1 1 
ATOM   739  C  CD2 . PHE A 1 96  ? -7.438  -4.615  7.011   1.00 35.33  ? 96  PHE A CD2 1 
ATOM   740  C  CE1 . PHE A 1 96  ? -9.398  -6.556  7.039   1.00 34.08  ? 96  PHE A CE1 1 
ATOM   741  C  CE2 . PHE A 1 96  ? -8.758  -4.269  6.714   1.00 34.55  ? 96  PHE A CE2 1 
ATOM   742  C  CZ  . PHE A 1 96  ? -9.732  -5.245  6.734   1.00 36.70  ? 96  PHE A CZ  1 
ATOM   743  N  N   . ALA A 1 97  ? -4.755  -5.145  5.002   1.00 30.96  ? 97  ALA A N   1 
ATOM   744  C  CA  . ALA A 1 97  ? -5.050  -4.291  3.856   1.00 31.32  ? 97  ALA A CA  1 
ATOM   745  C  C   . ALA A 1 97  ? -4.589  -4.910  2.555   1.00 31.78  ? 97  ALA A C   1 
ATOM   746  O  O   . ALA A 1 97  ? -5.244  -4.795  1.554   1.00 34.75  ? 97  ALA A O   1 
ATOM   747  C  CB  . ALA A 1 97  ? -4.421  -2.933  4.028   1.00 32.25  ? 97  ALA A CB  1 
ATOM   748  N  N   . ASN A 1 98  ? -3.464  -5.591  2.578   1.00 33.57  ? 98  ASN A N   1 
ATOM   749  C  CA  . ASN A 1 98  ? -2.907  -6.153  1.378   1.00 35.18  ? 98  ASN A CA  1 
ATOM   750  C  C   . ASN A 1 98  ? -3.662  -7.403  0.947   1.00 38.92  ? 98  ASN A C   1 
ATOM   751  O  O   . ASN A 1 98  ? -3.763  -7.667  -0.251  1.00 46.58  ? 98  ASN A O   1 
ATOM   752  C  CB  . ASN A 1 98  ? -1.424  -6.464  1.616   1.00 35.45  ? 98  ASN A CB  1 
ATOM   753  C  CG  . ASN A 1 98  ? -0.755  -7.068  0.409   1.00 35.31  ? 98  ASN A CG  1 
ATOM   754  O  OD1 . ASN A 1 98  ? -0.597  -6.403  -0.609  1.00 37.68  ? 98  ASN A OD1 1 
ATOM   755  N  ND2 . ASN A 1 98  ? -0.359  -8.327  0.507   1.00 36.37  ? 98  ASN A ND2 1 
ATOM   756  N  N   . SER A 1 99  ? -4.178  -8.197  1.888   1.00 39.46  ? 99  SER A N   1 
ATOM   757  C  CA  . SER A 1 99  ? -4.895  -9.432  1.493   1.00 40.04  ? 99  SER A CA  1 
ATOM   758  C  C   . SER A 1 99  ? -6.363  -9.130  1.331   1.00 37.35  ? 99  SER A C   1 
ATOM   759  O  O   . SER A 1 99  ? -6.877  -9.124  0.236   1.00 39.45  ? 99  SER A O   1 
ATOM   760  C  CB  . SER A 1 99  ? -4.685  -10.574 2.500   1.00 41.34  ? 99  SER A CB  1 
ATOM   761  O  OG  . SER A 1 99  ? -4.808  -10.066 3.807   1.00 50.02  ? 99  SER A OG  1 
ATOM   762  N  N   . ASP A 1 100 ? -7.007  -8.801  2.431   1.00 42.59  ? 100 ASP A N   1 
ATOM   763  C  CA  . ASP A 1 100 ? -8.471  -8.782  2.521   1.00 45.51  ? 100 ASP A CA  1 
ATOM   764  C  C   . ASP A 1 100 ? -9.043  -7.598  1.796   1.00 42.09  ? 100 ASP A C   1 
ATOM   765  O  O   . ASP A 1 100 ? -9.874  -7.738  0.912   1.00 37.50  ? 100 ASP A O   1 
ATOM   766  C  CB  . ASP A 1 100 ? -8.925  -8.733  3.992   1.00 46.13  ? 100 ASP A CB  1 
ATOM   767  C  CG  . ASP A 1 100 ? -8.509  -9.987  4.782   1.00 53.15  ? 100 ASP A CG  1 
ATOM   768  O  OD1 . ASP A 1 100 ? -8.466  -11.107 4.215   1.00 55.77  ? 100 ASP A OD1 1 
ATOM   769  O  OD2 . ASP A 1 100 ? -8.218  -9.855  5.984   1.00 67.67  ? 100 ASP A OD2 1 
ATOM   770  N  N   . LEU A 1 101 ? -8.577  -6.428  2.171   1.00 38.84  ? 101 LEU A N   1 
ATOM   771  C  CA  . LEU A 1 101 ? -9.141  -5.211  1.621   1.00 42.34  ? 101 LEU A CA  1 
ATOM   772  C  C   . LEU A 1 101 ? -8.786  -5.012  0.143   1.00 42.60  ? 101 LEU A C   1 
ATOM   773  O  O   . LEU A 1 101 ? -9.675  -4.750  -0.692  1.00 40.04  ? 101 LEU A O   1 
ATOM   774  C  CB  . LEU A 1 101 ? -8.726  -4.010  2.465   1.00 40.51  ? 101 LEU A CB  1 
ATOM   775  C  CG  . LEU A 1 101 ? -9.169  -2.651  1.972   1.00 42.49  ? 101 LEU A CG  1 
ATOM   776  C  CD1 . LEU A 1 101 ? -10.661 -2.631  1.865   1.00 42.08  ? 101 LEU A CD1 1 
ATOM   777  C  CD2 . LEU A 1 101 ? -8.681  -1.577  2.942   1.00 46.92  ? 101 LEU A CD2 1 
ATOM   778  N  N   . CYS A 1 102 ? -7.505  -5.143  -0.183  1.00 42.83  ? 102 CYS A N   1 
ATOM   779  C  CA  . CYS A 1 102 ? -7.069  -5.061  -1.593  1.00 46.60  ? 102 CYS A CA  1 
ATOM   780  C  C   . CYS A 1 102 ? -7.699  -6.188  -2.398  1.00 44.01  ? 102 CYS A C   1 
ATOM   781  O  O   . CYS A 1 102 ? -8.160  -5.965  -3.508  1.00 51.82  ? 102 CYS A O   1 
ATOM   782  C  CB  . CYS A 1 102 ? -5.515  -5.067  -1.761  1.00 51.06  ? 102 CYS A CB  1 
ATOM   783  S  SG  . CYS A 1 102 ? -4.684  -3.458  -1.502  1.00 54.91  ? 102 CYS A SG  1 
ATOM   784  N  N   . GLY A 1 103 ? -7.715  -7.399  -1.859  1.00 43.64  ? 103 GLY A N   1 
ATOM   785  C  CA  . GLY A 1 103 ? -8.455  -8.503  -2.505  1.00 44.17  ? 103 GLY A CA  1 
ATOM   786  C  C   . GLY A 1 103 ? -9.920  -8.178  -2.846  1.00 46.71  ? 103 GLY A C   1 
ATOM   787  O  O   . GLY A 1 103 ? -10.446 -8.578  -3.896  1.00 47.36  ? 103 GLY A O   1 
ATOM   788  N  N   . ALA A 1 104 ? -10.585 -7.442  -1.958  1.00 47.86  ? 104 ALA A N   1 
ATOM   789  C  CA  . ALA A 1 104 ? -11.981 -7.030  -2.178  1.00 46.10  ? 104 ALA A CA  1 
ATOM   790  C  C   . ALA A 1 104 ? -12.052 -5.958  -3.257  1.00 46.03  ? 104 ALA A C   1 
ATOM   791  O  O   . ALA A 1 104 ? -12.829 -6.075  -4.199  1.00 43.58  ? 104 ALA A O   1 
ATOM   792  C  CB  . ALA A 1 104 ? -12.613 -6.531  -0.874  1.00 42.64  ? 104 ALA A CB  1 
HETATM 793  N  N   . MSE A 1 105 ? -11.209 -4.934  -3.141  1.00 50.45  ? 105 MSE A N   1 
HETATM 794  C  CA  . MSE A 1 105 ? -11.185 -3.842  -4.137  1.00 51.93  ? 105 MSE A CA  1 
HETATM 795  C  C   . MSE A 1 105 ? -10.905 -4.362  -5.532  1.00 46.19  ? 105 MSE A C   1 
HETATM 796  O  O   . MSE A 1 105 ? -11.585 -4.015  -6.482  1.00 49.75  ? 105 MSE A O   1 
HETATM 797  C  CB  . MSE A 1 105 ? -10.211 -2.803  -3.643  1.00 61.22  ? 105 MSE A CB  1 
HETATM 798  C  CG  . MSE A 1 105 ? -10.106 -1.614  -4.579  1.00 75.33  ? 105 MSE A CG  1 
HETATM 799  SE SE  . MSE A 1 105 ? -8.323  -1.706  -5.404  1.00 98.68  ? 105 MSE A SE  1 
HETATM 800  C  CE  . MSE A 1 105 ? -7.110  -1.108  -3.968  1.00 92.19  ? 105 MSE A CE  1 
ATOM   801  N  N   . VAL A 1 106 ? -9.951  -5.263  -5.659  1.00 46.14  ? 106 VAL A N   1 
ATOM   802  C  CA  . VAL A 1 106 ? -9.667  -5.936  -6.938  1.00 44.31  ? 106 VAL A CA  1 
ATOM   803  C  C   . VAL A 1 106 ? -10.837 -6.755  -7.477  1.00 45.87  ? 106 VAL A C   1 
ATOM   804  O  O   . VAL A 1 106 ? -11.063 -6.805  -8.694  1.00 47.20  ? 106 VAL A O   1 
ATOM   805  C  CB  . VAL A 1 106 ? -8.406  -6.816  -6.799  1.00 45.97  ? 106 VAL A CB  1 
ATOM   806  C  CG1 . VAL A 1 106 ? -8.179  -7.724  -8.003  1.00 41.52  ? 106 VAL A CG1 1 
ATOM   807  C  CG2 . VAL A 1 106 ? -7.190  -5.901  -6.592  1.00 52.12  ? 106 VAL A CG2 1 
ATOM   808  N  N   . GLY A 1 107 ? -11.579 -7.412  -6.592  1.00 49.84  ? 107 GLY A N   1 
ATOM   809  C  CA  . GLY A 1 107 ? -12.798 -8.133  -7.006  1.00 49.60  ? 107 GLY A CA  1 
ATOM   810  C  C   . GLY A 1 107 ? -13.750 -7.203  -7.757  1.00 47.39  ? 107 GLY A C   1 
ATOM   811  O  O   . GLY A 1 107 ? -14.213 -7.493  -8.864  1.00 42.72  ? 107 GLY A O   1 
ATOM   812  N  N   . VAL A 1 108 ? -13.990 -6.049  -7.167  1.00 43.84  ? 108 VAL A N   1 
ATOM   813  C  CA  . VAL A 1 108 ? -14.868 -5.083  -7.773  1.00 45.93  ? 108 VAL A CA  1 
ATOM   814  C  C   . VAL A 1 108 ? -14.247 -4.473  -9.031  1.00 51.91  ? 108 VAL A C   1 
ATOM   815  O  O   . VAL A 1 108 ? -14.893 -4.341  -10.074 1.00 54.19  ? 108 VAL A O   1 
ATOM   816  C  CB  . VAL A 1 108 ? -15.117 -3.935  -6.814  1.00 44.99  ? 108 VAL A CB  1 
ATOM   817  C  CG1 . VAL A 1 108 ? -15.912 -2.852  -7.522  1.00 48.70  ? 108 VAL A CG1 1 
ATOM   818  C  CG2 . VAL A 1 108 ? -15.805 -4.429  -5.547  1.00 44.90  ? 108 VAL A CG2 1 
ATOM   819  N  N   . TRP A 1 109 ? -12.990 -4.071  -8.896  1.00 53.63  ? 109 TRP A N   1 
ATOM   820  C  CA  . TRP A 1 109 ? -12.285 -3.370  -9.941  1.00 49.32  ? 109 TRP A CA  1 
ATOM   821  C  C   . TRP A 1 109 ? -12.428 -4.099  -11.274 1.00 44.15  ? 109 TRP A C   1 
ATOM   822  O  O   . TRP A 1 109 ? -12.708 -3.477  -12.265 1.00 47.21  ? 109 TRP A O   1 
ATOM   823  C  CB  . TRP A 1 109 ? -10.805 -3.228  -9.558  1.00 48.67  ? 109 TRP A CB  1 
ATOM   824  C  CG  . TRP A 1 109 ? -10.000 -2.342  -10.477 1.00 45.99  ? 109 TRP A CG  1 
ATOM   825  C  CD1 . TRP A 1 109 ? -9.520  -2.658  -11.729 1.00 43.48  ? 109 TRP A CD1 1 
ATOM   826  C  CD2 . TRP A 1 109 ? -9.573  -0.995  -10.210 1.00 43.28  ? 109 TRP A CD2 1 
ATOM   827  N  NE1 . TRP A 1 109 ? -8.830  -1.578  -12.249 1.00 45.16  ? 109 TRP A NE1 1 
ATOM   828  C  CE2 . TRP A 1 109 ? -8.849  -0.553  -11.334 1.00 42.28  ? 109 TRP A CE2 1 
ATOM   829  C  CE3 . TRP A 1 109 ? -9.718  -0.133  -9.123  1.00 47.41  ? 109 TRP A CE3 1 
ATOM   830  C  CZ2 . TRP A 1 109 ? -8.263  0.708   -11.391 1.00 42.31  ? 109 TRP A CZ2 1 
ATOM   831  C  CZ3 . TRP A 1 109 ? -9.149  1.134   -9.191  1.00 47.05  ? 109 TRP A CZ3 1 
ATOM   832  C  CH2 . TRP A 1 109 ? -8.429  1.541   -10.319 1.00 42.64  ? 109 TRP A CH2 1 
ATOM   833  N  N   . PHE A 1 110 ? -12.246 -5.407  -11.292 1.00 45.73  ? 110 PHE A N   1 
ATOM   834  C  CA  . PHE A 1 110 ? -12.340 -6.181  -12.519 1.00 49.66  ? 110 PHE A CA  1 
ATOM   835  C  C   . PHE A 1 110 ? -13.668 -6.918  -12.713 1.00 57.67  ? 110 PHE A C   1 
ATOM   836  O  O   . PHE A 1 110 ? -13.723 -7.944  -13.399 1.00 60.49  ? 110 PHE A O   1 
ATOM   837  C  CB  . PHE A 1 110 ? -11.212 -7.197  -12.550 1.00 54.70  ? 110 PHE A CB  1 
ATOM   838  C  CG  . PHE A 1 110 ? -9.861  -6.567  -12.547 1.00 64.59  ? 110 PHE A CG  1 
ATOM   839  C  CD1 . PHE A 1 110 ? -9.473  -5.743  -13.598 1.00 68.76  ? 110 PHE A CD1 1 
ATOM   840  C  CD2 . PHE A 1 110 ? -8.976  -6.774  -11.488 1.00 64.20  ? 110 PHE A CD2 1 
ATOM   841  C  CE1 . PHE A 1 110 ? -8.226  -5.146  -13.600 1.00 68.89  ? 110 PHE A CE1 1 
ATOM   842  C  CE2 . PHE A 1 110 ? -7.728  -6.180  -11.484 1.00 67.57  ? 110 PHE A CE2 1 
ATOM   843  C  CZ  . PHE A 1 110 ? -7.354  -5.362  -12.537 1.00 71.71  ? 110 PHE A CZ  1 
ATOM   844  N  N   . CYS A 1 111 ? -14.742 -6.394  -12.138 1.00 61.12  ? 111 CYS A N   1 
ATOM   845  C  CA  . CYS A 1 111 ? -16.021 -7.040  -12.276 1.00 66.95  ? 111 CYS A CA  1 
ATOM   846  C  C   . CYS A 1 111 ? -16.698 -6.767  -13.632 1.00 70.88  ? 111 CYS A C   1 
ATOM   847  O  O   . CYS A 1 111 ? -17.234 -5.680  -13.853 1.00 72.31  ? 111 CYS A O   1 
ATOM   848  C  CB  . CYS A 1 111 ? -16.955 -6.612  -11.161 1.00 70.48  ? 111 CYS A CB  1 
ATOM   849  S  SG  . CYS A 1 111 ? -18.500 -7.538  -11.300 1.00 67.64  ? 111 CYS A SG  1 
ATOM   850  N  N   . LYS A 1 112 ? -16.683 -7.764  -14.519 1.00 72.49  ? 112 LYS A N   1 
ATOM   851  C  CA  . LYS A 1 112 ? -17.349 -7.670  -15.818 1.00 79.94  ? 112 LYS A CA  1 
ATOM   852  C  C   . LYS A 1 112 ? -18.858 -7.924  -15.644 1.00 86.76  ? 112 LYS A C   1 
ATOM   853  O  O   . LYS A 1 112 ? -19.685 -7.107  -16.052 1.00 93.66  ? 112 LYS A O   1 
ATOM   854  C  CB  . LYS A 1 112 ? -16.733 -8.676  -16.800 1.00 73.88  ? 112 LYS A CB  1 
ATOM   855  N  N   . ASP A 1 113 ? -19.176 -9.037  -14.978 1.00 87.25  ? 113 ASP A N   1 
ATOM   856  C  CA  . ASP A 1 113 ? -20.549 -9.560  -14.740 1.00 81.46  ? 113 ASP A CA  1 
ATOM   857  C  C   . ASP A 1 113 ? -21.425 -8.810  -13.695 1.00 75.51  ? 113 ASP A C   1 
ATOM   858  O  O   . ASP A 1 113 ? -21.240 -8.953  -12.490 1.00 70.37  ? 113 ASP A O   1 
ATOM   859  C  CB  . ASP A 1 113 ? -20.392 -11.038 -14.314 1.00 82.51  ? 113 ASP A CB  1 
ATOM   860  C  CG  . ASP A 1 113 ? -21.703 -11.813 -14.307 1.00 88.35  ? 113 ASP A CG  1 
ATOM   861  O  OD1 . ASP A 1 113 ? -22.788 -11.195 -14.256 1.00 90.27  ? 113 ASP A OD1 1 
ATOM   862  O  OD2 . ASP A 1 113 ? -21.639 -13.062 -14.336 1.00 87.20  ? 113 ASP A OD2 1 
ATOM   863  N  N   . GLU A 1 114 ? -22.429 -8.073  -14.153 1.00 78.34  ? 114 GLU A N   1 
ATOM   864  C  CA  . GLU A 1 114 ? -23.325 -7.324  -13.237 1.00 83.18  ? 114 GLU A CA  1 
ATOM   865  C  C   . GLU A 1 114 ? -24.138 -8.175  -12.213 1.00 80.96  ? 114 GLU A C   1 
ATOM   866  O  O   . GLU A 1 114 ? -24.537 -7.668  -11.145 1.00 78.67  ? 114 GLU A O   1 
ATOM   867  C  CB  . GLU A 1 114 ? -24.274 -6.416  -14.041 1.00 90.12  ? 114 GLU A CB  1 
ATOM   868  C  CG  . GLU A 1 114 ? -23.674 -5.068  -14.425 1.00 97.22  ? 114 GLU A CG  1 
ATOM   869  C  CD  . GLU A 1 114 ? -23.302 -4.216  -13.214 1.00 103.34 ? 114 GLU A CD  1 
ATOM   870  O  OE1 . GLU A 1 114 ? -23.800 -4.506  -12.098 1.00 112.47 ? 114 GLU A OE1 1 
ATOM   871  O  OE2 . GLU A 1 114 ? -22.508 -3.258  -13.366 1.00 98.13  ? 114 GLU A OE2 1 
ATOM   872  N  N   . SER A 1 115 ? -24.373 -9.448  -12.541 1.00 72.95  ? 115 SER A N   1 
ATOM   873  C  CA  . SER A 1 115 ? -25.002 -10.410 -11.627 1.00 73.47  ? 115 SER A CA  1 
ATOM   874  C  C   . SER A 1 115 ? -24.073 -10.870 -10.495 1.00 76.13  ? 115 SER A C   1 
ATOM   875  O  O   . SER A 1 115 ? -24.507 -11.576 -9.584  1.00 73.69  ? 115 SER A O   1 
ATOM   876  C  CB  . SER A 1 115 ? -25.465 -11.655 -12.395 1.00 76.65  ? 115 SER A CB  1 
ATOM   877  O  OG  . SER A 1 115 ? -24.433 -12.639 -12.466 1.00 75.55  ? 115 SER A OG  1 
ATOM   878  N  N   . LYS A 1 116 ? -22.788 -10.523 -10.587 1.00 79.16  ? 116 LYS A N   1 
ATOM   879  C  CA  . LYS A 1 116 ? -21.826 -10.813 -9.524  1.00 77.81  ? 116 LYS A CA  1 
ATOM   880  C  C   . LYS A 1 116 ? -21.396 -9.581  -8.724  1.00 71.13  ? 116 LYS A C   1 
ATOM   881  O  O   . LYS A 1 116 ? -20.862 -9.736  -7.641  1.00 64.80  ? 116 LYS A O   1 
ATOM   882  C  CB  . LYS A 1 116 ? -20.589 -11.522 -10.088 1.00 78.93  ? 116 LYS A CB  1 
ATOM   883  C  CG  . LYS A 1 116 ? -20.688 -13.037 -10.082 1.00 84.08  ? 116 LYS A CG  1 
ATOM   884  C  CD  . LYS A 1 116 ? -19.494 -13.635 -9.341  1.00 97.88  ? 116 LYS A CD  1 
ATOM   885  C  CE  . LYS A 1 116 ? -19.514 -15.159 -9.317  1.00 100.64 ? 116 LYS A CE  1 
ATOM   886  N  NZ  . LYS A 1 116 ? -19.324 -15.720 -10.683 1.00 100.92 ? 116 LYS A NZ  1 
ATOM   887  N  N   . LYS A 1 117 ? -21.647 -8.376  -9.237  1.00 70.49  ? 117 LYS A N   1 
ATOM   888  C  CA  . LYS A 1 117 ? -21.136 -7.135  -8.622  1.00 70.40  ? 117 LYS A CA  1 
ATOM   889  C  C   . LYS A 1 117 ? -21.590 -6.847  -7.186  1.00 60.21  ? 117 LYS A C   1 
ATOM   890  O  O   . LYS A 1 117 ? -20.767 -6.489  -6.364  1.00 59.18  ? 117 LYS A O   1 
ATOM   891  C  CB  . LYS A 1 117 ? -21.426 -5.904  -9.515  1.00 75.55  ? 117 LYS A CB  1 
ATOM   892  C  CG  . LYS A 1 117 ? -20.969 -4.550  -8.952  1.00 78.62  ? 117 LYS A CG  1 
ATOM   893  C  CD  . LYS A 1 117 ? -20.985 -3.441  -10.009 1.00 85.69  ? 117 LYS A CD  1 
ATOM   894  C  CE  . LYS A 1 117 ? -20.855 -2.034  -9.415  1.00 91.27  ? 117 LYS A CE  1 
ATOM   895  N  NZ  . LYS A 1 117 ? -19.468 -1.491  -9.468  1.00 90.34  ? 117 LYS A NZ  1 
ATOM   896  N  N   . PRO A 1 118 ? -22.890 -6.962  -6.888  1.00 63.48  ? 118 PRO A N   1 
ATOM   897  C  CA  . PRO A 1 118 ? -23.375 -6.499  -5.554  1.00 61.16  ? 118 PRO A CA  1 
ATOM   898  C  C   . PRO A 1 118 ? -22.761 -7.289  -4.380  1.00 52.66  ? 118 PRO A C   1 
ATOM   899  O  O   . PRO A 1 118 ? -22.436 -6.736  -3.316  1.00 46.02  ? 118 PRO A O   1 
ATOM   900  C  CB  . PRO A 1 118 ? -24.902 -6.739  -5.626  1.00 61.21  ? 118 PRO A CB  1 
ATOM   901  C  CG  . PRO A 1 118 ? -25.213 -7.026  -7.068  1.00 60.30  ? 118 PRO A CG  1 
ATOM   902  C  CD  . PRO A 1 118 ? -23.964 -7.598  -7.677  1.00 62.88  ? 118 PRO A CD  1 
ATOM   903  N  N   . GLU A 1 119 ? -22.625 -8.587  -4.599  1.00 53.30  ? 119 GLU A N   1 
ATOM   904  C  CA  . GLU A 1 119 ? -21.949 -9.488  -3.673  1.00 60.98  ? 119 GLU A CA  1 
ATOM   905  C  C   . GLU A 1 119 ? -20.532 -8.999  -3.360  1.00 60.53  ? 119 GLU A C   1 
ATOM   906  O  O   . GLU A 1 119 ? -20.125 -8.956  -2.199  1.00 56.72  ? 119 GLU A O   1 
ATOM   907  C  CB  . GLU A 1 119 ? -21.900 -10.886 -4.287  1.00 62.76  ? 119 GLU A CB  1 
ATOM   908  C  CG  . GLU A 1 119 ? -20.997 -11.842 -3.547  1.00 76.63  ? 119 GLU A CG  1 
ATOM   909  C  CD  . GLU A 1 119 ? -21.499 -13.272 -3.585  1.00 87.95  ? 119 GLU A CD  1 
ATOM   910  O  OE1 . GLU A 1 119 ? -22.224 -13.647 -4.545  1.00 95.48  ? 119 GLU A OE1 1 
ATOM   911  O  OE2 . GLU A 1 119 ? -21.154 -14.021 -2.641  1.00 92.08  ? 119 GLU A OE2 1 
ATOM   912  N  N   . LEU A 1 120 ? -19.810 -8.639  -4.426  1.00 57.64  ? 120 LEU A N   1 
ATOM   913  C  CA  . LEU A 1 120 ? -18.440 -8.133  -4.364  1.00 52.69  ? 120 LEU A CA  1 
ATOM   914  C  C   . LEU A 1 120 ? -18.369 -6.759  -3.713  1.00 50.70  ? 120 LEU A C   1 
ATOM   915  O  O   . LEU A 1 120 ? -17.485 -6.474  -2.881  1.00 54.57  ? 120 LEU A O   1 
ATOM   916  C  CB  . LEU A 1 120 ? -17.832 -8.088  -5.762  1.00 52.44  ? 120 LEU A CB  1 
ATOM   917  C  CG  . LEU A 1 120 ? -17.640 -9.433  -6.494  1.00 53.23  ? 120 LEU A CG  1 
ATOM   918  C  CD1 . LEU A 1 120 ? -17.388 -9.218  -7.987  1.00 51.25  ? 120 LEU A CD1 1 
ATOM   919  C  CD2 . LEU A 1 120 ? -16.520 -10.302 -5.916  1.00 51.94  ? 120 LEU A CD2 1 
ATOM   920  N  N   . VAL A 1 121 ? -19.311 -5.898  -4.043  1.00 48.18  ? 121 VAL A N   1 
ATOM   921  C  CA  . VAL A 1 121 ? -19.295 -4.589  -3.418  1.00 49.88  ? 121 VAL A CA  1 
ATOM   922  C  C   . VAL A 1 121 ? -19.652 -4.689  -1.965  1.00 49.28  ? 121 VAL A C   1 
ATOM   923  O  O   . VAL A 1 121 ? -19.254 -3.838  -1.200  1.00 52.98  ? 121 VAL A O   1 
ATOM   924  C  CB  . VAL A 1 121 ? -20.226 -3.599  -4.116  1.00 53.49  ? 121 VAL A CB  1 
ATOM   925  C  CG1 . VAL A 1 121 ? -20.211 -2.258  -3.382  1.00 59.30  ? 121 VAL A CG1 1 
ATOM   926  C  CG2 . VAL A 1 121 ? -19.765 -3.389  -5.540  1.00 52.07  ? 121 VAL A CG2 1 
ATOM   927  N  N   . SER A 1 122 ? -20.391 -5.736  -1.591  1.00 52.67  ? 122 SER A N   1 
ATOM   928  C  CA  . SER A 1 122 ? -20.801 -5.933  -0.203  1.00 52.95  ? 122 SER A CA  1 
ATOM   929  C  C   . SER A 1 122 ? -19.655 -6.344  0.692   1.00 50.33  ? 122 SER A C   1 
ATOM   930  O  O   . SER A 1 122 ? -19.490 -5.771  1.802   1.00 47.77  ? 122 SER A O   1 
ATOM   931  C  CB  . SER A 1 122 ? -21.924 -6.974  -0.087  1.00 55.74  ? 122 SER A CB  1 
ATOM   932  O  OG  . SER A 1 122 ? -23.161 -6.308  -0.052  1.00 62.94  ? 122 SER A OG  1 
ATOM   933  N  N   . LYS A 1 123 ? -18.891 -7.347  0.233   1.00 45.13  ? 123 LYS A N   1 
ATOM   934  C  CA  . LYS A 1 123 ? -17.643 -7.728  0.918   1.00 49.37  ? 123 LYS A CA  1 
ATOM   935  C  C   . LYS A 1 123 ? -16.844 -6.449  1.188   1.00 46.27  ? 123 LYS A C   1 
ATOM   936  O  O   . LYS A 1 123 ? -16.550 -6.116  2.331   1.00 50.42  ? 123 LYS A O   1 
ATOM   937  C  CB  . LYS A 1 123 ? -16.850 -8.784  0.134   1.00 55.23  ? 123 LYS A CB  1 
ATOM   938  C  CG  . LYS A 1 123 ? -17.621 -10.104 0.019   1.00 66.79  ? 123 LYS A CG  1 
ATOM   939  C  CD  . LYS A 1 123 ? -16.823 -11.312 -0.482  1.00 77.77  ? 123 LYS A CD  1 
ATOM   940  C  CE  . LYS A 1 123 ? -17.181 -11.721 -1.914  1.00 85.07  ? 123 LYS A CE  1 
ATOM   941  N  NZ  . LYS A 1 123 ? -16.334 -12.843 -2.437  1.00 86.10  ? 123 LYS A NZ  1 
ATOM   942  N  N   . LEU A 1 124 ? -16.624 -5.657  0.154   1.00 47.36  ? 124 LEU A N   1 
ATOM   943  C  CA  . LEU A 1 124 ? -15.867 -4.433  0.321   1.00 47.61  ? 124 LEU A CA  1 
ATOM   944  C  C   . LEU A 1 124 ? -16.439 -3.516  1.398   1.00 45.61  ? 124 LEU A C   1 
ATOM   945  O  O   . LEU A 1 124 ? -15.713 -3.077  2.293   1.00 49.05  ? 124 LEU A O   1 
ATOM   946  C  CB  . LEU A 1 124 ? -15.733 -3.709  -1.010  1.00 46.66  ? 124 LEU A CB  1 
ATOM   947  C  CG  . LEU A 1 124 ? -14.882 -2.439  -1.020  1.00 51.78  ? 124 LEU A CG  1 
ATOM   948  C  CD1 . LEU A 1 124 ? -13.462 -2.661  -0.471  1.00 49.63  ? 124 LEU A CD1 1 
ATOM   949  C  CD2 . LEU A 1 124 ? -14.827 -1.918  -2.457  1.00 54.85  ? 124 LEU A CD2 1 
ATOM   950  N  N   . ASN A 1 125 ? -17.717 -3.200  1.332   1.00 49.61  ? 125 ASN A N   1 
ATOM   951  C  CA  . ASN A 1 125 ? -18.301 -2.314  2.354   1.00 53.97  ? 125 ASN A CA  1 
ATOM   952  C  C   . ASN A 1 125 ? -18.091 -2.770  3.794   1.00 51.74  ? 125 ASN A C   1 
ATOM   953  O  O   . ASN A 1 125 ? -17.843 -1.938  4.678   1.00 52.53  ? 125 ASN A O   1 
ATOM   954  C  CB  . ASN A 1 125 ? -19.800 -2.114  2.102   1.00 64.90  ? 125 ASN A CB  1 
ATOM   955  C  CG  . ASN A 1 125 ? -20.067 -1.050  1.062   1.00 74.22  ? 125 ASN A CG  1 
ATOM   956  O  OD1 . ASN A 1 125 ? -20.185 0.132   1.390   1.00 93.57  ? 125 ASN A OD1 1 
ATOM   957  N  ND2 . ASN A 1 125 ? -20.130 -1.454  -0.201  1.00 79.05  ? 125 ASN A ND2 1 
ATOM   958  N  N   . SER A 1 126 ? -18.203 -4.081  4.039   1.00 53.62  ? 126 SER A N   1 
ATOM   959  C  CA  . SER A 1 126 ? -18.065 -4.622  5.408   1.00 54.46  ? 126 SER A CA  1 
ATOM   960  C  C   . SER A 1 126 ? -16.679 -4.334  5.910   1.00 52.26  ? 126 SER A C   1 
ATOM   961  O  O   . SER A 1 126 ? -16.495 -3.965  7.084   1.00 51.38  ? 126 SER A O   1 
ATOM   962  C  CB  . SER A 1 126 ? -18.253 -6.140  5.445   1.00 58.61  ? 126 SER A CB  1 
ATOM   963  O  OG  . SER A 1 126 ? -19.611 -6.505  5.268   1.00 63.84  ? 126 SER A OG  1 
ATOM   964  N  N   . LEU A 1 127 ? -15.704 -4.548  5.018   1.00 46.04  ? 127 LEU A N   1 
ATOM   965  C  CA  . LEU A 1 127 ? -14.272 -4.316  5.344   1.00 44.38  ? 127 LEU A CA  1 
ATOM   966  C  C   . LEU A 1 127 ? -14.047 -2.844  5.714   1.00 39.57  ? 127 LEU A C   1 
ATOM   967  O  O   . LEU A 1 127 ? -13.378 -2.532  6.705   1.00 40.64  ? 127 LEU A O   1 
ATOM   968  C  CB  . LEU A 1 127 ? -13.320 -4.826  4.221   1.00 39.69  ? 127 LEU A CB  1 
ATOM   969  C  CG  . LEU A 1 127 ? -13.438 -6.343  3.963   1.00 38.77  ? 127 LEU A CG  1 
ATOM   970  C  CD1 . LEU A 1 127 ? -12.596 -6.846  2.818   1.00 40.79  ? 127 LEU A CD1 1 
ATOM   971  C  CD2 . LEU A 1 127 ? -13.082 -7.178  5.174   1.00 41.64  ? 127 LEU A CD2 1 
ATOM   972  N  N   . LEU A 1 128 ? -14.681 -1.949  4.979   1.00 40.14  ? 128 LEU A N   1 
ATOM   973  C  CA  . LEU A 1 128 ? -14.621 -0.515  5.308   1.00 42.75  ? 128 LEU A CA  1 
ATOM   974  C  C   . LEU A 1 128 ? -15.274 -0.178  6.649   1.00 47.14  ? 128 LEU A C   1 
ATOM   975  O  O   . LEU A 1 128 ? -14.789 0.691   7.424   1.00 45.81  ? 128 LEU A O   1 
ATOM   976  C  CB  . LEU A 1 128 ? -15.291 0.283   4.193   1.00 41.16  ? 128 LEU A CB  1 
ATOM   977  C  CG  . LEU A 1 128 ? -14.573 0.154   2.841   1.00 44.40  ? 128 LEU A CG  1 
ATOM   978  C  CD1 . LEU A 1 128 ? -15.419 0.647   1.677   1.00 43.19  ? 128 LEU A CD1 1 
ATOM   979  C  CD2 . LEU A 1 128 ? -13.244 0.937   2.887   1.00 44.96  ? 128 LEU A CD2 1 
ATOM   980  N  N   . GLN A 1 129 ? -16.397 -0.847  6.910   1.00 49.58  ? 129 GLN A N   1 
ATOM   981  C  CA  . GLN A 1 129 ? -17.129 -0.620  8.159   1.00 50.88  ? 129 GLN A CA  1 
ATOM   982  C  C   . GLN A 1 129 ? -16.249 -1.039  9.334   1.00 45.86  ? 129 GLN A C   1 
ATOM   983  O  O   . GLN A 1 129 ? -16.135 -0.332  10.350  1.00 43.62  ? 129 GLN A O   1 
ATOM   984  C  CB  . GLN A 1 129 ? -18.478 -1.376  8.135   1.00 58.03  ? 129 GLN A CB  1 
ATOM   985  C  CG  . GLN A 1 129 ? -19.415 -1.097  9.313   1.00 66.97  ? 129 GLN A CG  1 
ATOM   986  C  CD  . GLN A 1 129 ? -19.573 0.399   9.638   1.00 72.13  ? 129 GLN A CD  1 
ATOM   987  O  OE1 . GLN A 1 129 ? -20.193 1.154   8.862   1.00 76.83  ? 129 GLN A OE1 1 
ATOM   988  N  NE2 . GLN A 1 129 ? -19.006 0.838   10.790  1.00 61.17  ? 129 GLN A NE2 1 
ATOM   989  N  N   . TYR A 1 130 ? -15.576 -2.176  9.182   1.00 42.61  ? 130 TYR A N   1 
ATOM   990  C  CA  . TYR A 1 130 ? -14.641 -2.591  10.201  1.00 41.04  ? 130 TYR A CA  1 
ATOM   991  C  C   . TYR A 1 130 ? -13.603 -1.502  10.462  1.00 42.54  ? 130 TYR A C   1 
ATOM   992  O  O   . TYR A 1 130 ? -13.456 -1.063  11.597  1.00 43.41  ? 130 TYR A O   1 
ATOM   993  C  CB  . TYR A 1 130 ? -13.972 -3.881  9.793   1.00 40.44  ? 130 TYR A CB  1 
ATOM   994  C  CG  . TYR A 1 130 ? -12.779 -4.248  10.637  1.00 47.68  ? 130 TYR A CG  1 
ATOM   995  C  CD1 . TYR A 1 130 ? -12.930 -4.664  11.971  1.00 50.38  ? 130 TYR A CD1 1 
ATOM   996  C  CD2 . TYR A 1 130 ? -11.497 -4.206  10.101  1.00 46.22  ? 130 TYR A CD2 1 
ATOM   997  C  CE1 . TYR A 1 130 ? -11.828 -5.029  12.727  1.00 52.03  ? 130 TYR A CE1 1 
ATOM   998  C  CE2 . TYR A 1 130 ? -10.399 -4.564  10.852  1.00 51.13  ? 130 TYR A CE2 1 
ATOM   999  C  CZ  . TYR A 1 130 ? -10.554 -4.980  12.150  1.00 52.68  ? 130 TYR A CZ  1 
ATOM   1000 O  OH  . TYR A 1 130 ? -9.413  -5.324  12.850  1.00 62.00  ? 130 TYR A OH  1 
ATOM   1001 N  N   . ILE A 1 131 ? -12.924 -1.032  9.414   1.00 44.59  ? 131 ILE A N   1 
ATOM   1002 C  CA  . ILE A 1 131 ? -11.854 -0.025  9.590   1.00 46.48  ? 131 ILE A CA  1 
ATOM   1003 C  C   . ILE A 1 131 ? -12.387 1.217   10.296  1.00 48.99  ? 131 ILE A C   1 
ATOM   1004 O  O   . ILE A 1 131 ? -11.829 1.686   11.326  1.00 39.57  ? 131 ILE A O   1 
ATOM   1005 C  CB  . ILE A 1 131 ? -11.257 0.420   8.244   1.00 47.12  ? 131 ILE A CB  1 
ATOM   1006 C  CG1 . ILE A 1 131 ? -10.575 -0.763  7.560   1.00 49.63  ? 131 ILE A CG1 1 
ATOM   1007 C  CG2 . ILE A 1 131 ? -10.240 1.545   8.464   1.00 46.03  ? 131 ILE A CG2 1 
ATOM   1008 C  CD1 . ILE A 1 131 ? -10.379 -0.613  6.062   1.00 53.96  ? 131 ILE A CD1 1 
ATOM   1009 N  N   . ASP A 1 132 ? -13.482 1.741   9.748   1.00 50.17  ? 132 ASP A N   1 
ATOM   1010 C  CA  . ASP A 1 132 ? -14.209 2.819   10.418  1.00 59.60  ? 132 ASP A CA  1 
ATOM   1011 C  C   . ASP A 1 132 ? -14.296 2.580   11.934  1.00 62.03  ? 132 ASP A C   1 
ATOM   1012 O  O   . ASP A 1 132 ? -13.872 3.418   12.718  1.00 57.51  ? 132 ASP A O   1 
ATOM   1013 C  CB  . ASP A 1 132 ? -15.602 2.964   9.821   1.00 68.21  ? 132 ASP A CB  1 
ATOM   1014 C  CG  . ASP A 1 132 ? -16.315 4.191   10.328  1.00 76.19  ? 132 ASP A CG  1 
ATOM   1015 O  OD1 . ASP A 1 132 ? -16.928 4.107   11.410  1.00 89.48  ? 132 ASP A OD1 1 
ATOM   1016 O  OD2 . ASP A 1 132 ? -16.269 5.240   9.648   1.00 78.55  ? 132 ASP A OD2 1 
ATOM   1017 N  N   . ASN A 1 133 ? -14.807 1.417   12.338  1.00 59.10  ? 133 ASN A N   1 
ATOM   1018 C  CA  . ASN A 1 133 ? -14.933 1.104   13.758  1.00 58.95  ? 133 ASN A CA  1 
ATOM   1019 C  C   . ASN A 1 133 ? -13.641 1.052   14.505  1.00 61.60  ? 133 ASN A C   1 
ATOM   1020 O  O   . ASN A 1 133 ? -13.589 1.470   15.654  1.00 62.80  ? 133 ASN A O   1 
ATOM   1021 C  CB  . ASN A 1 133 ? -15.636 -0.238  13.973  1.00 65.45  ? 133 ASN A CB  1 
ATOM   1022 C  CG  . ASN A 1 133 ? -17.113 -0.167  13.668  1.00 68.06  ? 133 ASN A CG  1 
ATOM   1023 O  OD1 . ASN A 1 133 ? -17.687 0.926   13.545  1.00 63.39  ? 133 ASN A OD1 1 
ATOM   1024 N  ND2 . ASN A 1 133 ? -17.740 -1.332  13.522  1.00 73.88  ? 133 ASN A ND2 1 
ATOM   1025 N  N   . GLU A 1 134 ? -12.596 0.511   13.890  1.00 62.05  ? 134 GLU A N   1 
ATOM   1026 C  CA  . GLU A 1 134 ? -11.299 0.518   14.559  1.00 62.27  ? 134 GLU A CA  1 
ATOM   1027 C  C   . GLU A 1 134 ? -10.771 1.970   14.740  1.00 59.06  ? 134 GLU A C   1 
ATOM   1028 O  O   . GLU A 1 134 ? -10.038 2.266   15.682  1.00 55.32  ? 134 GLU A O   1 
ATOM   1029 C  CB  . GLU A 1 134 ? -10.290 -0.378  13.830  1.00 68.45  ? 134 GLU A CB  1 
ATOM   1030 C  CG  . GLU A 1 134 ? -9.476  -1.231  14.802  1.00 74.72  ? 134 GLU A CG  1 
ATOM   1031 C  CD  . GLU A 1 134 ? -10.147 -2.554  15.139  1.00 72.56  ? 134 GLU A CD  1 
ATOM   1032 O  OE1 . GLU A 1 134 ? -11.400 -2.643  15.134  1.00 66.53  ? 134 GLU A OE1 1 
ATOM   1033 O  OE2 . GLU A 1 134 ? -9.398  -3.516  15.398  1.00 76.04  ? 134 GLU A OE2 1 
ATOM   1034 N  N   . LEU A 1 135 ? -11.192 2.869   13.855  1.00 58.50  ? 135 LEU A N   1 
ATOM   1035 C  CA  . LEU A 1 135 ? -10.803 4.281   13.906  1.00 62.98  ? 135 LEU A CA  1 
ATOM   1036 C  C   . LEU A 1 135 ? -11.593 5.126   14.898  1.00 71.15  ? 135 LEU A C   1 
ATOM   1037 O  O   . LEU A 1 135 ? -11.307 6.305   15.062  1.00 75.48  ? 135 LEU A O   1 
ATOM   1038 C  CB  . LEU A 1 135 ? -10.938 4.908   12.519  1.00 60.68  ? 135 LEU A CB  1 
ATOM   1039 C  CG  . LEU A 1 135 ? -9.848  4.557   11.512  1.00 58.40  ? 135 LEU A CG  1 
ATOM   1040 C  CD1 . LEU A 1 135 ? -10.222 5.118   10.149  1.00 57.62  ? 135 LEU A CD1 1 
ATOM   1041 C  CD2 . LEU A 1 135 ? -8.481  5.070   11.970  1.00 58.71  ? 135 LEU A CD2 1 
ATOM   1042 N  N   . ASN A 1 136 ? -12.607 4.534   15.516  1.00 80.75  ? 136 ASN A N   1 
ATOM   1043 C  CA  . ASN A 1 136 ? -13.199 5.048   16.749  1.00 83.39  ? 136 ASN A CA  1 
ATOM   1044 C  C   . ASN A 1 136 ? -12.131 5.406   17.781  1.00 81.51  ? 136 ASN A C   1 
ATOM   1045 O  O   . ASN A 1 136 ? -12.104 6.519   18.290  1.00 85.87  ? 136 ASN A O   1 
ATOM   1046 C  CB  . ASN A 1 136 ? -14.096 3.962   17.360  1.00 93.73  ? 136 ASN A CB  1 
ATOM   1047 C  CG  . ASN A 1 136 ? -15.335 4.520   18.028  1.00 103.98 ? 136 ASN A CG  1 
ATOM   1048 O  OD1 . ASN A 1 136 ? -15.435 4.556   19.254  1.00 105.41 ? 136 ASN A OD1 1 
ATOM   1049 N  ND2 . ASN A 1 136 ? -16.302 4.927   17.221  1.00 103.73 ? 136 ASN A ND2 1 
ATOM   1050 N  N   . ASN A 1 137 ? -11.253 4.443   18.065  1.00 83.44  ? 137 ASN A N   1 
ATOM   1051 C  CA  . ASN A 1 137 ? -10.360 4.474   19.225  1.00 78.76  ? 137 ASN A CA  1 
ATOM   1052 C  C   . ASN A 1 137 ? -9.140  5.350   19.037  1.00 77.92  ? 137 ASN A C   1 
ATOM   1053 O  O   . ASN A 1 137 ? -8.625  5.940   19.994  1.00 75.12  ? 137 ASN A O   1 
ATOM   1054 C  CB  . ASN A 1 137 ? -9.891  3.049   19.546  1.00 82.44  ? 137 ASN A CB  1 
ATOM   1055 N  N   . SER A 1 138 ? -8.678  5.440   17.795  1.00 79.15  ? 138 SER A N   1 
ATOM   1056 C  CA  . SER A 1 138 ? -7.349  5.989   17.496  1.00 70.26  ? 138 SER A CA  1 
ATOM   1057 C  C   . SER A 1 138 ? -7.378  7.135   16.506  1.00 68.66  ? 138 SER A C   1 
ATOM   1058 O  O   . SER A 1 138 ? -8.314  7.267   15.704  1.00 66.43  ? 138 SER A O   1 
ATOM   1059 C  CB  . SER A 1 138 ? -6.468  4.891   16.921  1.00 67.14  ? 138 SER A CB  1 
ATOM   1060 O  OG  . SER A 1 138 ? -5.533  4.464   17.875  1.00 68.55  ? 138 SER A OG  1 
ATOM   1061 N  N   . LYS A 1 139 ? -6.325  7.951   16.535  1.00 66.28  ? 139 LYS A N   1 
ATOM   1062 C  CA  . LYS A 1 139 ? -6.175  8.988   15.513  1.00 67.43  ? 139 LYS A CA  1 
ATOM   1063 C  C   . LYS A 1 139 ? -5.908  8.354   14.124  1.00 60.68  ? 139 LYS A C   1 
ATOM   1064 O  O   . LYS A 1 139 ? -6.594  8.635   13.138  1.00 52.60  ? 139 LYS A O   1 
ATOM   1065 C  CB  . LYS A 1 139 ? -5.067  9.972   15.885  1.00 70.93  ? 139 LYS A CB  1 
ATOM   1066 C  CG  . LYS A 1 139 ? -5.170  11.283  15.102  1.00 74.76  ? 139 LYS A CG  1 
ATOM   1067 C  CD  . LYS A 1 139 ? -3.951  12.187  15.284  1.00 84.99  ? 139 LYS A CD  1 
ATOM   1068 C  CE  . LYS A 1 139 ? -3.589  12.403  16.755  1.00 91.35  ? 139 LYS A CE  1 
ATOM   1069 N  NZ  . LYS A 1 139 ? -2.744  13.612  16.982  1.00 89.12  ? 139 LYS A NZ  1 
ATOM   1070 N  N   . PHE A 1 140 ? -4.907  7.490   14.064  1.00 58.50  ? 140 PHE A N   1 
ATOM   1071 C  CA  . PHE A 1 140 ? -4.627  6.728   12.860  1.00 53.29  ? 140 PHE A CA  1 
ATOM   1072 C  C   . PHE A 1 140 ? -4.792  5.257   13.229  1.00 52.10  ? 140 PHE A C   1 
ATOM   1073 O  O   . PHE A 1 140 ? -5.260  4.930   14.327  1.00 54.82  ? 140 PHE A O   1 
ATOM   1074 C  CB  . PHE A 1 140 ? -3.206  7.056   12.341  1.00 52.15  ? 140 PHE A CB  1 
ATOM   1075 C  CG  . PHE A 1 140 ? -2.990  8.518   12.027  1.00 50.19  ? 140 PHE A CG  1 
ATOM   1076 C  CD1 . PHE A 1 140 ? -3.712  9.140   11.028  1.00 47.33  ? 140 PHE A CD1 1 
ATOM   1077 C  CD2 . PHE A 1 140 ? -2.057  9.270   12.727  1.00 55.79  ? 140 PHE A CD2 1 
ATOM   1078 C  CE1 . PHE A 1 140 ? -3.519  10.483  10.742  1.00 49.93  ? 140 PHE A CE1 1 
ATOM   1079 C  CE2 . PHE A 1 140 ? -1.857  10.629  12.445  1.00 53.19  ? 140 PHE A CE2 1 
ATOM   1080 C  CZ  . PHE A 1 140 ? -2.592  11.236  11.452  1.00 49.21  ? 140 PHE A CZ  1 
ATOM   1081 N  N   . LEU A 1 141 ? -4.384  4.373   12.328  1.00 49.54  ? 141 LEU A N   1 
ATOM   1082 C  CA  . LEU A 1 141 ? -4.586  2.945   12.484  1.00 47.26  ? 141 LEU A CA  1 
ATOM   1083 C  C   . LEU A 1 141 ? -3.955  2.453   13.768  1.00 49.08  ? 141 LEU A C   1 
ATOM   1084 O  O   . LEU A 1 141 ? -4.587  1.731   14.540  1.00 54.37  ? 141 LEU A O   1 
ATOM   1085 C  CB  . LEU A 1 141 ? -3.980  2.184   11.303  1.00 42.08  ? 141 LEU A CB  1 
ATOM   1086 C  CG  . LEU A 1 141 ? -4.594  2.528   9.970   1.00 40.54  ? 141 LEU A CG  1 
ATOM   1087 C  CD1 . LEU A 1 141 ? -3.888  1.760   8.853   1.00 43.19  ? 141 LEU A CD1 1 
ATOM   1088 C  CD2 . LEU A 1 141 ? -6.078  2.210   9.963   1.00 39.68  ? 141 LEU A CD2 1 
ATOM   1089 N  N   . VAL A 1 142 ? -2.717  2.859   13.993  1.00 47.72  ? 142 VAL A N   1 
ATOM   1090 C  CA  . VAL A 1 142 ? -1.940  2.344   15.113  1.00 53.97  ? 142 VAL A CA  1 
ATOM   1091 C  C   . VAL A 1 142 ? -1.972  3.289   16.316  1.00 55.14  ? 142 VAL A C   1 
ATOM   1092 O  O   . VAL A 1 142 ? -2.169  2.853   17.431  1.00 64.71  ? 142 VAL A O   1 
ATOM   1093 C  CB  . VAL A 1 142 ? -0.490  2.099   14.691  1.00 52.48  ? 142 VAL A CB  1 
ATOM   1094 C  CG1 . VAL A 1 142 ? 0.366   1.696   15.887  1.00 54.91  ? 142 VAL A CG1 1 
ATOM   1095 C  CG2 . VAL A 1 142 ? -0.462  1.035   13.621  1.00 50.26  ? 142 VAL A CG2 1 
ATOM   1096 N  N   . GLY A 1 143 ? -1.753  4.573   16.098  1.00 55.29  ? 143 GLY A N   1 
ATOM   1097 C  CA  . GLY A 1 143 ? -1.860  5.527   17.191  1.00 55.32  ? 143 GLY A CA  1 
ATOM   1098 C  C   . GLY A 1 143 ? -2.002  6.938   16.685  1.00 56.42  ? 143 GLY A C   1 
ATOM   1099 O  O   . GLY A 1 143 ? -2.885  7.220   15.860  1.00 52.48  ? 143 GLY A O   1 
ATOM   1100 N  N   . ASP A 1 144 ? -1.103  7.796   17.168  1.00 59.37  ? 144 ASP A N   1 
ATOM   1101 C  CA  . ASP A 1 144 ? -1.080  9.225   16.855  1.00 68.78  ? 144 ASP A CA  1 
ATOM   1102 C  C   . ASP A 1 144 ? -0.167  9.611   15.701  1.00 71.06  ? 144 ASP A C   1 
ATOM   1103 O  O   . ASP A 1 144 ? -0.419  10.609  15.031  1.00 72.83  ? 144 ASP A O   1 
ATOM   1104 C  CB  . ASP A 1 144 ? -0.610  10.016  18.074  1.00 72.20  ? 144 ASP A CB  1 
ATOM   1105 C  CG  . ASP A 1 144 ? -1.672  10.140  19.127  1.00 78.73  ? 144 ASP A CG  1 
ATOM   1106 O  OD1 . ASP A 1 144 ? -2.890  10.119  18.789  1.00 73.44  ? 144 ASP A OD1 1 
ATOM   1107 O  OD2 . ASP A 1 144 ? -1.267  10.270  20.301  1.00 81.06  ? 144 ASP A OD2 1 
ATOM   1108 N  N   . SER A 1 145 ? 0.919   8.875   15.505  1.00 67.81  ? 145 SER A N   1 
ATOM   1109 C  CA  . SER A 1 145 ? 1.833   9.186   14.424  1.00 67.76  ? 145 SER A CA  1 
ATOM   1110 C  C   . SER A 1 145 ? 1.362   8.455   13.194  1.00 63.98  ? 145 SER A C   1 
ATOM   1111 O  O   . SER A 1 145 ? 0.589   7.505   13.299  1.00 63.40  ? 145 SER A O   1 
ATOM   1112 C  CB  . SER A 1 145 ? 3.265   8.790   14.787  1.00 71.85  ? 145 SER A CB  1 
ATOM   1113 O  OG  . SER A 1 145 ? 3.652   9.410   16.008  1.00 68.30  ? 145 SER A OG  1 
ATOM   1114 N  N   . VAL A 1 146 ? 1.808   8.930   12.031  1.00 64.72  ? 146 VAL A N   1 
ATOM   1115 C  CA  . VAL A 1 146 ? 1.582   8.239   10.758  1.00 59.50  ? 146 VAL A CA  1 
ATOM   1116 C  C   . VAL A 1 146 ? 2.652   7.179   10.524  1.00 51.63  ? 146 VAL A C   1 
ATOM   1117 O  O   . VAL A 1 146 ? 3.865   7.451   10.601  1.00 48.48  ? 146 VAL A O   1 
ATOM   1118 C  CB  . VAL A 1 146 ? 1.530   9.199   9.541   1.00 62.69  ? 146 VAL A CB  1 
ATOM   1119 C  CG1 . VAL A 1 146 ? 1.805   8.454   8.232   1.00 64.93  ? 146 VAL A CG1 1 
ATOM   1120 C  CG2 . VAL A 1 146 ? 0.161   9.851   9.438   1.00 65.87  ? 146 VAL A CG2 1 
ATOM   1121 N  N   . LEU A 1 147 ? 2.183   5.971   10.224  1.00 44.72  ? 147 LEU A N   1 
ATOM   1122 C  CA  . LEU A 1 147 ? 3.063   4.862   9.924   1.00 40.05  ? 147 LEU A CA  1 
ATOM   1123 C  C   . LEU A 1 147 ? 2.829   4.362   8.505   1.00 37.15  ? 147 LEU A C   1 
ATOM   1124 O  O   . LEU A 1 147 ? 1.860   4.763   7.839   1.00 38.73  ? 147 LEU A O   1 
ATOM   1125 C  CB  . LEU A 1 147 ? 2.838   3.760   10.944  1.00 38.45  ? 147 LEU A CB  1 
ATOM   1126 C  CG  . LEU A 1 147 ? 3.327   4.056   12.356  1.00 41.16  ? 147 LEU A CG  1 
ATOM   1127 C  CD1 . LEU A 1 147 ? 3.110   2.808   13.222  1.00 39.04  ? 147 LEU A CD1 1 
ATOM   1128 C  CD2 . LEU A 1 147 ? 4.799   4.484   12.367  1.00 40.64  ? 147 LEU A CD2 1 
ATOM   1129 N  N   . VAL A 1 148 ? 3.706   3.489   8.030   1.00 35.15  ? 148 VAL A N   1 
ATOM   1130 C  CA  . VAL A 1 148 ? 3.542   2.975   6.654   1.00 36.34  ? 148 VAL A CA  1 
ATOM   1131 C  C   . VAL A 1 148 ? 2.178   2.357   6.377   1.00 34.43  ? 148 VAL A C   1 
ATOM   1132 O  O   . VAL A 1 148 ? 1.705   2.381   5.249   1.00 35.76  ? 148 VAL A O   1 
ATOM   1133 C  CB  . VAL A 1 148 ? 4.643   1.976   6.242   1.00 34.16  ? 148 VAL A CB  1 
ATOM   1134 C  CG1 . VAL A 1 148 ? 4.664   0.764   7.141   1.00 34.64  ? 148 VAL A CG1 1 
ATOM   1135 C  CG2 . VAL A 1 148 ? 4.444   1.554   4.787   1.00 33.70  ? 148 VAL A CG2 1 
ATOM   1136 N  N   . ALA A 1 149 ? 1.535   1.804   7.396   1.00 35.11  ? 149 ALA A N   1 
ATOM   1137 C  CA  . ALA A 1 149 ? 0.190   1.212   7.184   1.00 34.29  ? 149 ALA A CA  1 
ATOM   1138 C  C   . ALA A 1 149 ? -0.799  2.237   6.665   1.00 35.87  ? 149 ALA A C   1 
ATOM   1139 O  O   . ALA A 1 149 ? -1.572  1.944   5.738   1.00 38.13  ? 149 ALA A O   1 
ATOM   1140 C  CB  . ALA A 1 149 ? -0.330  0.567   8.452   1.00 32.83  ? 149 ALA A CB  1 
ATOM   1141 N  N   . ASP A 1 150 ? -0.751  3.437   7.243   1.00 35.45  ? 150 ASP A N   1 
ATOM   1142 C  CA  . ASP A 1 150 ? -1.640  4.531   6.859   1.00 36.11  ? 150 ASP A CA  1 
ATOM   1143 C  C   . ASP A 1 150 ? -1.445  5.000   5.407   1.00 37.52  ? 150 ASP A C   1 
ATOM   1144 O  O   . ASP A 1 150 ? -2.380  5.142   4.638   1.00 41.29  ? 150 ASP A O   1 
ATOM   1145 C  CB  . ASP A 1 150 ? -1.378  5.705   7.783   1.00 37.53  ? 150 ASP A CB  1 
ATOM   1146 C  CG  . ASP A 1 150 ? -1.648  5.382   9.257   1.00 42.10  ? 150 ASP A CG  1 
ATOM   1147 O  OD1 . ASP A 1 150 ? -2.830  5.058   9.578   1.00 37.27  ? 150 ASP A OD1 1 
ATOM   1148 O  OD2 . ASP A 1 150 ? -0.695  5.492   10.081  1.00 40.58  ? 150 ASP A OD2 1 
ATOM   1149 N  N   . ILE A 1 151 ? -0.204  5.262   5.047   1.00 41.39  ? 151 ILE A N   1 
ATOM   1150 C  CA  . ILE A 1 151 ? 0.180   5.612   3.678   1.00 40.53  ? 151 ILE A CA  1 
ATOM   1151 C  C   . ILE A 1 151 ? -0.449  4.627   2.695   1.00 39.90  ? 151 ILE A C   1 
ATOM   1152 O  O   . ILE A 1 151 ? -1.133  4.993   1.738   1.00 40.63  ? 151 ILE A O   1 
ATOM   1153 C  CB  . ILE A 1 151 ? 1.724   5.573   3.596   1.00 44.87  ? 151 ILE A CB  1 
ATOM   1154 C  CG1 . ILE A 1 151 ? 2.315   6.571   4.588   1.00 49.54  ? 151 ILE A CG1 1 
ATOM   1155 C  CG2 . ILE A 1 151 ? 2.284   5.850   2.216   1.00 43.03  ? 151 ILE A CG2 1 
ATOM   1156 C  CD1 . ILE A 1 151 ? 1.643   7.918   4.554   1.00 51.86  ? 151 ILE A CD1 1 
ATOM   1157 N  N   . LEU A 1 152 ? -0.256  3.355   2.946   1.00 38.47  ? 152 LEU A N   1 
ATOM   1158 C  CA  . LEU A 1 152 ? -0.748  2.386   1.989   1.00 39.00  ? 152 LEU A CA  1 
ATOM   1159 C  C   . LEU A 1 152 ? -2.261  2.221   2.076   1.00 37.18  ? 152 LEU A C   1 
ATOM   1160 O  O   . LEU A 1 152 ? -2.930  1.983   1.063   1.00 37.68  ? 152 LEU A O   1 
ATOM   1161 C  CB  . LEU A 1 152 ? 0.049   1.094   2.149   1.00 40.10  ? 152 LEU A CB  1 
ATOM   1162 C  CG  . LEU A 1 152 ? 1.568   1.357   1.986   1.00 39.10  ? 152 LEU A CG  1 
ATOM   1163 C  CD1 . LEU A 1 152 ? 2.361   0.081   2.178   1.00 39.67  ? 152 LEU A CD1 1 
ATOM   1164 C  CD2 . LEU A 1 152 ? 1.881   1.955   0.602   1.00 39.59  ? 152 LEU A CD2 1 
ATOM   1165 N  N   . LEU A 1 153 ? -2.823  2.417   3.260   1.00 37.06  ? 153 LEU A N   1 
ATOM   1166 C  CA  . LEU A 1 153 ? -4.286  2.423   3.372   1.00 39.15  ? 153 LEU A CA  1 
ATOM   1167 C  C   . LEU A 1 153 ? -4.855  3.557   2.557   1.00 39.89  ? 153 LEU A C   1 
ATOM   1168 O  O   . LEU A 1 153 ? -5.803  3.396   1.778   1.00 37.03  ? 153 LEU A O   1 
ATOM   1169 C  CB  . LEU A 1 153 ? -4.763  2.583   4.821   1.00 42.11  ? 153 LEU A CB  1 
ATOM   1170 C  CG  . LEU A 1 153 ? -6.318  2.630   4.955   1.00 42.90  ? 153 LEU A CG  1 
ATOM   1171 C  CD1 . LEU A 1 153 ? -6.982  1.458   4.245   1.00 40.80  ? 153 LEU A CD1 1 
ATOM   1172 C  CD2 . LEU A 1 153 ? -6.797  2.702   6.394   1.00 39.41  ? 153 LEU A CD2 1 
ATOM   1173 N  N   . TYR A 1 154 ? -4.253  4.720   2.734   1.00 41.92  ? 154 TYR A N   1 
ATOM   1174 C  CA  . TYR A 1 154 ? -4.726  5.908   2.038   1.00 44.33  ? 154 TYR A CA  1 
ATOM   1175 C  C   . TYR A 1 154 ? -4.754  5.668   0.531   1.00 42.12  ? 154 TYR A C   1 
ATOM   1176 O  O   . TYR A 1 154 ? -5.748  5.976   -0.131  1.00 42.77  ? 154 TYR A O   1 
ATOM   1177 C  CB  . TYR A 1 154 ? -3.893  7.143   2.412   1.00 46.20  ? 154 TYR A CB  1 
ATOM   1178 C  CG  . TYR A 1 154 ? -4.350  8.412   1.725   1.00 49.69  ? 154 TYR A CG  1 
ATOM   1179 C  CD1 . TYR A 1 154 ? -5.399  9.177   2.225   1.00 54.11  ? 154 TYR A CD1 1 
ATOM   1180 C  CD2 . TYR A 1 154 ? -3.733  8.842   0.560   1.00 56.45  ? 154 TYR A CD2 1 
ATOM   1181 C  CE1 . TYR A 1 154 ? -5.809  10.339  1.576   1.00 52.01  ? 154 TYR A CE1 1 
ATOM   1182 C  CE2 . TYR A 1 154 ? -4.132  9.992   -0.090  1.00 53.77  ? 154 TYR A CE2 1 
ATOM   1183 C  CZ  . TYR A 1 154 ? -5.162  10.734  0.412   1.00 54.74  ? 154 TYR A CZ  1 
ATOM   1184 O  OH  . TYR A 1 154 ? -5.500  11.888  -0.260  1.00 54.09  ? 154 TYR A OH  1 
ATOM   1185 N  N   . VAL A 1 155 ? -3.682  5.089   0.001   1.00 39.04  ? 155 VAL A N   1 
ATOM   1186 C  CA  . VAL A 1 155 ? -3.611  4.801   -1.420  1.00 36.36  ? 155 VAL A CA  1 
ATOM   1187 C  C   . VAL A 1 155 ? -4.737  3.863   -1.808  1.00 36.86  ? 155 VAL A C   1 
ATOM   1188 O  O   . VAL A 1 155 ? -5.313  3.975   -2.884  1.00 36.43  ? 155 VAL A O   1 
ATOM   1189 C  CB  . VAL A 1 155 ? -2.250  4.157   -1.818  1.00 37.42  ? 155 VAL A CB  1 
ATOM   1190 C  CG1 . VAL A 1 155 ? -2.293  3.672   -3.257  1.00 37.47  ? 155 VAL A CG1 1 
ATOM   1191 C  CG2 . VAL A 1 155 ? -1.091  5.144   -1.655  1.00 35.87  ? 155 VAL A CG2 1 
ATOM   1192 N  N   . THR A 1 156 ? -5.032  2.908   -0.939  1.00 36.48  ? 156 THR A N   1 
ATOM   1193 C  CA  . THR A 1 156 ? -6.076  1.954   -1.238  1.00 35.66  ? 156 THR A CA  1 
ATOM   1194 C  C   . THR A 1 156 ? -7.423  2.717   -1.264  1.00 37.74  ? 156 THR A C   1 
ATOM   1195 O  O   . THR A 1 156 ? -8.246  2.544   -2.172  1.00 35.34  ? 156 THR A O   1 
ATOM   1196 C  CB  . THR A 1 156 ? -6.030  0.799   -0.210  1.00 37.39  ? 156 THR A CB  1 
ATOM   1197 O  OG1 . THR A 1 156 ? -4.766  0.106   -0.312  1.00 34.76  ? 156 THR A OG1 1 
ATOM   1198 C  CG2 . THR A 1 156 ? -7.151  -0.190  -0.437  1.00 35.06  ? 156 THR A CG2 1 
ATOM   1199 N  N   . LEU A 1 157 ? -7.631  3.596   -0.300  1.00 37.94  ? 157 LEU A N   1 
ATOM   1200 C  CA  . LEU A 1 157 ? -8.852  4.391   -0.294  1.00 45.56  ? 157 LEU A CA  1 
ATOM   1201 C  C   . LEU A 1 157 ? -9.046  5.138   -1.614  1.00 48.72  ? 157 LEU A C   1 
ATOM   1202 O  O   . LEU A 1 157 ? -10.072 4.980   -2.263  1.00 55.56  ? 157 LEU A O   1 
ATOM   1203 C  CB  . LEU A 1 157 ? -8.885  5.347   0.905   1.00 44.52  ? 157 LEU A CB  1 
ATOM   1204 C  CG  . LEU A 1 157 ? -8.920  4.586   2.230   1.00 45.09  ? 157 LEU A CG  1 
ATOM   1205 C  CD1 . LEU A 1 157 ? -8.891  5.492   3.438   1.00 45.69  ? 157 LEU A CD1 1 
ATOM   1206 C  CD2 . LEU A 1 157 ? -10.140 3.669   2.292   1.00 48.66  ? 157 LEU A CD2 1 
ATOM   1207 N  N   . GLN A 1 158 ? -8.039  5.896   -2.038  1.00 52.03  ? 158 GLN A N   1 
ATOM   1208 C  CA  . GLN A 1 158 ? -8.108  6.641   -3.311  1.00 46.71  ? 158 GLN A CA  1 
ATOM   1209 C  C   . GLN A 1 158 ? -8.610  5.775   -4.438  1.00 43.72  ? 158 GLN A C   1 
ATOM   1210 O  O   . GLN A 1 158 ? -9.338  6.242   -5.254  1.00 42.35  ? 158 GLN A O   1 
ATOM   1211 C  CB  . GLN A 1 158 ? -6.744  7.180   -3.721  1.00 47.60  ? 158 GLN A CB  1 
ATOM   1212 C  CG  . GLN A 1 158 ? -6.198  8.255   -2.815  1.00 50.36  ? 158 GLN A CG  1 
ATOM   1213 C  CD  . GLN A 1 158 ? -4.791  8.681   -3.203  1.00 54.79  ? 158 GLN A CD  1 
ATOM   1214 O  OE1 . GLN A 1 158 ? -3.932  7.860   -3.550  1.00 53.06  ? 158 GLN A OE1 1 
ATOM   1215 N  NE2 . GLN A 1 158 ? -4.550  9.979   -3.146  1.00 61.08  ? 158 GLN A NE2 1 
ATOM   1216 N  N   . HIS A 1 159 ? -8.203  4.516   -4.483  1.00 44.68  ? 159 HIS A N   1 
ATOM   1217 C  CA  . HIS A 1 159 ? -8.617  3.613   -5.552  1.00 46.19  ? 159 HIS A CA  1 
ATOM   1218 C  C   . HIS A 1 159 ? -10.060 3.183   -5.388  1.00 49.77  ? 159 HIS A C   1 
ATOM   1219 O  O   . HIS A 1 159 ? -10.824 3.129   -6.357  1.00 47.40  ? 159 HIS A O   1 
ATOM   1220 C  CB  . HIS A 1 159 ? -7.728  2.392   -5.558  1.00 45.64  ? 159 HIS A CB  1 
ATOM   1221 C  CG  . HIS A 1 159 ? -6.359  2.696   -6.031  1.00 53.00  ? 159 HIS A CG  1 
ATOM   1222 N  ND1 . HIS A 1 159 ? -5.910  2.338   -7.282  1.00 61.63  ? 159 HIS A ND1 1 
ATOM   1223 C  CD2 . HIS A 1 159 ? -5.366  3.412   -5.465  1.00 56.68  ? 159 HIS A CD2 1 
ATOM   1224 C  CE1 . HIS A 1 159 ? -4.683  2.794   -7.454  1.00 58.80  ? 159 HIS A CE1 1 
ATOM   1225 N  NE2 . HIS A 1 159 ? -4.332  3.454   -6.367  1.00 60.95  ? 159 HIS A NE2 1 
ATOM   1226 N  N   . ILE A 1 160 ? -10.405 2.837   -4.161  1.00 49.93  ? 160 ILE A N   1 
ATOM   1227 C  CA  . ILE A 1 160 ? -11.762 2.481   -3.805  1.00 53.21  ? 160 ILE A CA  1 
ATOM   1228 C  C   . ILE A 1 160 ? -12.752 3.609   -4.187  1.00 59.05  ? 160 ILE A C   1 
ATOM   1229 O  O   . ILE A 1 160 ? -13.801 3.358   -4.812  1.00 55.92  ? 160 ILE A O   1 
ATOM   1230 C  CB  . ILE A 1 160 ? -11.815 2.161   -2.298  1.00 53.11  ? 160 ILE A CB  1 
ATOM   1231 C  CG1 . ILE A 1 160 ? -11.203 0.775   -2.064  1.00 53.03  ? 160 ILE A CG1 1 
ATOM   1232 C  CG2 . ILE A 1 160 ? -13.232 2.202   -1.771  1.00 53.55  ? 160 ILE A CG2 1 
ATOM   1233 C  CD1 . ILE A 1 160 ? -10.820 0.485   -0.626  1.00 51.20  ? 160 ILE A CD1 1 
ATOM   1234 N  N   . VAL A 1 161 ? -12.392 4.848   -3.835  1.00 58.59  ? 161 VAL A N   1 
ATOM   1235 C  CA  . VAL A 1 161 ? -13.195 6.028   -4.154  1.00 54.19  ? 161 VAL A CA  1 
ATOM   1236 C  C   . VAL A 1 161 ? -13.310 6.277   -5.640  1.00 59.52  ? 161 VAL A C   1 
ATOM   1237 O  O   . VAL A 1 161 ? -14.393 6.522   -6.146  1.00 68.01  ? 161 VAL A O   1 
ATOM   1238 C  CB  . VAL A 1 161 ? -12.574 7.292   -3.588  1.00 53.87  ? 161 VAL A CB  1 
ATOM   1239 C  CG1 . VAL A 1 161 ? -13.345 8.496   -4.072  1.00 55.26  ? 161 VAL A CG1 1 
ATOM   1240 C  CG2 . VAL A 1 161 ? -12.581 7.261   -2.071  1.00 58.19  ? 161 VAL A CG2 1 
ATOM   1241 N  N   . GLU A 1 162 ? -12.177 6.254   -6.329  1.00 67.41  ? 162 GLU A N   1 
ATOM   1242 C  CA  . GLU A 1 162 ? -12.119 6.471   -7.782  1.00 64.00  ? 162 GLU A CA  1 
ATOM   1243 C  C   . GLU A 1 162 ? -13.173 5.675   -8.521  1.00 62.63  ? 162 GLU A C   1 
ATOM   1244 O  O   . GLU A 1 162 ? -13.760 6.161   -9.471  1.00 64.63  ? 162 GLU A O   1 
ATOM   1245 C  CB  . GLU A 1 162 ? -10.749 6.077   -8.336  1.00 66.52  ? 162 GLU A CB  1 
ATOM   1246 C  CG  . GLU A 1 162 ? -9.730  7.203   -8.305  1.00 75.20  ? 162 GLU A CG  1 
ATOM   1247 C  CD  . GLU A 1 162 ? -8.369  6.790   -8.837  1.00 81.03  ? 162 GLU A CD  1 
ATOM   1248 O  OE1 . GLU A 1 162 ? -8.206  5.608   -9.259  1.00 81.11  ? 162 GLU A OE1 1 
ATOM   1249 O  OE2 . GLU A 1 162 ? -7.469  7.665   -8.830  1.00 81.71  ? 162 GLU A OE2 1 
ATOM   1250 N  N   . ILE A 1 163 ? -13.401 4.447   -8.099  1.00 57.14  ? 163 ILE A N   1 
ATOM   1251 C  CA  . ILE A 1 163 ? -14.399 3.632   -8.757  1.00 62.54  ? 163 ILE A CA  1 
ATOM   1252 C  C   . ILE A 1 163 ? -15.825 3.854   -8.186  1.00 64.15  ? 163 ILE A C   1 
ATOM   1253 O  O   . ILE A 1 163 ? -16.738 3.095   -8.491  1.00 54.87  ? 163 ILE A O   1 
ATOM   1254 C  CB  . ILE A 1 163 ? -13.973 2.145   -8.787  1.00 60.15  ? 163 ILE A CB  1 
ATOM   1255 C  CG1 . ILE A 1 163 ? -13.922 1.520   -7.403  1.00 58.47  ? 163 ILE A CG1 1 
ATOM   1256 C  CG2 . ILE A 1 163 ? -12.599 2.024   -9.422  1.00 63.67  ? 163 ILE A CG2 1 
ATOM   1257 C  CD1 . ILE A 1 163 ? -13.598 0.039   -7.445  1.00 60.49  ? 163 ILE A CD1 1 
ATOM   1258 N  N   . GLY A 1 164 ? -16.000 4.899   -7.374  1.00 66.85  ? 164 GLY A N   1 
ATOM   1259 C  CA  . GLY A 1 164 ? -17.318 5.309   -6.869  1.00 72.73  ? 164 GLY A CA  1 
ATOM   1260 C  C   . GLY A 1 164 ? -17.894 4.409   -5.795  1.00 76.44  ? 164 GLY A C   1 
ATOM   1261 O  O   . GLY A 1 164 ? -19.018 3.939   -5.891  1.00 81.68  ? 164 GLY A O   1 
ATOM   1262 N  N   . VAL A 1 165 ? -17.114 4.144   -4.770  1.00 79.72  ? 165 VAL A N   1 
ATOM   1263 C  CA  . VAL A 1 165 ? -17.645 3.510   -3.585  1.00 79.39  ? 165 VAL A CA  1 
ATOM   1264 C  C   . VAL A 1 165 ? -17.771 4.637   -2.558  1.00 77.06  ? 165 VAL A C   1 
ATOM   1265 O  O   . VAL A 1 165 ? -16.780 5.272   -2.212  1.00 75.87  ? 165 VAL A O   1 
ATOM   1266 C  CB  . VAL A 1 165 ? -16.714 2.357   -3.110  1.00 80.10  ? 165 VAL A CB  1 
ATOM   1267 C  CG1 . VAL A 1 165 ? -17.122 1.822   -1.733  1.00 78.61  ? 165 VAL A CG1 1 
ATOM   1268 C  CG2 . VAL A 1 165 ? -16.676 1.229   -4.151  1.00 74.33  ? 165 VAL A CG2 1 
ATOM   1269 N  N   . ASP A 1 166 ? -18.985 4.906   -2.089  1.00 83.78  ? 166 ASP A N   1 
ATOM   1270 C  CA  . ASP A 1 166 ? -19.175 5.926   -1.043  1.00 87.78  ? 166 ASP A CA  1 
ATOM   1271 C  C   . ASP A 1 166 ? -18.283 5.612   0.149   1.00 80.83  ? 166 ASP A C   1 
ATOM   1272 O  O   . ASP A 1 166 ? -18.340 4.522   0.697   1.00 69.17  ? 166 ASP A O   1 
ATOM   1273 C  CB  . ASP A 1 166 ? -20.643 6.021   -0.581  1.00 92.42  ? 166 ASP A CB  1 
ATOM   1274 C  CG  . ASP A 1 166 ? -21.318 7.333   -0.998  1.00 98.42  ? 166 ASP A CG  1 
ATOM   1275 O  OD1 . ASP A 1 166 ? -21.241 7.727   -2.185  1.00 103.12 ? 166 ASP A OD1 1 
ATOM   1276 O  OD2 . ASP A 1 166 ? -21.956 7.969   -0.136  1.00 90.25  ? 166 ASP A OD2 1 
ATOM   1277 N  N   . ILE A 1 167 ? -17.417 6.557   0.492   1.00 82.02  ? 167 ILE A N   1 
ATOM   1278 C  CA  . ILE A 1 167 ? -16.750 6.575   1.790   1.00 89.79  ? 167 ILE A CA  1 
ATOM   1279 C  C   . ILE A 1 167 ? -17.501 7.553   2.711   1.00 88.16  ? 167 ILE A C   1 
ATOM   1280 O  O   . ILE A 1 167 ? -17.101 7.818   3.853   1.00 81.25  ? 167 ILE A O   1 
ATOM   1281 C  CB  . ILE A 1 167 ? -15.257 6.920   1.601   1.00 99.82  ? 167 ILE A CB  1 
ATOM   1282 C  CG1 . ILE A 1 167 ? -14.563 5.683   1.009   1.00 113.80 ? 167 ILE A CG1 1 
ATOM   1283 C  CG2 . ILE A 1 167 ? -14.576 7.375   2.898   1.00 96.42  ? 167 ILE A CG2 1 
ATOM   1284 C  CD1 . ILE A 1 167 ? -13.057 5.793   0.893   1.00 125.85 ? 167 ILE A CD1 1 
ATOM   1285 N  N   . SER A 1 168 ? -18.625 8.043   2.195   1.00 96.52  ? 168 SER A N   1 
ATOM   1286 C  CA  . SER A 1 168 ? -19.430 9.075   2.827   1.00 94.09  ? 168 SER A CA  1 
ATOM   1287 C  C   . SER A 1 168 ? -20.149 8.509   4.047   1.00 85.20  ? 168 SER A C   1 
ATOM   1288 O  O   . SER A 1 168 ? -20.214 9.154   5.083   1.00 78.34  ? 168 SER A O   1 
ATOM   1289 C  CB  . SER A 1 168 ? -20.432 9.610   1.796   1.00 99.48  ? 168 SER A CB  1 
ATOM   1290 O  OG  . SER A 1 168 ? -21.022 10.834  2.187   1.00 104.67 ? 168 SER A OG  1 
ATOM   1291 N  N   . SER A 1 169 ? -20.643 7.280   3.929   1.00 82.40  ? 169 SER A N   1 
ATOM   1292 C  CA  . SER A 1 169 ? -21.297 6.578   5.044   1.00 77.56  ? 169 SER A CA  1 
ATOM   1293 C  C   . SER A 1 169 ? -20.392 6.409   6.267   1.00 74.59  ? 169 SER A C   1 
ATOM   1294 O  O   . SER A 1 169 ? -20.887 6.327   7.385   1.00 75.08  ? 169 SER A O   1 
ATOM   1295 C  CB  . SER A 1 169 ? -21.747 5.177   4.598   1.00 78.38  ? 169 SER A CB  1 
ATOM   1296 O  OG  . SER A 1 169 ? -21.493 4.964   3.211   1.00 82.26  ? 169 SER A OG  1 
ATOM   1297 N  N   . PHE A 1 170 ? -19.076 6.323   6.043   1.00 71.26  ? 170 PHE A N   1 
ATOM   1298 C  CA  . PHE A 1 170 ? -18.095 5.993   7.100   1.00 67.24  ? 170 PHE A CA  1 
ATOM   1299 C  C   . PHE A 1 170 ? -17.452 7.264   7.667   1.00 68.11  ? 170 PHE A C   1 
ATOM   1300 O  O   . PHE A 1 170 ? -16.648 7.932   7.013   1.00 70.09  ? 170 PHE A O   1 
ATOM   1301 C  CB  . PHE A 1 170 ? -17.049 4.982   6.592   1.00 60.30  ? 170 PHE A CB  1 
ATOM   1302 C  CG  . PHE A 1 170 ? -17.650 3.845   5.800   1.00 55.63  ? 170 PHE A CG  1 
ATOM   1303 C  CD1 . PHE A 1 170 ? -18.223 2.762   6.435   1.00 53.67  ? 170 PHE A CD1 1 
ATOM   1304 C  CD2 . PHE A 1 170 ? -17.687 3.889   4.414   1.00 58.52  ? 170 PHE A CD2 1 
ATOM   1305 C  CE1 . PHE A 1 170 ? -18.799 1.735   5.711   1.00 54.01  ? 170 PHE A CE1 1 
ATOM   1306 C  CE2 . PHE A 1 170 ? -18.272 2.866   3.676   1.00 58.05  ? 170 PHE A CE2 1 
ATOM   1307 C  CZ  . PHE A 1 170 ? -18.826 1.785   4.328   1.00 56.59  ? 170 PHE A CZ  1 
ATOM   1308 N  N   . SER A 1 171 ? -17.851 7.586   8.891   1.00 69.67  ? 171 SER A N   1 
ATOM   1309 C  CA  . SER A 1 171 ? -17.546 8.864   9.492   1.00 74.35  ? 171 SER A CA  1 
ATOM   1310 C  C   . SER A 1 171 ? -16.064 8.955   9.782   1.00 75.29  ? 171 SER A C   1 
ATOM   1311 O  O   . SER A 1 171 ? -15.378 9.798   9.213   1.00 78.42  ? 171 SER A O   1 
ATOM   1312 C  CB  . SER A 1 171 ? -18.354 9.059   10.790  1.00 79.18  ? 171 SER A CB  1 
ATOM   1313 O  OG  . SER A 1 171 ? -17.991 8.112   11.789  1.00 81.20  ? 171 SER A OG  1 
ATOM   1314 N  N   . HIS A 1 172 ? -15.582 8.066   10.652  1.00 74.96  ? 172 HIS A N   1 
ATOM   1315 C  CA  . HIS A 1 172 ? -14.201 8.117   11.154  1.00 76.00  ? 172 HIS A CA  1 
ATOM   1316 C  C   . HIS A 1 172 ? -13.135 7.951   10.040  1.00 67.76  ? 172 HIS A C   1 
ATOM   1317 O  O   . HIS A 1 172 ? -12.046 8.539   10.095  1.00 60.27  ? 172 HIS A O   1 
ATOM   1318 C  CB  . HIS A 1 172 ? -14.017 7.070   12.256  1.00 84.74  ? 172 HIS A CB  1 
ATOM   1319 C  CG  . HIS A 1 172 ? -14.948 7.249   13.420  1.00 94.08  ? 172 HIS A CG  1 
ATOM   1320 N  ND1 . HIS A 1 172 ? -15.815 6.262   13.842  1.00 99.09  ? 172 HIS A ND1 1 
ATOM   1321 C  CD2 . HIS A 1 172 ? -15.154 8.307   14.240  1.00 94.81  ? 172 HIS A CD2 1 
ATOM   1322 C  CE1 . HIS A 1 172 ? -16.512 6.703   14.873  1.00 98.09  ? 172 HIS A CE1 1 
ATOM   1323 N  NE2 . HIS A 1 172 ? -16.126 7.937   15.138  1.00 101.95 ? 172 HIS A NE2 1 
ATOM   1324 N  N   . LEU A 1 173 ? -13.500 7.181   9.026   1.00 64.65  ? 173 LEU A N   1 
ATOM   1325 C  CA  . LEU A 1 173 ? -12.680 6.913   7.847   1.00 62.51  ? 173 LEU A CA  1 
ATOM   1326 C  C   . LEU A 1 173 ? -12.411 8.128   6.985   1.00 57.58  ? 173 LEU A C   1 
ATOM   1327 O  O   . LEU A 1 173 ? -11.271 8.376   6.659   1.00 66.40  ? 173 LEU A O   1 
ATOM   1328 C  CB  . LEU A 1 173 ? -13.370 5.859   6.991   1.00 63.00  ? 173 LEU A CB  1 
ATOM   1329 C  CG  . LEU A 1 173 ? -12.577 5.184   5.887   1.00 64.64  ? 173 LEU A CG  1 
ATOM   1330 C  CD1 . LEU A 1 173 ? -11.343 4.483   6.438   1.00 64.27  ? 173 LEU A CD1 1 
ATOM   1331 C  CD2 . LEU A 1 173 ? -13.494 4.198   5.182   1.00 65.76  ? 173 LEU A CD2 1 
ATOM   1332 N  N   . LYS A 1 174 ? -13.444 8.871   6.595   1.00 56.12  ? 174 LYS A N   1 
ATOM   1333 C  CA  . LYS A 1 174 ? -13.256 10.154  5.871   1.00 54.18  ? 174 LYS A CA  1 
ATOM   1334 C  C   . LYS A 1 174 ? -12.347 11.137  6.650   1.00 53.91  ? 174 LYS A C   1 
ATOM   1335 O  O   . LYS A 1 174 ? -11.413 11.687  6.115   1.00 56.41  ? 174 LYS A O   1 
ATOM   1336 C  CB  . LYS A 1 174 ? -14.603 10.829  5.570   1.00 54.85  ? 174 LYS A CB  1 
ATOM   1337 N  N   . LYS A 1 175 ? -12.608 11.326  7.931   1.00 57.15  ? 175 LYS A N   1 
ATOM   1338 C  CA  . LYS A 1 175 ? -11.817 12.247  8.759   1.00 61.75  ? 175 LYS A CA  1 
ATOM   1339 C  C   . LYS A 1 175 ? -10.327 11.814  8.832   1.00 64.29  ? 175 LYS A C   1 
ATOM   1340 O  O   . LYS A 1 175 ? -9.409  12.644  8.807   1.00 62.96  ? 175 LYS A O   1 
ATOM   1341 C  CB  . LYS A 1 175 ? -12.453 12.314  10.162  1.00 67.14  ? 175 LYS A CB  1 
ATOM   1342 C  CG  . LYS A 1 175 ? -11.689 13.082  11.234  1.00 68.25  ? 175 LYS A CG  1 
ATOM   1343 C  CD  . LYS A 1 175 ? -11.620 14.574  10.927  1.00 71.67  ? 175 LYS A CD  1 
ATOM   1344 C  CE  . LYS A 1 175 ? -10.702 15.293  11.901  1.00 77.15  ? 175 LYS A CE  1 
ATOM   1345 N  NZ  . LYS A 1 175 ? -10.718 14.680  13.266  1.00 78.94  ? 175 LYS A NZ  1 
ATOM   1346 N  N   . TYR A 1 176 ? -10.127 10.501  8.952   1.00 62.21  ? 176 TYR A N   1 
ATOM   1347 C  CA  . TYR A 1 176 ? -8.817  9.836   8.884   1.00 51.70  ? 176 TYR A CA  1 
ATOM   1348 C  C   . TYR A 1 176 ? -8.098  10.145  7.605   1.00 48.30  ? 176 TYR A C   1 
ATOM   1349 O  O   . TYR A 1 176 ? -6.923  10.539  7.617   1.00 42.33  ? 176 TYR A O   1 
ATOM   1350 C  CB  . TYR A 1 176 ? -9.049  8.331   8.901   1.00 48.76  ? 176 TYR A CB  1 
ATOM   1351 C  CG  . TYR A 1 176 ? -7.851  7.486   8.618   1.00 46.78  ? 176 TYR A CG  1 
ATOM   1352 C  CD1 . TYR A 1 176 ? -6.876  7.331   9.581   1.00 48.81  ? 176 TYR A CD1 1 
ATOM   1353 C  CD2 . TYR A 1 176 ? -7.706  6.806   7.400   1.00 43.84  ? 176 TYR A CD2 1 
ATOM   1354 C  CE1 . TYR A 1 176 ? -5.776  6.531   9.351   1.00 47.32  ? 176 TYR A CE1 1 
ATOM   1355 C  CE2 . TYR A 1 176 ? -6.604  6.009   7.163   1.00 43.77  ? 176 TYR A CE2 1 
ATOM   1356 C  CZ  . TYR A 1 176 ? -5.646  5.864   8.162   1.00 44.67  ? 176 TYR A CZ  1 
ATOM   1357 O  OH  . TYR A 1 176 ? -4.511  5.090   8.014   1.00 41.11  ? 176 TYR A OH  1 
ATOM   1358 N  N   . SER A 1 177 ? -8.828  9.943   6.510   1.00 41.48  ? 177 SER A N   1 
ATOM   1359 C  CA  . SER A 1 177 ? -8.298  10.062  5.176   1.00 43.16  ? 177 SER A CA  1 
ATOM   1360 C  C   . SER A 1 177 ? -7.860  11.494  4.884   1.00 51.40  ? 177 SER A C   1 
ATOM   1361 O  O   . SER A 1 177 ? -6.995  11.745  4.037   1.00 54.02  ? 177 SER A O   1 
ATOM   1362 C  CB  . SER A 1 177 ? -9.363  9.606   4.175   1.00 45.84  ? 177 SER A CB  1 
ATOM   1363 O  OG  . SER A 1 177 ? -9.079  10.052  2.860   1.00 50.95  ? 177 SER A OG  1 
ATOM   1364 N  N   . GLU A 1 178 ? -8.483  12.441  5.570   1.00 59.31  ? 178 GLU A N   1 
ATOM   1365 C  CA  . GLU A 1 178 ? -8.142  13.845  5.425   1.00 57.75  ? 178 GLU A CA  1 
ATOM   1366 C  C   . GLU A 1 178 ? -6.871  14.115  6.222   1.00 49.75  ? 178 GLU A C   1 
ATOM   1367 O  O   . GLU A 1 178 ? -5.961  14.752  5.730   1.00 44.06  ? 178 GLU A O   1 
ATOM   1368 C  CB  . GLU A 1 178 ? -9.304  14.717  5.923   1.00 61.29  ? 178 GLU A CB  1 
ATOM   1369 N  N   . GLU A 1 179 ? -6.821  13.597  7.448   1.00 49.78  ? 179 GLU A N   1 
ATOM   1370 C  CA  . GLU A 1 179 ? -5.701  13.825  8.375   1.00 51.41  ? 179 GLU A CA  1 
ATOM   1371 C  C   . GLU A 1 179 ? -4.351  13.254  7.892   1.00 48.59  ? 179 GLU A C   1 
ATOM   1372 O  O   . GLU A 1 179 ? -3.291  13.725  8.309   1.00 51.45  ? 179 GLU A O   1 
ATOM   1373 C  CB  . GLU A 1 179 ? -6.054  13.228  9.737   1.00 53.70  ? 179 GLU A CB  1 
ATOM   1374 C  CG  . GLU A 1 179 ? -7.095  14.031  10.505  1.00 60.25  ? 179 GLU A CG  1 
ATOM   1375 C  CD  . GLU A 1 179 ? -6.560  15.326  11.119  1.00 66.43  ? 179 GLU A CD  1 
ATOM   1376 O  OE1 . GLU A 1 179 ? -5.358  15.393  11.468  1.00 64.35  ? 179 GLU A OE1 1 
ATOM   1377 O  OE2 . GLU A 1 179 ? -7.353  16.296  11.263  1.00 76.01  ? 179 GLU A OE2 1 
ATOM   1378 N  N   . VAL A 1 180 ? -4.433  12.234  7.035   1.00 42.92  ? 180 VAL A N   1 
ATOM   1379 C  CA  . VAL A 1 180 ? -3.306  11.526  6.470   1.00 41.97  ? 180 VAL A CA  1 
ATOM   1380 C  C   . VAL A 1 180 ? -2.803  12.298  5.273   1.00 40.84  ? 180 VAL A C   1 
ATOM   1381 O  O   . VAL A 1 180 ? -1.593  12.495  5.089   1.00 41.66  ? 180 VAL A O   1 
ATOM   1382 C  CB  . VAL A 1 180 ? -3.698  10.090  6.005   1.00 42.40  ? 180 VAL A CB  1 
ATOM   1383 C  CG1 . VAL A 1 180 ? -2.605  9.485   5.138   1.00 42.97  ? 180 VAL A CG1 1 
ATOM   1384 C  CG2 . VAL A 1 180 ? -3.940  9.172   7.189   1.00 40.36  ? 180 VAL A CG2 1 
ATOM   1385 N  N   . ALA A 1 181 ? -3.731  12.732  4.446   1.00 39.02  ? 181 ALA A N   1 
ATOM   1386 C  CA  . ALA A 1 181 ? -3.387  13.594  3.329   1.00 41.07  ? 181 ALA A CA  1 
ATOM   1387 C  C   . ALA A 1 181 ? -2.732  14.879  3.848   1.00 40.33  ? 181 ALA A C   1 
ATOM   1388 O  O   . ALA A 1 181 ? -1.765  15.345  3.278   1.00 40.24  ? 181 ALA A O   1 
ATOM   1389 C  CB  . ALA A 1 181 ? -4.616  13.896  2.471   1.00 42.84  ? 181 ALA A CB  1 
ATOM   1390 N  N   . LYS A 1 182 ? -3.225  15.398  4.970   1.00 44.72  ? 182 LYS A N   1 
ATOM   1391 C  CA  . LYS A 1 182 ? -2.655  16.587  5.597   1.00 47.44  ? 182 LYS A CA  1 
ATOM   1392 C  C   . LYS A 1 182 ? -1.243  16.316  6.133   1.00 51.39  ? 182 LYS A C   1 
ATOM   1393 O  O   . LYS A 1 182 ? -0.330  17.095  5.852   1.00 56.45  ? 182 LYS A O   1 
ATOM   1394 C  CB  . LYS A 1 182 ? -3.590  17.114  6.705   1.00 49.49  ? 182 LYS A CB  1 
ATOM   1395 C  CG  . LYS A 1 182 ? -3.116  18.381  7.411   1.00 51.83  ? 182 LYS A CG  1 
ATOM   1396 C  CD  . LYS A 1 182 ? -3.684  18.581  8.824   1.00 53.91  ? 182 LYS A CD  1 
ATOM   1397 C  CE  . LYS A 1 182 ? -5.134  18.999  8.794   1.00 59.01  ? 182 LYS A CE  1 
ATOM   1398 N  NZ  . LYS A 1 182 ? -5.624  19.309  10.163  1.00 65.80  ? 182 LYS A NZ  1 
ATOM   1399 N  N   . HIS A 1 183 ? -1.044  15.227  6.887   1.00 51.85  ? 183 HIS A N   1 
ATOM   1400 C  CA  . HIS A 1 183 ? 0.318   14.886  7.385   1.00 50.32  ? 183 HIS A CA  1 
ATOM   1401 C  C   . HIS A 1 183 ? 1.360   14.778  6.236   1.00 47.48  ? 183 HIS A C   1 
ATOM   1402 O  O   . HIS A 1 183 ? 2.485   15.242  6.367   1.00 47.65  ? 183 HIS A O   1 
ATOM   1403 C  CB  . HIS A 1 183 ? 0.291   13.591  8.212   1.00 53.89  ? 183 HIS A CB  1 
ATOM   1404 C  CG  . HIS A 1 183 ? 1.631   13.191  8.784   1.00 62.80  ? 183 HIS A CG  1 
ATOM   1405 N  ND1 . HIS A 1 183 ? 2.577   12.471  8.066   1.00 59.32  ? 183 HIS A ND1 1 
ATOM   1406 C  CD2 . HIS A 1 183 ? 2.172   13.396  10.015  1.00 67.00  ? 183 HIS A CD2 1 
ATOM   1407 C  CE1 . HIS A 1 183 ? 3.642   12.267  8.826   1.00 65.17  ? 183 HIS A CE1 1 
ATOM   1408 N  NE2 . HIS A 1 183 ? 3.422   12.814  10.014  1.00 66.28  ? 183 HIS A NE2 1 
ATOM   1409 N  N   . GLU A 1 184 ? 0.984   14.178  5.116   1.00 42.35  ? 184 GLU A N   1 
ATOM   1410 C  CA  . GLU A 1 184 ? 1.932   13.986  4.043   1.00 46.37  ? 184 GLU A CA  1 
ATOM   1411 C  C   . GLU A 1 184 ? 2.337   15.325  3.492   1.00 48.34  ? 184 GLU A C   1 
ATOM   1412 O  O   . GLU A 1 184 ? 3.532   15.616  3.418   1.00 49.55  ? 184 GLU A O   1 
ATOM   1413 C  CB  . GLU A 1 184 ? 1.373   13.103  2.930   1.00 46.87  ? 184 GLU A CB  1 
ATOM   1414 C  CG  . GLU A 1 184 ? 1.074   11.685  3.407   1.00 51.88  ? 184 GLU A CG  1 
ATOM   1415 C  CD  . GLU A 1 184 ? 0.478   10.787  2.329   1.00 48.69  ? 184 GLU A CD  1 
ATOM   1416 O  OE1 . GLU A 1 184 ? 0.515   11.158  1.156   1.00 47.50  ? 184 GLU A OE1 1 
ATOM   1417 O  OE2 . GLU A 1 184 ? -0.050  9.708   2.657   1.00 52.83  ? 184 GLU A OE2 1 
ATOM   1418 N  N   . LEU A 1 185 ? 1.340   16.149  3.141   1.00 50.67  ? 185 LEU A N   1 
ATOM   1419 C  CA  . LEU A 1 185 ? 1.582   17.538  2.686   1.00 49.26  ? 185 LEU A CA  1 
ATOM   1420 C  C   . LEU A 1 185 ? 2.538   18.296  3.615   1.00 42.11  ? 185 LEU A C   1 
ATOM   1421 O  O   . LEU A 1 185 ? 3.505   18.862  3.152   1.00 46.58  ? 185 LEU A O   1 
ATOM   1422 C  CB  . LEU A 1 185 ? 0.281   18.333  2.570   1.00 48.66  ? 185 LEU A CB  1 
ATOM   1423 C  CG  . LEU A 1 185 ? -0.751  17.963  1.502   1.00 50.03  ? 185 LEU A CG  1 
ATOM   1424 C  CD1 . LEU A 1 185 ? -1.948  18.900  1.608   1.00 51.75  ? 185 LEU A CD1 1 
ATOM   1425 C  CD2 . LEU A 1 185 ? -0.176  18.006  0.101   1.00 54.62  ? 185 LEU A CD2 1 
ATOM   1426 N  N   . LEU A 1 186 ? 2.277   18.272  4.914   1.00 39.56  ? 186 LEU A N   1 
ATOM   1427 C  CA  . LEU A 1 186 ? 3.108   18.998  5.879   1.00 42.93  ? 186 LEU A CA  1 
ATOM   1428 C  C   . LEU A 1 186 ? 4.474   18.374  6.079   1.00 45.90  ? 186 LEU A C   1 
ATOM   1429 O  O   . LEU A 1 186 ? 5.442   19.049  6.391   1.00 43.61  ? 186 LEU A O   1 
ATOM   1430 C  CB  . LEU A 1 186 ? 2.415   19.068  7.234   1.00 43.25  ? 186 LEU A CB  1 
ATOM   1431 C  CG  . LEU A 1 186 ? 1.055   19.768  7.275   1.00 46.36  ? 186 LEU A CG  1 
ATOM   1432 C  CD1 . LEU A 1 186 ? 0.818   20.468  8.622   1.00 48.87  ? 186 LEU A CD1 1 
ATOM   1433 C  CD2 . LEU A 1 186 ? 0.922   20.781  6.165   1.00 45.62  ? 186 LEU A CD2 1 
ATOM   1434 N  N   . ALA A 1 187 ? 4.532   17.066  5.935   1.00 50.48  ? 187 ALA A N   1 
ATOM   1435 C  CA  . ALA A 1 187 ? 5.784   16.354  6.005   1.00 49.55  ? 187 ALA A CA  1 
ATOM   1436 C  C   . ALA A 1 187 ? 6.575   16.514  4.703   1.00 46.73  ? 187 ALA A C   1 
ATOM   1437 O  O   . ALA A 1 187 ? 7.768   16.288  4.691   1.00 42.89  ? 187 ALA A O   1 
ATOM   1438 C  CB  . ALA A 1 187 ? 5.512   14.883  6.297   1.00 51.60  ? 187 ALA A CB  1 
ATOM   1439 N  N   . GLU A 1 188 ? 5.923   16.938  3.627   1.00 44.22  ? 188 GLU A N   1 
ATOM   1440 C  CA  . GLU A 1 188 ? 6.533   16.883  2.306   1.00 48.10  ? 188 GLU A CA  1 
ATOM   1441 C  C   . GLU A 1 188 ? 7.803   17.681  2.059   1.00 51.18  ? 188 GLU A C   1 
ATOM   1442 O  O   . GLU A 1 188 ? 8.564   17.317  1.153   1.00 54.04  ? 188 GLU A O   1 
ATOM   1443 C  CB  . GLU A 1 188 ? 5.544   17.340  1.237   1.00 49.68  ? 188 GLU A CB  1 
ATOM   1444 C  CG  . GLU A 1 188 ? 5.997   16.957  -0.168  1.00 50.41  ? 188 GLU A CG  1 
ATOM   1445 C  CD  . GLU A 1 188 ? 4.974   17.316  -1.230  1.00 62.04  ? 188 GLU A CD  1 
ATOM   1446 O  OE1 . GLU A 1 188 ? 3.754   17.036  -1.037  1.00 67.53  ? 188 GLU A OE1 1 
ATOM   1447 O  OE2 . GLU A 1 188 ? 5.390   17.891  -2.270  1.00 62.33  ? 188 GLU A OE2 1 
ATOM   1448 N  N   . ALA A 1 189 ? 8.017   18.781  2.779   1.00 50.32  ? 189 ALA A N   1 
ATOM   1449 C  CA  . ALA A 1 189 ? 9.130   19.688  2.418   1.00 49.98  ? 189 ALA A CA  1 
ATOM   1450 C  C   . ALA A 1 189 ? 10.405  19.143  2.981   1.00 49.05  ? 189 ALA A C   1 
ATOM   1451 O  O   . ALA A 1 189 ? 11.405  19.040  2.263   1.00 42.30  ? 189 ALA A O   1 
ATOM   1452 C  CB  . ALA A 1 189 ? 8.905   21.094  2.938   1.00 48.19  ? 189 ALA A CB  1 
ATOM   1453 N  N   . GLU A 1 190 ? 10.338  18.816  4.275   1.00 51.74  ? 190 GLU A N   1 
ATOM   1454 C  CA  . GLU A 1 190 ? 11.448  18.232  5.023   1.00 56.36  ? 190 GLU A CA  1 
ATOM   1455 C  C   . GLU A 1 190 ? 11.810  16.836  4.487   1.00 66.31  ? 190 GLU A C   1 
ATOM   1456 O  O   . GLU A 1 190 ? 12.998  16.457  4.476   1.00 64.55  ? 190 GLU A O   1 
ATOM   1457 C  CB  . GLU A 1 190 ? 11.116  18.157  6.521   1.00 57.30  ? 190 GLU A CB  1 
ATOM   1458 C  CG  . GLU A 1 190 ? 10.977  19.521  7.216   1.00 59.23  ? 190 GLU A CG  1 
ATOM   1459 C  CD  . GLU A 1 190 ? 10.427  19.417  8.643   1.00 65.46  ? 190 GLU A CD  1 
ATOM   1460 O  OE1 . GLU A 1 190 ? 9.607   18.505  8.916   1.00 73.63  ? 190 GLU A OE1 1 
ATOM   1461 O  OE2 . GLU A 1 190 ? 10.803  20.244  9.507   1.00 62.63  ? 190 GLU A OE2 1 
ATOM   1462 N  N   . ASN A 1 191 ? 10.796  16.075  4.050   1.00 65.00  ? 191 ASN A N   1 
ATOM   1463 C  CA  . ASN A 1 191 ? 11.027  14.765  3.438   1.00 61.60  ? 191 ASN A CA  1 
ATOM   1464 C  C   . ASN A 1 191 ? 11.734  14.935  2.121   1.00 63.38  ? 191 ASN A C   1 
ATOM   1465 O  O   . ASN A 1 191 ? 12.714  14.249  1.835   1.00 65.01  ? 191 ASN A O   1 
ATOM   1466 C  CB  . ASN A 1 191 ? 9.729   13.990  3.181   1.00 61.82  ? 191 ASN A CB  1 
ATOM   1467 C  CG  . ASN A 1 191 ? 9.219   13.259  4.410   1.00 63.64  ? 191 ASN A CG  1 
ATOM   1468 O  OD1 . ASN A 1 191 ? 9.933   13.091  5.398   1.00 65.34  ? 191 ASN A OD1 1 
ATOM   1469 N  ND2 . ASN A 1 191 ? 7.962   12.831  4.357   1.00 66.11  ? 191 ASN A ND2 1 
ATOM   1470 N  N   . LEU A 1 192 ? 11.233  15.854  1.318   1.00 66.00  ? 192 LEU A N   1 
ATOM   1471 C  CA  . LEU A 1 192 ? 11.736  16.017  -0.037  1.00 72.53  ? 192 LEU A CA  1 
ATOM   1472 C  C   . LEU A 1 192 ? 13.173  16.580  -0.094  1.00 71.57  ? 192 LEU A C   1 
ATOM   1473 O  O   . LEU A 1 192 ? 13.899  16.394  -1.073  1.00 73.45  ? 192 LEU A O   1 
ATOM   1474 C  CB  . LEU A 1 192 ? 10.772  16.896  -0.827  1.00 76.34  ? 192 LEU A CB  1 
ATOM   1475 C  CG  . LEU A 1 192 ? 10.876  16.791  -2.337  1.00 82.98  ? 192 LEU A CG  1 
ATOM   1476 C  CD1 . LEU A 1 192 ? 10.845  15.326  -2.744  1.00 86.85  ? 192 LEU A CD1 1 
ATOM   1477 C  CD2 . LEU A 1 192 ? 9.740   17.568  -2.996  1.00 84.60  ? 192 LEU A CD2 1 
ATOM   1478 N  N   . TYR A 1 193 ? 13.580  17.248  0.971   1.00 69.42  ? 193 TYR A N   1 
ATOM   1479 C  CA  . TYR A 1 193 ? 14.906  17.823  1.041   1.00 72.54  ? 193 TYR A CA  1 
ATOM   1480 C  C   . TYR A 1 193 ? 15.927  16.809  1.596   1.00 74.62  ? 193 TYR A C   1 
ATOM   1481 O  O   . TYR A 1 193 ? 17.029  16.687  1.054   1.00 76.29  ? 193 TYR A O   1 
ATOM   1482 C  CB  . TYR A 1 193 ? 14.863  19.105  1.891   1.00 69.32  ? 193 TYR A CB  1 
ATOM   1483 C  CG  . TYR A 1 193 ? 16.218  19.649  2.253   1.00 66.09  ? 193 TYR A CG  1 
ATOM   1484 C  CD1 . TYR A 1 193 ? 16.886  20.538  1.402   1.00 68.90  ? 193 TYR A CD1 1 
ATOM   1485 C  CD2 . TYR A 1 193 ? 16.837  19.274  3.438   1.00 64.39  ? 193 TYR A CD2 1 
ATOM   1486 C  CE1 . TYR A 1 193 ? 18.132  21.033  1.728   1.00 66.63  ? 193 TYR A CE1 1 
ATOM   1487 C  CE2 . TYR A 1 193 ? 18.085  19.762  3.764   1.00 68.95  ? 193 TYR A CE2 1 
ATOM   1488 C  CZ  . TYR A 1 193 ? 18.717  20.648  2.911   1.00 65.63  ? 193 TYR A CZ  1 
ATOM   1489 O  OH  . TYR A 1 193 ? 19.949  21.128  3.229   1.00 67.16  ? 193 TYR A OH  1 
ATOM   1490 N  N   . PHE A 1 194 ? 15.563  16.094  2.667   1.00 70.10  ? 194 PHE A N   1 
ATOM   1491 C  CA  . PHE A 1 194 ? 16.452  15.113  3.290   1.00 70.10  ? 194 PHE A CA  1 
ATOM   1492 C  C   . PHE A 1 194 ? 16.722  13.878  2.408   1.00 75.64  ? 194 PHE A C   1 
ATOM   1493 O  O   . PHE A 1 194 ? 17.421  12.955  2.833   1.00 76.96  ? 194 PHE A O   1 
ATOM   1494 C  CB  . PHE A 1 194 ? 15.904  14.658  4.650   1.00 70.19  ? 194 PHE A CB  1 
ATOM   1495 C  CG  . PHE A 1 194 ? 16.149  15.630  5.779   1.00 79.73  ? 194 PHE A CG  1 
ATOM   1496 C  CD1 . PHE A 1 194 ? 17.395  16.204  5.984   1.00 82.46  ? 194 PHE A CD1 1 
ATOM   1497 C  CD2 . PHE A 1 194 ? 15.136  15.934  6.681   1.00 91.04  ? 194 PHE A CD2 1 
ATOM   1498 C  CE1 . PHE A 1 194 ? 17.615  17.081  7.040   1.00 82.97  ? 194 PHE A CE1 1 
ATOM   1499 C  CE2 . PHE A 1 194 ? 15.353  16.813  7.738   1.00 92.57  ? 194 PHE A CE2 1 
ATOM   1500 C  CZ  . PHE A 1 194 ? 16.598  17.388  7.916   1.00 81.46  ? 194 PHE A CZ  1 
ATOM   1501 N  N   . GLN A 1 195 ? 16.177  13.853  1.192   1.00 77.97  ? 195 GLN A N   1 
ATOM   1502 C  CA  . GLN A 1 195 ? 16.528  12.825  0.200   1.00 81.36  ? 195 GLN A CA  1 
ATOM   1503 C  C   . GLN A 1 195 ? 17.368  13.320  -1.007  1.00 92.04  ? 195 GLN A C   1 
ATOM   1504 O  O   . GLN A 1 195 ? 17.918  12.509  -1.759  1.00 101.79 ? 195 GLN A O   1 
ATOM   1505 C  CB  . GLN A 1 195 ? 15.261  12.107  -0.284  1.00 81.86  ? 195 GLN A CB  1 
ATOM   1506 C  CG  . GLN A 1 195 ? 14.418  12.857  -1.310  1.00 79.57  ? 195 GLN A CG  1 
ATOM   1507 C  CD  . GLN A 1 195 ? 12.957  12.393  -1.333  1.00 77.07  ? 195 GLN A CD  1 
ATOM   1508 O  OE1 . GLN A 1 195 ? 12.412  11.968  -0.305  1.00 70.78  ? 195 GLN A OE1 1 
ATOM   1509 N  NE2 . GLN A 1 195 ? 12.314  12.488  -2.509  1.00 71.65  ? 195 GLN A NE2 1 
ATOM   1510 N  N   . GLY A 1 196 ? 17.470  14.635  -1.194  1.00 96.11  ? 196 GLY A N   1 
ATOM   1511 C  CA  . GLY A 1 196 ? 18.262  15.208  -2.287  1.00 89.17  ? 196 GLY A CA  1 
ATOM   1512 C  C   . GLY A 1 196 ? 19.650  15.579  -1.804  1.00 88.77  ? 196 GLY A C   1 
ATOM   1513 O  O   . GLY A 1 196 ? 19.862  15.798  -0.603  1.00 88.42  ? 196 GLY A O   1 
HETATM 1514 S  S   . SO4 B 2 .   ? 1.518   -10.395 -2.359  1.00 45.08  ? 301 SO4 A S   1 
HETATM 1515 O  O1  . SO4 B 2 .   ? 2.898   -9.955  -2.676  1.00 49.46  ? 301 SO4 A O1  1 
HETATM 1516 O  O2  . SO4 B 2 .   ? 0.665   -9.207  -2.386  1.00 47.53  ? 301 SO4 A O2  1 
HETATM 1517 O  O3  . SO4 B 2 .   ? 1.082   -11.345 -3.372  1.00 39.95  ? 301 SO4 A O3  1 
HETATM 1518 O  O4  . SO4 B 2 .   ? 1.564   -10.989 -1.026  1.00 48.01  ? 301 SO4 A O4  1 
HETATM 1519 O  O   . HOH C 3 .   ? 3.018   -10.147 1.214   1.00 26.46  ? 401 HOH A O   1 
HETATM 1520 O  O   . HOH C 3 .   ? -1.024  -9.953  3.385   1.00 52.62  ? 402 HOH A O   1 
HETATM 1521 O  O   . HOH C 3 .   ? -1.493  -4.398  -2.439  1.00 42.82  ? 403 HOH A O   1 
HETATM 1522 O  O   . HOH C 3 .   ? 1.152   -11.715 -10.208 1.00 46.07  ? 404 HOH A O   1 
HETATM 1523 O  O   . HOH C 3 .   ? 11.879  2.622   -15.043 1.00 43.28  ? 405 HOH A O   1 
HETATM 1524 O  O   . HOH C 3 .   ? -15.211 -7.849  -3.679  1.00 38.63  ? 406 HOH A O   1 
HETATM 1525 O  O   . HOH C 3 .   ? 5.493   -11.241 -4.618  1.00 48.76  ? 407 HOH A O   1 
HETATM 1526 O  O   . HOH C 3 .   ? -0.827  4.787   12.417  1.00 43.66  ? 408 HOH A O   1 
HETATM 1527 O  O   . HOH C 3 .   ? 7.315   -13.951 -8.114  1.00 50.95  ? 409 HOH A O   1 
HETATM 1528 O  O   . HOH C 3 .   ? -3.862  17.272  13.337  1.00 50.98  ? 410 HOH A O   1 
HETATM 1529 O  O   . HOH C 3 .   ? 14.537  -5.695  5.827   1.00 42.90  ? 411 HOH A O   1 
HETATM 1530 O  O   . HOH C 3 .   ? 4.861   -3.904  9.892   1.00 53.32  ? 412 HOH A O   1 
HETATM 1531 O  O   . HOH C 3 .   ? 15.537  6.687   2.184   1.00 44.29  ? 413 HOH A O   1 
HETATM 1532 O  O   . HOH C 3 .   ? 7.927   19.017  6.004   1.00 35.61  ? 414 HOH A O   1 
HETATM 1533 O  O   . HOH C 3 .   ? 5.259   -2.288  23.255  1.00 45.65  ? 415 HOH A O   1 
HETATM 1534 O  O   . HOH C 3 .   ? 18.634  -12.621 -4.128  1.00 45.16  ? 416 HOH A O   1 
HETATM 1535 O  O   . HOH C 3 .   ? 8.422   -3.161  -18.975 1.00 40.63  ? 417 HOH A O   1 
HETATM 1536 O  O   . HOH C 3 .   ? 8.011   -1.434  23.451  1.00 52.09  ? 418 HOH A O   1 
HETATM 1537 O  O   . HOH C 3 .   ? 18.046  -3.250  -11.110 1.00 51.27  ? 419 HOH A O   1 
HETATM 1538 O  O   . HOH C 3 .   ? 1.084   -5.435  -9.800  1.00 49.65  ? 420 HOH A O   1 
# 
